data_7Y82
#
_entry.id   7Y82
#
_cell.length_a   1.00
_cell.length_b   1.00
_cell.length_c   1.00
_cell.angle_alpha   90.00
_cell.angle_beta   90.00
_cell.angle_gamma   90.00
#
_symmetry.space_group_name_H-M   'P 1'
#
loop_
_entity.id
_entity.type
_entity.pdbx_description
1 polymer 'RAMP superfamily protein'
2 polymer crRNA
3 polymer 'Self RNA target'
4 non-polymer 'ZINC ION'
5 non-polymer 'MAGNESIUM ION'
#
loop_
_entity_poly.entity_id
_entity_poly.type
_entity_poly.pdbx_seq_one_letter_code
_entity_poly.pdbx_strand_id
1 'polypeptide(L)'
;MHHHHHHKSNDMNITVELTFFEPYRLVEWFDWDARKKSHSAMRGQAFAQWTWKGKGRTAGKSFITGTLVRSAVIKAVEEL
LSLNNGKWEGVPCCNGSFQTDESKGKKPSFLRKRHTLQWQANNKNICDKEEACPFCILLGRFDNAGKVHERNKDYDIHFS
NFDLDHKQEKNDLRLVDIASGRILNRVDFDTGKAKDYFRTWEADYETYGTYTGRITLRNEHAKKLLLASLGFVDKLCGAL
CRIEVIKKSESPLPSDTKEQSYTKDDTVEVLSEDHNDELRKQAEVIVEAFKQNDKLEKIRILADAIRTLRLHGEGVIEKD
ELPDGKEERDKGHHLWDIKVQGTALRTKLKELWQSNKDIGWRKFTEMLGSNLYLIYKKETGGVSTRFRILGDTEYYSKAH
DSEGSDLFIPVTPPEGIETKEWIIVGRLKAATPFYFGVQQPSDSIPGKEKKSEDSLVINEHTSFNILLDKENRYRIPRSA
LRGALRRDLRTAFGSGCNVSLGGQILCNCKVCIEMRRITLKDSVSDFSEPPEIRYRIAKNPGTATVEDGSLFDIEVGPEG
LTFPFVLRYRGHKFPEQLSSVIRYWEENDGKNGMAWLGGLDSTGKGRFALKDIKIFEWDLNQKINEYIKERGMRGKEKEL
LEMGESSLPDGLIPYKFFEERECLFPYKENLKPQWSEVQYTIEVGSPLLTADTISALTEPGNRDAIAYKKRVYNDGNNAI
EPEPRFAVKSETHRGIFRTAVGRRTGDLGKEDHEDCTCDMCIIFGNEHESSKIRFEDLELINGNEFEKLEKHIDHVAIDR
FTGGALDKAKFDTYPLAGSPKKPLKLKGRFWIKKGFSGDHKLLITTALSDIRDGLYPLGSKGGVGYGWVAGISIDDNVPD
DFKEMINKTEMPLPEEVEESNNGPINNDYVHPGHQSPKQDHKNKNIYYPHYFLDSGSKVYREKDIITHEEFTEELLSGKI
NCKLETLTPLIIPDTSDENGLKLQGNKPGHKNYKFFNINGELMIPGSELRGMLRTHFEALTKSCFAIFGEDSTLSWRMNA
DEKDYKIDSNSIRKMESQRNPKYRIPDELQKELRNSGNGLFNRLYTSERRFWSDVSNKFENSIDYKREILRCAGRPKNYK
GGIIRQRKDSLMAEELKVHRLPLYDNFDIPDSAYKANDHCRKSATCSTSRGCRERFTCGIKVRDKNRVFLNAANNNRQYL
NNIKKSNHDLYLQYLKGEKKIRFNSKVITGSERSPIDVIAELNERGRQTGFIKLSGLNNSNKSQGNTGTTFNSGWDRFEL
NILLDDLETRPSKSDYPRPRLLFTKDQYEYNITKRCERVFEIDKGNKTGYPVDDQIKKNYEDILDSYDGIKDQEVAERFD
TFTRGSKLKVGDLVYFHIDGDNKIDSLIPVRISRKCASKTLGGKLDKALHPCTGLSDGLCPGCHLFGTTDYKGRVKFGFA
KYENGPEWLITRGNNPERSLTLGVLESPRPAFSIPDDESEIPGRKFYLHHNGWRIIRQKQLEIRETVQPERNVTTEVMDK
GNVFSFDVRFENLREWELGLLLQSLDPGKNIAHKLGKGKPYGFGSVKIKIDSLHTFKINSNNDKIKRVPQSDIREYINKG
YQKLIEWSGNNSIQKGNVLPQWHVIPHIDKLYKLLWVPFLNDSKLEPDVRYPVLNEESKGYIEGSDYTYKKLGDKDNLPY
KTRVKGLTTPWSPWNPFQVIAEHEEQEVNVTGSRPSVTDKIERDGKMV
;
A
2 'polyribonucleotide'
;GUUAUGAAACAAGAGAAGGACUUAAUGUCACGGUACCCAAUUUUCUGCCCCGGACUCCACGGCUGUUACUAGAGGUUAUG
AAACAAGAGAAGGACUUAAUGUCACGGUAC
;
B
3 'polyribonucleotide' CUCUAGUAACAGCCGUGGAGUCCGGGGCAGAAAAUUGGGUACCGUGACAUUAAGUC C
#
# COMPACT_ATOMS: atom_id res chain seq x y z
N MET A 12 -26.66 17.85 57.12
CA MET A 12 -25.53 18.74 57.38
C MET A 12 -24.41 18.49 56.38
N ASN A 13 -23.58 17.49 56.66
CA ASN A 13 -22.46 17.12 55.80
C ASN A 13 -22.81 15.84 55.05
N ILE A 14 -22.63 15.86 53.73
CA ILE A 14 -22.88 14.71 52.90
C ILE A 14 -21.65 14.45 52.03
N THR A 15 -21.36 13.18 51.81
CA THR A 15 -20.33 12.77 50.87
C THR A 15 -21.00 12.33 49.58
N VAL A 16 -20.57 12.92 48.45
CA VAL A 16 -21.15 12.63 47.15
C VAL A 16 -20.01 12.28 46.21
N GLU A 17 -20.22 11.23 45.42
CA GLU A 17 -19.27 10.78 44.42
C GLU A 17 -19.83 11.10 43.04
N LEU A 18 -19.03 11.80 42.23
CA LEU A 18 -19.39 12.08 40.85
C LEU A 18 -18.63 11.11 39.96
N THR A 19 -19.37 10.35 39.16
CA THR A 19 -18.82 9.31 38.31
C THR A 19 -19.02 9.70 36.85
N PHE A 20 -17.94 9.67 36.08
CA PHE A 20 -17.97 9.99 34.67
C PHE A 20 -18.31 8.76 33.82
N PHE A 21 -18.74 9.02 32.59
CA PHE A 21 -19.02 7.97 31.63
C PHE A 21 -18.44 8.28 30.26
N GLU A 22 -17.68 9.37 30.16
CA GLU A 22 -16.93 9.76 28.97
C GLU A 22 -15.52 10.09 29.44
N PRO A 23 -14.54 10.05 28.56
CA PRO A 23 -13.22 10.57 28.93
C PRO A 23 -13.32 12.05 29.24
N TYR A 24 -13.20 12.41 30.51
CA TYR A 24 -13.43 13.80 30.90
C TYR A 24 -12.18 14.63 30.63
N ARG A 25 -12.36 15.94 30.58
CA ARG A 25 -11.29 16.85 30.23
C ARG A 25 -10.51 17.25 31.48
N LEU A 26 -9.19 17.14 31.39
CA LEU A 26 -8.27 17.43 32.47
C LEU A 26 -7.29 18.50 32.01
N VAL A 27 -7.06 19.48 32.87
CA VAL A 27 -6.11 20.56 32.58
C VAL A 27 -5.23 20.73 33.81
N GLU A 28 -4.02 21.26 33.57
CA GLU A 28 -3.10 21.49 34.67
C GLU A 28 -3.63 22.59 35.58
N TRP A 29 -3.68 22.31 36.87
CA TRP A 29 -4.17 23.30 37.83
C TRP A 29 -3.19 24.45 37.99
N PHE A 30 -3.72 25.66 38.01
CA PHE A 30 -2.95 26.87 38.29
C PHE A 30 -3.76 27.76 39.21
N ASP A 31 -3.06 28.57 40.00
CA ASP A 31 -3.74 29.55 40.84
C ASP A 31 -4.48 30.55 39.96
N TRP A 32 -5.58 31.09 40.52
CA TRP A 32 -6.40 32.01 39.74
C TRP A 32 -5.59 33.19 39.20
N ASP A 33 -4.63 33.68 40.00
CA ASP A 33 -3.73 34.71 39.51
C ASP A 33 -2.79 34.15 38.44
N ALA A 34 -2.28 32.93 38.64
CA ALA A 34 -1.37 32.31 37.69
C ALA A 34 -2.08 31.63 36.54
N ARG A 35 -3.40 31.45 36.62
CA ARG A 35 -4.12 30.73 35.58
C ARG A 35 -4.16 31.52 34.26
N LYS A 36 -4.27 32.85 34.34
CA LYS A 36 -4.36 33.66 33.13
C LYS A 36 -3.09 33.62 32.30
N LYS A 37 -1.97 33.20 32.89
CA LYS A 37 -0.71 33.12 32.13
C LYS A 37 -0.80 32.09 31.03
N SER A 38 -1.41 30.94 31.30
CA SER A 38 -1.51 29.85 30.34
C SER A 38 -2.91 29.82 29.75
N HIS A 39 -2.99 29.73 28.42
CA HIS A 39 -4.29 29.71 27.75
C HIS A 39 -5.00 28.37 27.94
N SER A 40 -4.25 27.29 28.16
CA SER A 40 -4.86 25.99 28.38
C SER A 40 -5.71 26.00 29.65
N ALA A 41 -5.19 26.61 30.72
CA ALA A 41 -5.94 26.69 31.97
C ALA A 41 -7.12 27.63 31.85
N MET A 42 -6.98 28.68 31.04
CA MET A 42 -8.13 29.55 30.77
C MET A 42 -9.24 28.78 30.08
N ARG A 43 -8.88 27.93 29.10
CA ARG A 43 -9.86 27.05 28.47
C ARG A 43 -10.42 26.03 29.46
N GLY A 44 -9.55 25.49 30.31
CA GLY A 44 -9.93 24.41 31.19
C GLY A 44 -10.39 24.82 32.58
N GLN A 45 -11.05 25.98 32.69
CA GLN A 45 -11.63 26.38 33.97
C GLN A 45 -12.74 25.43 34.39
N ALA A 46 -13.51 24.94 33.43
CA ALA A 46 -14.61 24.01 33.69
C ALA A 46 -14.18 22.55 33.60
N PHE A 47 -12.88 22.28 33.57
CA PHE A 47 -12.36 20.93 33.49
C PHE A 47 -11.98 20.43 34.88
N ALA A 48 -11.54 19.17 34.93
CA ALA A 48 -10.85 18.67 36.12
C ALA A 48 -9.44 19.24 36.16
N GLN A 49 -8.92 19.43 37.37
CA GLN A 49 -7.65 20.09 37.57
C GLN A 49 -6.62 19.10 38.10
N TRP A 50 -5.43 19.13 37.52
CA TRP A 50 -4.35 18.21 37.84
C TRP A 50 -3.19 19.00 38.44
N THR A 51 -2.78 18.65 39.65
CA THR A 51 -1.69 19.34 40.33
C THR A 51 -0.60 18.33 40.65
N TRP A 52 0.63 18.67 40.29
CA TRP A 52 1.76 17.76 40.45
C TRP A 52 2.19 17.67 41.91
N LYS A 53 2.95 16.62 42.21
CA LYS A 53 3.63 16.48 43.49
C LYS A 53 5.11 16.22 43.24
N GLY A 54 5.95 16.84 44.06
CA GLY A 54 7.38 16.69 43.86
C GLY A 54 7.85 17.48 42.64
N LYS A 55 8.89 16.95 42.00
CA LYS A 55 9.50 17.59 40.84
C LYS A 55 9.52 16.62 39.66
N GLY A 56 9.81 17.17 38.49
CA GLY A 56 9.89 16.39 37.27
C GLY A 56 8.61 16.29 36.48
N ARG A 57 7.49 16.78 37.02
CA ARG A 57 6.20 16.76 36.34
C ARG A 57 5.82 15.35 35.89
N THR A 58 5.89 14.42 36.84
CA THR A 58 5.54 13.03 36.57
C THR A 58 4.42 12.50 37.45
N ALA A 59 4.39 12.89 38.72
CA ALA A 59 3.39 12.40 39.66
C ALA A 59 2.53 13.57 40.15
N GLY A 60 1.27 13.28 40.43
CA GLY A 60 0.36 14.30 40.89
C GLY A 60 -0.99 13.71 41.20
N LYS A 61 -1.92 14.60 41.53
CA LYS A 61 -3.30 14.23 41.85
C LYS A 61 -4.26 15.07 41.04
N SER A 62 -5.35 14.44 40.63
CA SER A 62 -6.44 15.11 39.92
C SER A 62 -7.61 15.34 40.87
N PHE A 63 -8.36 16.41 40.61
CA PHE A 63 -9.48 16.76 41.47
C PHE A 63 -10.45 17.62 40.65
N ILE A 64 -11.58 17.91 41.26
CA ILE A 64 -12.57 18.82 40.68
C ILE A 64 -12.87 19.88 41.71
N THR A 65 -12.59 21.14 41.35
CA THR A 65 -12.83 22.24 42.28
C THR A 65 -14.29 22.30 42.67
N GLY A 66 -14.54 22.56 43.95
CA GLY A 66 -15.89 22.71 44.43
C GLY A 66 -16.63 23.88 43.81
N THR A 67 -15.90 24.87 43.29
CA THR A 67 -16.54 25.95 42.54
C THR A 67 -17.18 25.43 41.26
N LEU A 68 -16.51 24.50 40.58
CA LEU A 68 -17.08 23.94 39.35
C LEU A 68 -18.30 23.10 39.63
N VAL A 69 -18.25 22.25 40.66
CA VAL A 69 -19.42 21.45 41.03
C VAL A 69 -20.54 22.36 41.52
N ARG A 70 -20.18 23.45 42.21
CA ARG A 70 -21.17 24.43 42.61
C ARG A 70 -21.84 25.07 41.40
N SER A 71 -21.06 25.40 40.38
CA SER A 71 -21.62 25.99 39.16
C SER A 71 -22.56 25.00 38.48
N ALA A 72 -22.17 23.73 38.42
CA ALA A 72 -23.05 22.71 37.84
C ALA A 72 -24.33 22.58 38.65
N VAL A 73 -24.22 22.60 39.98
CA VAL A 73 -25.39 22.51 40.85
C VAL A 73 -26.30 23.72 40.65
N ILE A 74 -25.71 24.90 40.51
CA ILE A 74 -26.50 26.12 40.32
C ILE A 74 -27.22 26.09 38.99
N LYS A 75 -26.55 25.63 37.94
CA LYS A 75 -27.21 25.50 36.64
C LYS A 75 -28.36 24.49 36.72
N ALA A 76 -28.13 23.37 37.38
CA ALA A 76 -29.19 22.37 37.55
C ALA A 76 -30.36 22.94 38.34
N VAL A 77 -30.08 23.72 39.38
CA VAL A 77 -31.13 24.32 40.19
C VAL A 77 -31.92 25.34 39.39
N GLU A 78 -31.23 26.16 38.60
CA GLU A 78 -31.92 27.12 37.74
C GLU A 78 -32.85 26.40 36.78
N GLU A 79 -32.36 25.33 36.15
CA GLU A 79 -33.19 24.57 35.23
C GLU A 79 -34.39 23.96 35.95
N LEU A 80 -34.16 23.34 37.10
CA LEU A 80 -35.23 22.69 37.85
C LEU A 80 -36.30 23.69 38.25
N LEU A 81 -35.90 24.86 38.75
CA LEU A 81 -36.86 25.87 39.15
C LEU A 81 -37.58 26.47 37.96
N SER A 82 -36.91 26.57 36.81
CA SER A 82 -37.58 27.09 35.62
C SER A 82 -38.66 26.13 35.13
N LEU A 83 -38.38 24.83 35.13
CA LEU A 83 -39.40 23.86 34.71
C LEU A 83 -40.56 23.84 35.70
N ASN A 84 -40.28 24.07 36.99
CA ASN A 84 -41.31 24.16 38.01
C ASN A 84 -41.73 25.60 38.30
N ASN A 85 -41.32 26.55 37.46
CA ASN A 85 -41.70 27.95 37.58
C ASN A 85 -41.29 28.53 38.94
N GLY A 86 -40.10 28.13 39.41
CA GLY A 86 -39.51 28.72 40.60
C GLY A 86 -39.98 28.14 41.91
N LYS A 87 -40.92 27.19 41.90
CA LYS A 87 -41.41 26.55 43.11
C LYS A 87 -41.08 25.07 43.06
N TRP A 88 -40.18 24.62 43.93
CA TRP A 88 -39.78 23.22 43.99
C TRP A 88 -40.23 22.62 45.31
N GLU A 89 -40.95 21.50 45.23
CA GLU A 89 -41.50 20.80 46.39
C GLU A 89 -42.43 21.70 47.21
N GLY A 90 -43.10 22.63 46.54
CA GLY A 90 -44.11 23.46 47.18
C GLY A 90 -43.61 24.70 47.86
N VAL A 91 -42.29 24.89 47.97
CA VAL A 91 -41.71 26.08 48.58
C VAL A 91 -41.17 26.96 47.45
N PRO A 92 -41.68 28.18 47.28
CA PRO A 92 -41.22 29.02 46.16
C PRO A 92 -39.80 29.50 46.36
N CYS A 93 -39.14 29.76 45.23
CA CYS A 93 -37.80 30.32 45.21
C CYS A 93 -37.80 31.58 44.35
N CYS A 94 -37.08 32.59 44.80
CA CYS A 94 -36.99 33.83 44.03
C CYS A 94 -36.05 33.64 42.84
N ASN A 95 -35.97 34.68 42.00
CA ASN A 95 -35.11 34.62 40.83
C ASN A 95 -33.63 34.52 41.20
N GLY A 96 -33.26 34.90 42.41
CA GLY A 96 -31.87 34.85 42.82
C GLY A 96 -31.03 35.95 42.21
N SER A 97 -29.91 36.28 42.83
CA SER A 97 -29.04 37.35 42.38
C SER A 97 -27.79 36.74 41.74
N PHE A 98 -27.41 37.29 40.58
CA PHE A 98 -26.23 36.83 39.86
C PHE A 98 -25.40 38.01 39.36
N GLN A 99 -25.42 39.13 40.08
CA GLN A 99 -24.65 40.30 39.72
C GLN A 99 -23.92 40.81 40.96
N THR A 100 -22.60 40.91 40.88
CA THR A 100 -21.78 41.45 41.96
C THR A 100 -21.10 42.71 41.45
N ASP A 101 -21.50 43.86 41.96
CA ASP A 101 -20.88 45.11 41.58
C ASP A 101 -19.45 45.17 42.08
N GLU A 102 -18.54 45.68 41.24
CA GLU A 102 -17.14 45.75 41.62
C GLU A 102 -16.92 46.65 42.83
N SER A 103 -17.63 47.79 42.88
CA SER A 103 -17.49 48.70 44.01
C SER A 103 -17.97 48.05 45.30
N LYS A 104 -19.11 47.35 45.25
CA LYS A 104 -19.65 46.73 46.46
C LYS A 104 -18.77 45.59 46.95
N GLY A 105 -18.26 44.77 46.03
CA GLY A 105 -17.41 43.65 46.41
C GLY A 105 -16.63 43.13 45.23
N LYS A 106 -15.73 42.20 45.52
CA LYS A 106 -14.92 41.59 44.47
C LYS A 106 -15.79 40.74 43.56
N LYS A 107 -15.52 40.82 42.25
CA LYS A 107 -16.21 39.98 41.30
C LYS A 107 -15.82 38.52 41.52
N PRO A 108 -16.74 37.58 41.27
CA PRO A 108 -16.39 36.17 41.39
C PRO A 108 -15.33 35.78 40.37
N SER A 109 -14.54 34.77 40.74
CA SER A 109 -13.45 34.31 39.88
C SER A 109 -13.95 33.84 38.52
N PHE A 110 -15.23 33.46 38.41
CA PHE A 110 -15.83 33.03 37.16
C PHE A 110 -17.05 33.90 36.91
N LEU A 111 -17.08 34.55 35.74
CA LEU A 111 -18.16 35.45 35.37
C LEU A 111 -19.04 34.77 34.33
N ARG A 112 -20.35 34.75 34.59
CA ARG A 112 -21.27 34.06 33.71
C ARG A 112 -21.50 34.85 32.43
N LYS A 113 -21.24 34.21 31.30
CA LYS A 113 -21.46 34.81 29.98
C LYS A 113 -22.75 34.33 29.34
N ARG A 114 -23.50 33.45 29.99
CA ARG A 114 -24.67 32.82 29.39
C ARG A 114 -25.95 33.40 29.95
N HIS A 115 -27.07 33.00 29.35
CA HIS A 115 -28.37 33.48 29.77
C HIS A 115 -28.80 32.79 31.05
N THR A 116 -29.10 33.58 32.08
CA THR A 116 -29.63 33.03 33.31
C THR A 116 -31.10 32.68 33.09
N LEU A 117 -31.44 31.42 33.31
CA LEU A 117 -32.78 30.91 32.99
C LEU A 117 -33.70 31.23 34.16
N GLN A 118 -34.40 32.36 34.08
CA GLN A 118 -35.18 32.89 35.19
C GLN A 118 -36.64 32.51 35.06
N TRP A 119 -37.43 32.96 36.04
CA TRP A 119 -38.87 32.70 36.09
C TRP A 119 -39.54 33.95 36.66
N GLN A 120 -40.80 33.80 37.06
CA GLN A 120 -41.53 34.87 37.74
C GLN A 120 -41.40 34.68 39.24
N ALA A 121 -40.83 35.69 39.91
CA ALA A 121 -40.56 35.60 41.34
C ALA A 121 -41.86 35.65 42.12
N ASN A 122 -42.20 34.54 42.79
CA ASN A 122 -43.40 34.45 43.60
C ASN A 122 -43.08 34.45 45.09
N ASN A 123 -41.88 34.90 45.47
CA ASN A 123 -41.48 34.91 46.87
C ASN A 123 -42.38 35.85 47.67
N LYS A 124 -42.85 35.37 48.83
CA LYS A 124 -43.73 36.18 49.67
C LYS A 124 -42.99 37.40 50.22
N ASN A 125 -41.75 37.22 50.64
CA ASN A 125 -40.95 38.29 51.21
C ASN A 125 -39.57 38.30 50.57
N ILE A 126 -38.95 39.49 50.58
CA ILE A 126 -37.62 39.64 49.99
C ILE A 126 -36.61 38.86 50.82
N CYS A 127 -35.79 38.05 50.15
CA CYS A 127 -34.81 37.24 50.84
C CYS A 127 -33.74 38.10 51.49
N ASP A 128 -33.28 37.69 52.66
CA ASP A 128 -32.26 38.41 53.40
C ASP A 128 -31.46 37.41 54.21
N LYS A 129 -30.60 37.92 55.10
CA LYS A 129 -29.77 37.04 55.93
C LYS A 129 -30.63 36.19 56.86
N GLU A 130 -31.70 36.76 57.41
CA GLU A 130 -32.54 36.02 58.34
C GLU A 130 -33.34 34.94 57.63
N GLU A 131 -33.97 35.29 56.50
CA GLU A 131 -34.82 34.36 55.76
C GLU A 131 -34.45 34.42 54.29
N ALA A 132 -34.30 33.25 53.67
CA ALA A 132 -33.97 33.18 52.25
C ALA A 132 -34.62 31.94 51.66
N CYS A 133 -34.92 32.01 50.36
CA CYS A 133 -35.46 30.87 49.64
C CYS A 133 -34.36 29.84 49.39
N PRO A 134 -34.72 28.59 49.11
CA PRO A 134 -33.68 27.56 48.87
C PRO A 134 -32.70 27.93 47.77
N PHE A 135 -33.14 28.68 46.75
CA PHE A 135 -32.22 29.13 45.72
C PHE A 135 -31.12 30.01 46.31
N CYS A 136 -31.49 30.93 47.21
CA CYS A 136 -30.50 31.78 47.85
C CYS A 136 -29.59 30.98 48.78
N ILE A 137 -30.12 29.97 49.45
CA ILE A 137 -29.30 29.14 50.33
C ILE A 137 -28.25 28.39 49.53
N LEU A 138 -28.66 27.78 48.42
CA LEU A 138 -27.70 27.07 47.57
C LEU A 138 -26.72 28.05 46.92
N LEU A 139 -27.18 29.25 46.59
CA LEU A 139 -26.26 30.27 46.08
C LEU A 139 -25.31 30.77 47.14
N GLY A 140 -25.68 30.64 48.41
CA GLY A 140 -24.84 31.15 49.49
C GLY A 140 -24.71 32.65 49.50
N ARG A 141 -25.80 33.37 49.20
CA ARG A 141 -25.75 34.82 49.15
C ARG A 141 -25.51 35.43 50.52
N PHE A 142 -26.18 34.90 51.54
CA PHE A 142 -26.28 35.57 52.83
C PHE A 142 -25.48 34.88 53.93
N ASP A 143 -24.71 33.85 53.61
CA ASP A 143 -23.86 33.25 54.62
C ASP A 143 -22.61 34.11 54.84
N ASN A 144 -21.88 33.79 55.91
CA ASN A 144 -20.70 34.57 56.25
C ASN A 144 -19.60 34.45 55.19
N ALA A 145 -19.59 33.37 54.43
CA ALA A 145 -18.58 33.18 53.39
C ALA A 145 -18.82 34.13 52.23
N GLY A 146 -17.74 34.63 51.64
CA GLY A 146 -17.79 35.53 50.52
C GLY A 146 -16.83 35.12 49.43
N LYS A 147 -16.39 36.11 48.65
CA LYS A 147 -15.49 35.84 47.54
C LYS A 147 -14.16 35.28 48.02
N VAL A 148 -13.65 35.81 49.13
CA VAL A 148 -12.42 35.31 49.74
C VAL A 148 -12.79 34.28 50.81
N HIS A 149 -11.94 33.28 50.98
CA HIS A 149 -12.22 32.15 51.85
C HIS A 149 -11.51 32.32 53.18
N GLU A 150 -12.24 32.12 54.27
CA GLU A 150 -11.67 32.18 55.62
C GLU A 150 -11.72 30.83 56.32
N ARG A 151 -12.90 30.23 56.43
CA ARG A 151 -13.06 28.97 57.14
C ARG A 151 -14.27 28.23 56.58
N ASN A 152 -14.31 26.92 56.86
CA ASN A 152 -15.35 26.06 56.30
C ASN A 152 -16.65 26.09 57.09
N LYS A 153 -16.68 26.74 58.26
CA LYS A 153 -17.91 26.87 59.02
C LYS A 153 -18.67 28.15 58.71
N ASP A 154 -18.14 29.00 57.82
CA ASP A 154 -18.82 30.20 57.38
C ASP A 154 -19.71 29.97 56.17
N TYR A 155 -19.82 28.73 55.71
CA TYR A 155 -20.56 28.39 54.49
C TYR A 155 -21.87 27.72 54.85
N ASP A 156 -22.99 28.37 54.51
CA ASP A 156 -24.27 27.66 54.54
C ASP A 156 -24.29 26.54 53.51
N ILE A 157 -23.76 26.80 52.31
CA ILE A 157 -23.45 25.78 51.33
C ILE A 157 -21.93 25.77 51.12
N HIS A 158 -21.34 24.58 51.17
CA HIS A 158 -19.91 24.44 50.90
C HIS A 158 -19.68 23.22 50.05
N PHE A 159 -19.04 23.40 48.91
CA PHE A 159 -18.64 22.32 48.03
C PHE A 159 -17.14 22.11 48.19
N SER A 160 -16.75 21.03 48.85
CA SER A 160 -15.34 20.72 48.97
C SER A 160 -14.80 20.20 47.65
N ASN A 161 -13.48 20.19 47.54
CA ASN A 161 -12.83 19.69 46.34
C ASN A 161 -13.07 18.20 46.18
N PHE A 162 -13.31 17.78 44.94
CA PHE A 162 -13.65 16.40 44.64
C PHE A 162 -12.36 15.67 44.26
N ASP A 163 -11.84 14.89 45.20
CA ASP A 163 -10.56 14.22 45.00
C ASP A 163 -10.77 12.85 44.37
N LEU A 164 -9.90 12.51 43.43
CA LEU A 164 -9.97 11.22 42.75
C LEU A 164 -9.66 10.10 43.74
N ASP A 165 -10.48 9.05 43.70
CA ASP A 165 -10.28 7.87 44.53
C ASP A 165 -9.86 6.69 43.66
N HIS A 166 -8.83 5.99 44.10
CA HIS A 166 -8.27 4.88 43.34
C HIS A 166 -7.33 4.04 44.21
N ASP A 172 2.88 9.26 43.18
CA ASP A 172 2.04 8.07 43.09
C ASP A 172 1.35 7.98 41.73
N LEU A 173 0.23 8.67 41.59
CA LEU A 173 -0.50 8.67 40.33
C LEU A 173 0.28 9.42 39.26
N ARG A 174 0.32 8.85 38.07
CA ARG A 174 1.07 9.39 36.94
C ARG A 174 0.12 9.98 35.93
N LEU A 175 0.49 11.15 35.38
CA LEU A 175 -0.41 11.84 34.46
C LEU A 175 -0.63 11.03 33.18
N VAL A 176 0.42 10.40 32.66
CA VAL A 176 0.28 9.64 31.42
C VAL A 176 -0.64 8.45 31.63
N ASP A 177 -0.70 7.93 32.86
CA ASP A 177 -1.55 6.77 33.13
C ASP A 177 -3.02 7.19 33.16
N ILE A 178 -3.32 8.34 33.77
CA ILE A 178 -4.72 8.75 33.94
C ILE A 178 -5.27 9.41 32.68
N ALA A 179 -4.50 10.32 32.09
CA ALA A 179 -4.98 11.13 30.98
C ALA A 179 -4.14 10.90 29.73
N SER A 180 -4.73 11.27 28.59
CA SER A 180 -4.05 11.20 27.31
C SER A 180 -4.28 12.50 26.57
N GLY A 181 -3.19 13.18 26.21
CA GLY A 181 -3.30 14.46 25.53
C GLY A 181 -3.68 14.28 24.07
N ARG A 182 -4.69 15.03 23.64
CA ARG A 182 -5.18 14.94 22.27
C ARG A 182 -5.40 16.32 21.70
N ILE A 183 -4.93 16.54 20.48
CA ILE A 183 -5.20 17.79 19.77
C ILE A 183 -6.63 17.75 19.26
N LEU A 184 -7.45 18.71 19.70
CA LEU A 184 -8.79 18.85 19.19
C LEU A 184 -8.77 19.80 18.00
N ASN A 185 -9.94 20.22 17.51
CA ASN A 185 -9.95 20.88 16.22
C ASN A 185 -11.20 21.73 16.05
N ARG A 186 -11.03 22.85 15.35
CA ARG A 186 -12.13 23.66 14.84
C ARG A 186 -12.01 23.68 13.32
N VAL A 187 -13.06 23.25 12.64
CA VAL A 187 -13.05 23.09 11.19
C VAL A 187 -13.92 24.17 10.56
N ASP A 188 -13.38 24.86 9.56
CA ASP A 188 -14.15 25.84 8.82
C ASP A 188 -15.26 25.15 8.03
N PHE A 189 -16.46 25.74 8.07
CA PHE A 189 -17.60 25.13 7.41
C PHE A 189 -17.50 25.28 5.89
N ASP A 190 -17.06 26.45 5.41
CA ASP A 190 -17.06 26.71 3.98
C ASP A 190 -15.97 25.92 3.27
N THR A 191 -14.77 25.88 3.85
CA THR A 191 -13.64 25.24 3.19
C THR A 191 -13.35 23.83 3.68
N GLY A 192 -13.95 23.41 4.79
CA GLY A 192 -13.74 22.07 5.30
C GLY A 192 -12.40 21.83 5.96
N LYS A 193 -11.52 22.81 5.99
CA LYS A 193 -10.20 22.69 6.57
C LYS A 193 -10.16 23.41 7.91
N ALA A 194 -9.39 22.85 8.84
CA ALA A 194 -9.32 23.38 10.19
C ALA A 194 -8.79 24.81 10.19
N LYS A 195 -9.50 25.68 10.93
CA LYS A 195 -8.97 27.02 11.19
C LYS A 195 -7.87 26.99 12.23
N ASP A 196 -8.03 26.18 13.27
CA ASP A 196 -7.06 26.09 14.34
C ASP A 196 -7.32 24.82 15.14
N TYR A 197 -6.41 24.54 16.07
CA TYR A 197 -6.50 23.35 16.90
C TYR A 197 -6.08 23.69 18.31
N PHE A 198 -6.41 22.81 19.26
CA PHE A 198 -6.02 23.01 20.64
C PHE A 198 -5.86 21.65 21.32
N ARG A 199 -5.05 21.64 22.37
CA ARG A 199 -4.68 20.42 23.08
C ARG A 199 -5.53 20.27 24.34
N THR A 200 -6.03 19.06 24.58
CA THR A 200 -6.72 18.73 25.81
C THR A 200 -6.29 17.34 26.26
N TRP A 201 -6.35 17.12 27.57
CA TRP A 201 -6.13 15.81 28.16
C TRP A 201 -7.48 15.15 28.42
N GLU A 202 -7.63 13.92 27.96
CA GLU A 202 -8.85 13.16 28.18
C GLU A 202 -8.52 12.03 29.15
N ALA A 203 -8.93 12.18 30.40
CA ALA A 203 -8.62 11.21 31.43
C ALA A 203 -9.52 10.00 31.33
N ASP A 204 -9.06 8.89 31.91
CA ASP A 204 -9.76 7.61 31.82
C ASP A 204 -10.92 7.59 32.80
N TYR A 205 -12.14 7.56 32.28
CA TYR A 205 -13.32 7.44 33.15
C TYR A 205 -13.48 6.02 33.67
N GLU A 206 -12.98 5.03 32.93
CA GLU A 206 -13.15 3.64 33.34
C GLU A 206 -12.42 3.36 34.64
N THR A 207 -11.21 3.91 34.79
CA THR A 207 -10.41 3.68 35.99
C THR A 207 -10.37 4.87 36.94
N TYR A 208 -10.44 6.09 36.42
CA TYR A 208 -10.31 7.30 37.23
C TYR A 208 -11.48 8.24 36.97
N GLY A 209 -12.69 7.70 36.90
CA GLY A 209 -13.87 8.49 36.67
C GLY A 209 -14.68 8.84 37.91
N THR A 210 -14.28 8.36 39.08
CA THR A 210 -15.00 8.60 40.32
C THR A 210 -14.24 9.63 41.15
N TYR A 211 -14.90 10.73 41.47
CA TYR A 211 -14.33 11.78 42.30
C TYR A 211 -15.24 11.98 43.50
N THR A 212 -14.68 11.80 44.70
CA THR A 212 -15.45 11.87 45.93
C THR A 212 -15.24 13.22 46.60
N GLY A 213 -16.33 13.93 46.88
CA GLY A 213 -16.27 15.21 47.54
C GLY A 213 -17.28 15.30 48.67
N ARG A 214 -17.20 16.40 49.41
CA ARG A 214 -18.06 16.66 50.55
C ARG A 214 -18.81 17.96 50.32
N ILE A 215 -20.12 17.94 50.52
CA ILE A 215 -20.96 19.13 50.47
C ILE A 215 -21.58 19.31 51.84
N THR A 216 -21.36 20.45 52.46
CA THR A 216 -21.95 20.74 53.75
C THR A 216 -23.06 21.77 53.60
N LEU A 217 -24.10 21.59 54.42
CA LEU A 217 -25.34 22.38 54.36
C LEU A 217 -25.78 22.71 55.79
N ARG A 218 -25.44 23.92 56.24
CA ARG A 218 -25.89 24.35 57.56
C ARG A 218 -27.40 24.56 57.59
N ASN A 219 -27.98 25.04 56.49
CA ASN A 219 -29.42 25.31 56.40
C ASN A 219 -30.08 24.13 55.70
N GLU A 220 -30.74 23.28 56.48
CA GLU A 220 -31.39 22.08 55.96
C GLU A 220 -32.55 22.41 55.01
N HIS A 221 -33.05 23.64 55.05
CA HIS A 221 -34.29 23.97 54.34
C HIS A 221 -34.14 23.74 52.84
N ALA A 222 -32.98 24.10 52.28
CA ALA A 222 -32.75 23.93 50.85
C ALA A 222 -32.31 22.53 50.47
N LYS A 223 -32.14 21.64 51.45
CA LYS A 223 -31.59 20.31 51.20
C LYS A 223 -32.34 19.58 50.10
N LYS A 224 -33.68 19.55 50.18
CA LYS A 224 -34.47 18.83 49.19
C LYS A 224 -34.19 19.31 47.79
N LEU A 225 -33.88 20.60 47.61
CA LEU A 225 -33.51 21.10 46.30
C LEU A 225 -32.12 20.64 45.91
N LEU A 226 -31.15 20.75 46.82
CA LEU A 226 -29.75 20.54 46.47
C LEU A 226 -29.53 19.12 45.97
N LEU A 227 -30.10 18.13 46.66
CA LEU A 227 -29.99 16.76 46.20
C LEU A 227 -30.49 16.62 44.77
N ALA A 228 -31.65 17.22 44.48
CA ALA A 228 -32.18 17.16 43.14
C ALA A 228 -31.24 17.78 42.12
N SER A 229 -30.50 18.82 42.54
CA SER A 229 -29.51 19.40 41.65
C SER A 229 -28.50 18.36 41.21
N LEU A 230 -28.03 17.54 42.15
CA LEU A 230 -27.10 16.48 41.82
C LEU A 230 -27.70 15.53 40.79
N GLY A 231 -29.01 15.37 40.80
CA GLY A 231 -29.66 14.57 39.77
C GLY A 231 -29.61 15.21 38.40
N PHE A 232 -29.80 16.53 38.35
CA PHE A 232 -29.93 17.22 37.07
C PHE A 232 -28.59 17.65 36.48
N VAL A 233 -27.49 17.52 37.21
CA VAL A 233 -26.17 17.79 36.66
C VAL A 233 -25.84 16.66 35.68
N ASP A 234 -25.92 16.93 34.39
CA ASP A 234 -25.76 15.90 33.38
C ASP A 234 -24.31 15.69 32.98
N LYS A 235 -23.58 16.78 32.76
CA LYS A 235 -22.21 16.69 32.30
C LYS A 235 -21.31 17.60 33.15
N LEU A 236 -20.04 17.22 33.23
CA LEU A 236 -19.05 17.99 33.96
C LEU A 236 -17.68 17.67 33.38
N CYS A 237 -16.86 18.70 33.20
CA CYS A 237 -15.51 18.57 32.66
C CYS A 237 -15.51 17.86 31.30
N GLY A 238 -16.54 18.11 30.48
CA GLY A 238 -16.61 17.54 29.16
C GLY A 238 -17.13 16.13 29.09
N ALA A 239 -17.58 15.56 30.20
CA ALA A 239 -18.05 14.18 30.24
C ALA A 239 -19.37 14.10 30.99
N LEU A 240 -20.27 13.26 30.49
CA LEU A 240 -21.51 12.98 31.22
C LEU A 240 -21.20 12.33 32.55
N CYS A 241 -21.82 12.83 33.61
CA CYS A 241 -21.52 12.38 34.96
C CYS A 241 -22.79 12.25 35.77
N ARG A 242 -22.74 11.36 36.77
CA ARG A 242 -23.81 11.19 37.74
C ARG A 242 -23.25 11.41 39.14
N ILE A 243 -24.00 12.12 39.97
CA ILE A 243 -23.58 12.40 41.35
C ILE A 243 -24.47 11.60 42.28
N GLU A 244 -23.85 10.70 43.04
CA GLU A 244 -24.57 9.82 43.95
C GLU A 244 -24.14 10.10 45.38
N VAL A 245 -25.06 9.94 46.32
CA VAL A 245 -24.82 10.23 47.73
C VAL A 245 -24.70 8.91 48.48
N ILE A 246 -23.63 8.74 49.23
CA ILE A 246 -23.43 7.54 50.04
C ILE A 246 -22.97 7.91 51.44
N ASP A 274 12.00 -2.25 31.66
CA ASP A 274 11.25 -1.81 30.49
C ASP A 274 11.39 -2.79 29.34
N HIS A 275 10.25 -3.31 28.88
CA HIS A 275 10.26 -4.22 27.74
C HIS A 275 10.61 -3.47 26.45
N ASN A 276 10.28 -2.19 26.38
CA ASN A 276 10.58 -1.41 25.19
C ASN A 276 12.09 -1.31 24.97
N ASP A 277 12.86 -1.17 26.04
CA ASP A 277 14.32 -1.10 25.89
C ASP A 277 14.88 -2.41 25.36
N GLU A 278 14.40 -3.55 25.87
CA GLU A 278 14.87 -4.84 25.37
C GLU A 278 14.47 -5.05 23.92
N LEU A 279 13.25 -4.67 23.55
CA LEU A 279 12.82 -4.78 22.17
C LEU A 279 13.65 -3.88 21.27
N ARG A 280 14.00 -2.68 21.75
CA ARG A 280 14.88 -1.79 20.99
C ARG A 280 16.24 -2.42 20.78
N LYS A 281 16.79 -3.06 21.82
CA LYS A 281 18.11 -3.67 21.70
C LYS A 281 18.06 -4.82 20.68
N GLN A 282 17.01 -5.65 20.75
CA GLN A 282 16.87 -6.74 19.80
C GLN A 282 16.68 -6.22 18.38
N ALA A 283 15.93 -5.13 18.22
CA ALA A 283 15.76 -4.53 16.91
C ALA A 283 17.05 -3.93 16.39
N GLU A 284 17.90 -3.41 17.30
CA GLU A 284 19.24 -3.01 16.91
C GLU A 284 20.03 -4.19 16.37
N VAL A 285 19.91 -5.34 17.04
CA VAL A 285 20.58 -6.55 16.58
C VAL A 285 20.09 -6.91 15.17
N ILE A 286 18.78 -6.87 14.97
CA ILE A 286 18.21 -7.23 13.67
C ILE A 286 18.66 -6.25 12.58
N VAL A 287 18.66 -4.96 12.89
CA VAL A 287 19.09 -3.96 11.92
C VAL A 287 20.56 -4.13 11.58
N GLU A 288 21.39 -4.44 12.58
CA GLU A 288 22.80 -4.69 12.31
C GLU A 288 23.00 -5.93 11.44
N ALA A 289 22.20 -6.98 11.69
CA ALA A 289 22.28 -8.17 10.86
C ALA A 289 21.88 -7.85 9.42
N PHE A 290 20.85 -7.03 9.23
CA PHE A 290 20.46 -6.61 7.89
C PHE A 290 21.57 -5.79 7.23
N LYS A 291 22.24 -4.93 8.03
CA LYS A 291 23.35 -4.16 7.50
C LYS A 291 24.49 -5.06 7.03
N GLN A 292 24.78 -6.12 7.80
CA GLN A 292 25.84 -7.04 7.41
C GLN A 292 25.52 -7.73 6.09
N ASN A 293 24.24 -7.90 5.78
CA ASN A 293 23.81 -8.45 4.50
C ASN A 293 23.61 -7.39 3.43
N ASP A 294 23.95 -6.13 3.72
CA ASP A 294 23.72 -5.01 2.82
C ASP A 294 22.25 -4.90 2.44
N LYS A 295 21.37 -5.16 3.41
CA LYS A 295 19.93 -5.12 3.22
C LYS A 295 19.29 -4.18 4.24
N LEU A 296 19.90 -3.02 4.45
CA LEU A 296 19.37 -2.06 5.41
C LEU A 296 17.99 -1.54 4.98
N GLU A 297 17.82 -1.30 3.69
CA GLU A 297 16.56 -0.74 3.19
C GLU A 297 15.39 -1.68 3.51
N LYS A 298 15.62 -2.99 3.43
CA LYS A 298 14.56 -3.95 3.74
C LYS A 298 14.08 -3.83 5.18
N ILE A 299 14.88 -3.22 6.06
CA ILE A 299 14.41 -2.97 7.43
C ILE A 299 13.17 -2.07 7.39
N ARG A 300 13.20 -1.05 6.54
CA ARG A 300 11.99 -0.23 6.36
C ARG A 300 10.83 -1.07 5.88
N ILE A 301 11.10 -2.09 5.06
CA ILE A 301 10.08 -3.08 4.74
C ILE A 301 9.71 -3.87 5.98
N LEU A 302 10.72 -4.37 6.70
CA LEU A 302 10.47 -5.23 7.85
C LEU A 302 9.69 -4.49 8.92
N ALA A 303 10.10 -3.26 9.24
CA ALA A 303 9.38 -2.46 10.23
C ALA A 303 7.92 -2.30 9.87
N ASP A 304 7.59 -2.33 8.57
CA ASP A 304 6.19 -2.32 8.19
C ASP A 304 5.58 -3.70 8.35
N ALA A 305 6.24 -4.73 7.83
CA ALA A 305 5.69 -6.09 7.86
C ALA A 305 5.48 -6.55 9.30
N ILE A 306 6.46 -6.28 10.16
CA ILE A 306 6.31 -6.61 11.58
C ILE A 306 5.05 -5.96 12.14
N ARG A 307 4.82 -4.70 11.80
CA ARG A 307 3.60 -4.03 12.26
C ARG A 307 2.37 -4.75 11.73
N THR A 308 2.41 -5.17 10.46
CA THR A 308 1.26 -5.89 9.89
C THR A 308 1.01 -7.19 10.66
N LEU A 309 2.04 -7.74 11.31
CA LEU A 309 1.85 -8.96 12.09
C LEU A 309 0.82 -8.76 13.19
N ARG A 310 0.63 -7.51 13.65
CA ARG A 310 -0.37 -7.26 14.69
C ARG A 310 -1.77 -7.61 14.21
N LEU A 311 -2.03 -7.47 12.90
CA LEU A 311 -3.32 -7.89 12.37
C LEU A 311 -3.47 -9.40 12.49
N HIS A 312 -2.38 -10.14 12.28
CA HIS A 312 -2.40 -11.58 12.48
C HIS A 312 -2.28 -11.90 13.97
N GLY A 313 -2.57 -13.15 14.30
CA GLY A 313 -2.34 -13.64 15.64
C GLY A 313 -0.89 -13.97 15.89
N GLU A 314 -0.61 -14.40 17.11
CA GLU A 314 0.75 -14.84 17.43
C GLU A 314 1.13 -16.10 16.65
N GLY A 315 0.16 -16.81 16.10
CA GLY A 315 0.46 -18.02 15.36
C GLY A 315 1.38 -17.79 14.19
N VAL A 316 1.19 -16.66 13.48
CA VAL A 316 2.05 -16.33 12.35
C VAL A 316 3.51 -16.29 12.76
N ILE A 317 3.79 -16.12 14.05
CA ILE A 317 5.12 -16.31 14.58
C ILE A 317 5.25 -17.62 15.36
N GLU A 318 4.20 -18.04 16.06
CA GLU A 318 4.28 -19.26 16.86
C GLU A 318 4.25 -20.50 15.98
N LYS A 319 3.37 -20.51 14.97
CA LYS A 319 3.22 -21.65 14.08
C LYS A 319 4.05 -21.51 12.81
N ASP A 320 4.91 -20.50 12.73
CA ASP A 320 5.77 -20.27 11.57
C ASP A 320 4.96 -20.17 10.28
N GLU A 321 3.93 -19.33 10.32
CA GLU A 321 3.07 -19.11 9.16
C GLU A 321 3.59 -18.03 8.23
N LEU A 322 4.76 -17.45 8.53
CA LEU A 322 5.38 -16.53 7.59
C LEU A 322 5.72 -17.27 6.31
N PRO A 323 5.61 -16.61 5.15
CA PRO A 323 5.86 -17.32 3.88
C PRO A 323 7.28 -17.84 3.80
N ASP A 324 7.42 -19.03 3.26
CA ASP A 324 8.72 -19.64 3.05
C ASP A 324 9.21 -19.33 1.64
N GLY A 325 10.53 -19.47 1.45
CA GLY A 325 11.12 -19.23 0.16
C GLY A 325 10.69 -20.25 -0.87
N LYS A 326 11.15 -20.04 -2.10
CA LYS A 326 10.84 -20.96 -3.19
C LYS A 326 11.41 -22.33 -2.88
N GLU A 327 10.83 -23.34 -3.54
CA GLU A 327 11.24 -24.71 -3.28
C GLU A 327 12.68 -24.94 -3.71
N GLU A 328 13.41 -25.70 -2.90
CA GLU A 328 14.82 -26.02 -3.15
C GLU A 328 15.66 -24.75 -3.34
N ARG A 329 15.39 -23.74 -2.52
CA ARG A 329 16.10 -22.48 -2.56
C ARG A 329 16.96 -22.36 -1.31
N ASP A 330 18.27 -22.15 -1.51
CA ASP A 330 19.19 -22.08 -0.37
C ASP A 330 18.91 -20.87 0.51
N LYS A 331 18.65 -19.71 -0.09
CA LYS A 331 18.44 -18.49 0.68
C LYS A 331 17.04 -18.39 1.28
N GLY A 332 16.12 -19.26 0.87
CA GLY A 332 14.77 -19.21 1.42
C GLY A 332 14.10 -17.89 1.09
N HIS A 333 13.31 -17.39 2.05
CA HIS A 333 12.65 -16.12 1.87
C HIS A 333 13.65 -14.98 1.86
N HIS A 334 13.41 -13.98 1.03
CA HIS A 334 14.32 -12.85 0.92
C HIS A 334 14.33 -11.99 2.18
N LEU A 335 13.28 -12.06 3.00
CA LEU A 335 13.19 -11.25 4.21
C LEU A 335 13.17 -12.09 5.48
N TRP A 336 12.27 -13.07 5.57
CA TRP A 336 12.08 -13.82 6.81
C TRP A 336 13.19 -14.84 7.06
N ASP A 337 13.97 -15.18 6.05
CA ASP A 337 15.08 -16.11 6.21
C ASP A 337 16.43 -15.40 6.25
N ILE A 338 16.44 -14.08 6.38
CA ILE A 338 17.69 -13.34 6.54
C ILE A 338 18.32 -13.73 7.86
N LYS A 339 19.59 -14.15 7.81
CA LYS A 339 20.26 -14.65 9.00
C LYS A 339 20.54 -13.52 9.97
N VAL A 340 19.93 -13.59 11.15
CA VAL A 340 20.15 -12.62 12.23
C VAL A 340 20.91 -13.34 13.32
N GLN A 341 22.15 -12.92 13.56
CA GLN A 341 23.04 -13.57 14.54
C GLN A 341 23.16 -15.06 14.25
N GLY A 342 23.24 -15.42 12.97
CA GLY A 342 23.40 -16.79 12.55
C GLY A 342 22.13 -17.62 12.49
N THR A 343 20.97 -17.02 12.79
CA THR A 343 19.71 -17.73 12.73
C THR A 343 18.74 -16.95 11.85
N ALA A 344 17.76 -17.67 11.30
CA ALA A 344 16.80 -17.06 10.38
C ALA A 344 15.97 -16.01 11.09
N LEU A 345 15.52 -15.01 10.33
CA LEU A 345 14.77 -13.91 10.92
C LEU A 345 13.45 -14.39 11.52
N ARG A 346 12.82 -15.38 10.91
CA ARG A 346 11.60 -15.95 11.48
C ARG A 346 11.88 -16.62 12.82
N THR A 347 12.97 -17.38 12.91
CA THR A 347 13.33 -18.00 14.18
C THR A 347 13.67 -16.96 15.24
N LYS A 348 14.39 -15.91 14.84
CA LYS A 348 14.72 -14.84 15.77
C LYS A 348 13.46 -14.14 16.26
N LEU A 349 12.50 -13.92 15.36
CA LEU A 349 11.22 -13.34 15.76
C LEU A 349 10.48 -14.24 16.73
N LYS A 350 10.52 -15.55 16.50
CA LYS A 350 9.89 -16.49 17.42
C LYS A 350 10.54 -16.40 18.80
N GLU A 351 11.87 -16.35 18.83
CA GLU A 351 12.58 -16.23 20.11
C GLU A 351 12.23 -14.93 20.82
N LEU A 352 12.14 -13.83 20.06
CA LEU A 352 11.75 -12.55 20.64
C LEU A 352 10.33 -12.61 21.20
N TRP A 353 9.42 -13.25 20.47
CA TRP A 353 8.03 -13.35 20.94
C TRP A 353 7.95 -14.16 22.23
N GLN A 354 8.69 -15.26 22.30
CA GLN A 354 8.74 -16.01 23.57
C GLN A 354 9.35 -15.17 24.68
N SER A 355 10.40 -14.41 24.37
CA SER A 355 11.02 -13.55 25.37
C SER A 355 10.08 -12.44 25.80
N ASN A 356 9.38 -11.81 24.85
CA ASN A 356 8.49 -10.69 25.13
C ASN A 356 7.03 -11.10 25.19
N LYS A 357 6.75 -12.33 25.65
CA LYS A 357 5.37 -12.78 25.76
C LYS A 357 4.63 -12.08 26.91
N ASP A 358 5.35 -11.43 27.81
CA ASP A 358 4.69 -10.73 28.92
C ASP A 358 3.78 -9.62 28.39
N ILE A 359 4.26 -8.86 27.41
CA ILE A 359 3.41 -7.88 26.74
C ILE A 359 2.58 -8.58 25.67
N GLY A 360 1.51 -7.92 25.26
CA GLY A 360 0.61 -8.51 24.28
C GLY A 360 1.26 -8.65 22.92
N TRP A 361 0.68 -9.54 22.11
CA TRP A 361 1.18 -9.74 20.75
C TRP A 361 1.04 -8.48 19.93
N ARG A 362 -0.10 -7.80 20.04
CA ARG A 362 -0.28 -6.54 19.33
C ARG A 362 0.74 -5.51 19.79
N LYS A 363 0.91 -5.37 21.10
CA LYS A 363 1.90 -4.43 21.63
C LYS A 363 3.31 -4.85 21.23
N PHE A 364 3.62 -6.14 21.29
CA PHE A 364 4.95 -6.61 20.94
C PHE A 364 5.28 -6.27 19.49
N THR A 365 4.38 -6.59 18.57
CA THR A 365 4.65 -6.32 17.16
C THR A 365 4.68 -4.83 16.87
N GLU A 366 3.78 -4.05 17.49
CA GLU A 366 3.79 -2.61 17.28
C GLU A 366 5.12 -2.01 17.74
N MET A 367 5.58 -2.38 18.94
CA MET A 367 6.82 -1.81 19.45
C MET A 367 8.03 -2.31 18.67
N LEU A 368 8.01 -3.57 18.24
CA LEU A 368 9.13 -4.09 17.46
C LEU A 368 9.23 -3.38 16.12
N GLY A 369 8.10 -3.22 15.42
CA GLY A 369 8.12 -2.49 14.17
C GLY A 369 8.52 -1.04 14.36
N SER A 370 8.02 -0.40 15.41
CA SER A 370 8.40 0.98 15.68
C SER A 370 9.88 1.11 15.97
N ASN A 371 10.44 0.19 16.77
CA ASN A 371 11.86 0.25 17.10
C ASN A 371 12.71 0.02 15.86
N LEU A 372 12.34 -0.96 15.02
CA LEU A 372 13.04 -1.16 13.77
C LEU A 372 12.98 0.09 12.91
N TYR A 373 11.83 0.76 12.89
CA TYR A 373 11.68 1.98 12.12
C TYR A 373 12.59 3.09 12.64
N LEU A 374 12.64 3.28 13.95
CA LEU A 374 13.49 4.34 14.52
C LEU A 374 14.95 4.05 14.29
N ILE A 375 15.37 2.78 14.41
CA ILE A 375 16.76 2.44 14.17
C ILE A 375 17.11 2.62 12.70
N TYR A 376 16.16 2.29 11.80
CA TYR A 376 16.38 2.53 10.38
C TYR A 376 16.53 4.02 10.10
N LYS A 377 15.69 4.85 10.73
CA LYS A 377 15.79 6.30 10.52
C LYS A 377 17.11 6.83 11.06
N LYS A 378 17.53 6.37 12.23
CA LYS A 378 18.82 6.78 12.77
C LYS A 378 19.96 6.30 11.90
N GLU A 379 19.88 5.05 11.42
CA GLU A 379 20.95 4.50 10.59
C GLU A 379 20.98 5.11 9.21
N THR A 380 19.85 5.64 8.74
CA THR A 380 19.79 6.24 7.41
C THR A 380 19.91 7.76 7.50
N THR A 393 -0.64 26.34 15.00
CA THR A 393 -1.75 27.27 15.13
C THR A 393 -2.63 26.90 16.33
N GLU A 394 -1.98 26.68 17.48
CA GLU A 394 -2.70 26.29 18.70
C GLU A 394 -3.44 27.50 19.24
N TYR A 395 -4.77 27.45 19.17
CA TYR A 395 -5.63 28.57 19.57
C TYR A 395 -6.52 28.11 20.71
N TYR A 396 -6.46 28.83 21.83
CA TYR A 396 -7.34 28.62 22.96
C TYR A 396 -8.13 29.89 23.24
N SER A 397 -9.41 29.72 23.53
CA SER A 397 -10.30 30.84 23.87
C SER A 397 -10.31 31.90 22.77
N SER A 405 -17.07 43.13 28.53
CA SER A 405 -18.42 43.68 28.66
C SER A 405 -19.38 42.64 29.22
N ASP A 406 -19.28 42.41 30.53
CA ASP A 406 -20.15 41.42 31.18
C ASP A 406 -21.57 41.96 31.27
N LEU A 407 -22.53 41.07 31.04
CA LEU A 407 -23.94 41.41 31.12
C LEU A 407 -24.71 40.25 31.73
N PHE A 408 -25.81 40.58 32.41
CA PHE A 408 -26.71 39.60 33.00
C PHE A 408 -27.98 39.58 32.16
N ILE A 409 -28.16 38.52 31.37
CA ILE A 409 -29.28 38.41 30.45
C ILE A 409 -30.23 37.35 31.01
N PRO A 410 -31.40 37.75 31.54
CA PRO A 410 -32.37 36.77 32.01
C PRO A 410 -33.12 36.13 30.85
N VAL A 411 -33.57 34.90 31.06
CA VAL A 411 -34.44 34.20 30.12
C VAL A 411 -35.60 33.64 30.90
N THR A 412 -36.82 34.02 30.53
CA THR A 412 -38.03 33.57 31.20
C THR A 412 -38.91 32.84 30.20
N PRO A 413 -38.82 31.51 30.12
CA PRO A 413 -39.64 30.76 29.17
C PRO A 413 -41.12 30.88 29.52
N PRO A 414 -42.00 30.92 28.51
CA PRO A 414 -43.44 31.00 28.79
C PRO A 414 -43.93 29.76 29.52
N GLU A 415 -44.91 29.95 30.39
CA GLU A 415 -45.47 28.85 31.15
C GLU A 415 -46.17 27.85 30.25
N GLY A 416 -46.86 28.33 29.22
CA GLY A 416 -47.59 27.43 28.33
C GLY A 416 -46.68 26.47 27.59
N ILE A 417 -45.49 26.93 27.19
CA ILE A 417 -44.54 26.08 26.50
C ILE A 417 -43.78 25.23 27.51
N GLU A 418 -43.76 23.92 27.29
CA GLU A 418 -43.16 22.98 28.22
C GLU A 418 -41.83 22.47 27.68
N THR A 419 -40.90 22.22 28.60
CA THR A 419 -39.55 21.77 28.26
C THR A 419 -39.48 20.26 28.40
N LYS A 420 -38.99 19.59 27.36
CA LYS A 420 -38.87 18.14 27.32
C LYS A 420 -37.43 17.76 27.01
N GLU A 421 -37.13 16.47 27.12
CA GLU A 421 -35.79 15.97 26.84
C GLU A 421 -35.87 14.74 25.96
N TRP A 422 -35.42 14.87 24.72
CA TRP A 422 -35.35 13.74 23.79
C TRP A 422 -34.05 12.98 24.01
N ILE A 423 -34.11 11.66 23.94
CA ILE A 423 -32.93 10.81 24.05
C ILE A 423 -32.96 9.85 22.87
N ILE A 424 -32.02 10.00 21.95
CA ILE A 424 -31.92 9.19 20.75
C ILE A 424 -30.73 8.25 20.92
N VAL A 425 -30.99 6.96 20.83
CA VAL A 425 -29.93 5.96 20.90
C VAL A 425 -29.89 5.19 19.59
N GLY A 426 -28.71 4.71 19.24
CA GLY A 426 -28.57 3.94 18.02
C GLY A 426 -27.15 3.44 17.88
N ARG A 427 -26.83 3.00 16.67
CA ARG A 427 -25.48 2.55 16.34
C ARG A 427 -25.01 3.28 15.09
N LEU A 428 -23.84 3.90 15.19
CA LEU A 428 -23.15 4.45 14.04
C LEU A 428 -22.32 3.32 13.43
N LYS A 429 -22.75 2.85 12.26
CA LYS A 429 -22.05 1.78 11.54
C LYS A 429 -21.25 2.39 10.41
N ALA A 430 -19.95 2.10 10.37
CA ALA A 430 -19.08 2.65 9.34
C ALA A 430 -19.37 1.96 8.02
N ALA A 431 -20.13 2.63 7.16
CA ALA A 431 -20.38 2.08 5.83
C ALA A 431 -19.11 2.03 4.99
N THR A 432 -18.11 2.84 5.33
CA THR A 432 -16.80 2.86 4.71
C THR A 432 -15.76 2.85 5.82
N PRO A 433 -14.53 2.41 5.52
CA PRO A 433 -13.48 2.44 6.53
C PRO A 433 -13.32 3.84 7.10
N PHE A 434 -13.23 3.94 8.43
CA PHE A 434 -13.24 5.22 9.11
C PHE A 434 -11.86 5.56 9.63
N TYR A 435 -11.59 6.86 9.73
CA TYR A 435 -10.33 7.37 10.24
C TYR A 435 -10.63 8.57 11.13
N PHE A 436 -10.22 8.49 12.39
CA PHE A 436 -10.36 9.58 13.35
C PHE A 436 -8.95 10.02 13.73
N GLY A 437 -8.51 11.12 13.14
CA GLY A 437 -7.12 11.52 13.28
C GLY A 437 -6.75 11.75 14.73
N VAL A 438 -5.52 11.37 15.07
CA VAL A 438 -4.94 11.65 16.37
C VAL A 438 -3.46 11.94 16.18
N GLN A 439 -2.92 12.78 17.05
CA GLN A 439 -1.50 13.08 17.00
C GLN A 439 -0.69 11.84 17.38
N GLN A 440 0.56 11.83 16.94
CA GLN A 440 1.40 10.66 17.15
C GLN A 440 1.61 10.41 18.65
N PRO A 441 1.78 9.16 19.06
CA PRO A 441 2.01 8.87 20.48
C PRO A 441 3.27 9.54 21.04
N SER A 442 4.22 9.90 20.19
CA SER A 442 5.45 10.54 20.66
C SER A 442 5.16 11.88 21.33
N ASP A 443 4.31 12.69 20.71
CA ASP A 443 3.97 14.01 21.25
C ASP A 443 2.60 14.03 21.92
N SER A 444 1.95 12.89 22.06
CA SER A 444 0.66 12.80 22.75
C SER A 444 0.80 12.59 24.24
N ILE A 445 2.02 12.60 24.76
CA ILE A 445 2.26 12.39 26.19
C ILE A 445 1.77 13.61 26.96
N PRO A 446 0.83 13.45 27.89
CA PRO A 446 0.37 14.60 28.67
C PRO A 446 1.46 15.12 29.59
N GLY A 447 1.45 16.43 29.80
CA GLY A 447 2.46 17.09 30.60
C GLY A 447 3.69 17.51 29.84
N LYS A 448 3.90 16.99 28.64
CA LYS A 448 5.03 17.34 27.80
C LYS A 448 4.67 18.30 26.67
N GLU A 449 3.48 18.89 26.74
CA GLU A 449 3.02 19.82 25.71
C GLU A 449 3.89 21.06 25.67
N VAL A 457 15.03 13.56 13.55
CA VAL A 457 14.40 12.29 13.21
C VAL A 457 12.87 12.45 13.27
N ILE A 458 12.20 12.00 12.21
CA ILE A 458 10.75 12.15 12.12
C ILE A 458 10.04 11.34 13.20
N ASN A 459 10.60 10.18 13.55
CA ASN A 459 10.21 9.37 14.71
C ASN A 459 8.70 9.11 14.77
N GLU A 460 8.10 8.80 13.61
CA GLU A 460 6.71 8.36 13.55
C GLU A 460 6.62 7.17 12.60
N HIS A 461 6.42 5.97 13.15
CA HIS A 461 6.33 4.79 12.31
C HIS A 461 5.09 4.83 11.43
N THR A 462 3.94 5.14 12.02
CA THR A 462 2.69 5.30 11.28
C THR A 462 2.44 6.79 11.07
N SER A 463 2.29 7.19 9.81
CA SER A 463 2.12 8.61 9.50
C SER A 463 0.83 9.14 10.11
N PHE A 464 -0.30 8.48 9.84
CA PHE A 464 -1.60 8.89 10.35
C PHE A 464 -2.10 7.81 11.30
N ASN A 465 -2.19 8.14 12.59
CA ASN A 465 -2.67 7.23 13.60
C ASN A 465 -4.14 7.49 13.88
N ILE A 466 -4.90 6.41 14.03
CA ILE A 466 -6.33 6.50 14.32
C ILE A 466 -6.50 6.62 15.83
N LEU A 467 -7.62 7.19 16.24
CA LEU A 467 -7.88 7.39 17.66
C LEU A 467 -8.47 6.14 18.29
N LEU A 468 -7.82 5.64 19.33
CA LEU A 468 -8.29 4.47 20.06
C LEU A 468 -8.35 4.77 21.55
N ASP A 469 -8.62 3.75 22.36
CA ASP A 469 -8.61 3.89 23.81
C ASP A 469 -7.32 3.32 24.38
N LYS A 470 -7.24 3.33 25.71
CA LYS A 470 -6.19 2.57 26.39
C LYS A 470 -6.37 1.08 26.19
N GLU A 471 -7.60 0.63 25.96
CA GLU A 471 -7.91 -0.75 25.66
C GLU A 471 -7.92 -1.02 24.16
N ASN A 472 -7.39 -0.10 23.35
CA ASN A 472 -7.25 -0.22 21.91
C ASN A 472 -8.59 -0.24 21.18
N ARG A 473 -9.70 -0.02 21.89
CA ARG A 473 -11.00 0.01 21.24
C ARG A 473 -11.12 1.22 20.33
N TYR A 474 -11.77 1.04 19.19
CA TYR A 474 -11.98 2.14 18.27
C TYR A 474 -12.94 3.15 18.88
N ARG A 475 -12.53 4.41 18.89
CA ARG A 475 -13.25 5.46 19.58
C ARG A 475 -13.70 6.53 18.59
N ILE A 476 -14.98 6.87 18.63
CA ILE A 476 -15.49 8.09 18.02
C ILE A 476 -15.59 9.14 19.12
N PRO A 477 -14.70 10.12 19.16
CA PRO A 477 -14.75 11.08 20.26
C PRO A 477 -16.02 11.91 20.23
N ARG A 478 -16.47 12.32 21.42
CA ARG A 478 -17.62 13.21 21.50
C ARG A 478 -17.38 14.49 20.71
N SER A 479 -16.13 14.96 20.68
CA SER A 479 -15.82 16.18 19.96
C SER A 479 -16.04 16.03 18.46
N ALA A 480 -15.54 14.94 17.87
CA ALA A 480 -15.70 14.75 16.42
C ALA A 480 -17.16 14.54 16.05
N LEU A 481 -17.88 13.71 16.82
CA LEU A 481 -19.29 13.50 16.54
C LEU A 481 -20.08 14.80 16.69
N ARG A 482 -19.77 15.58 17.72
CA ARG A 482 -20.45 16.84 17.93
C ARG A 482 -20.16 17.83 16.80
N GLY A 483 -18.92 17.88 16.35
CA GLY A 483 -18.57 18.78 15.26
C GLY A 483 -19.24 18.40 13.95
N ALA A 484 -19.27 17.10 13.65
CA ALA A 484 -19.98 16.65 12.45
C ALA A 484 -21.47 16.95 12.55
N LEU A 485 -22.06 16.74 13.72
CA LEU A 485 -23.47 17.08 13.91
C LEU A 485 -23.71 18.57 13.75
N ARG A 486 -22.79 19.40 14.26
CA ARG A 486 -22.91 20.84 14.11
C ARG A 486 -22.84 21.25 12.64
N ARG A 487 -21.92 20.64 11.89
CA ARG A 487 -21.83 20.92 10.46
C ARG A 487 -23.11 20.51 9.73
N ASP A 488 -23.64 19.33 10.06
CA ASP A 488 -24.86 18.86 9.41
C ASP A 488 -26.05 19.74 9.77
N LEU A 489 -26.12 20.20 11.02
CA LEU A 489 -27.18 21.10 11.44
C LEU A 489 -27.07 22.45 10.73
N ARG A 490 -25.84 22.94 10.56
CA ARG A 490 -25.64 24.18 9.82
C ARG A 490 -26.09 24.04 8.38
N THR A 491 -25.79 22.89 7.76
CA THR A 491 -26.31 22.64 6.41
C THR A 491 -27.83 22.58 6.40
N ALA A 492 -28.43 21.88 7.36
CA ALA A 492 -29.88 21.69 7.38
C ALA A 492 -30.61 23.01 7.58
N PHE A 493 -30.13 23.85 8.49
CA PHE A 493 -30.77 25.15 8.71
C PHE A 493 -30.63 26.07 7.51
N GLY A 494 -29.69 25.79 6.61
CA GLY A 494 -29.44 26.63 5.47
C GLY A 494 -28.53 27.81 5.74
N SER A 495 -28.23 28.10 7.00
CA SER A 495 -27.35 29.19 7.35
C SER A 495 -26.82 28.94 8.76
N GLY A 496 -25.74 29.63 9.09
CA GLY A 496 -25.12 29.47 10.39
C GLY A 496 -23.92 30.38 10.52
N CYS A 497 -23.25 30.25 11.65
CA CYS A 497 -22.07 31.06 11.95
C CYS A 497 -20.88 30.15 12.19
N ASN A 498 -19.70 30.69 11.90
CA ASN A 498 -18.47 30.03 12.32
C ASN A 498 -18.30 30.20 13.82
N VAL A 499 -17.99 29.12 14.52
CA VAL A 499 -17.96 29.13 15.97
C VAL A 499 -16.86 30.07 16.45
N SER A 500 -17.27 31.18 17.07
CA SER A 500 -16.33 32.16 17.59
C SER A 500 -15.96 31.81 19.02
N LEU A 501 -14.65 31.84 19.31
CA LEU A 501 -14.14 31.45 20.62
C LEU A 501 -13.85 32.68 21.45
N GLY A 502 -14.18 32.61 22.74
CA GLY A 502 -13.98 33.72 23.64
C GLY A 502 -15.07 34.77 23.60
N GLY A 503 -16.11 34.57 22.80
CA GLY A 503 -17.20 35.55 22.76
C GLY A 503 -17.88 35.69 24.11
N GLN A 504 -18.02 36.94 24.56
CA GLN A 504 -18.66 37.20 25.83
C GLN A 504 -20.18 37.03 25.76
N ILE A 505 -20.74 37.00 24.56
CA ILE A 505 -22.16 36.83 24.36
C ILE A 505 -22.39 35.55 23.57
N LEU A 506 -23.36 34.74 24.01
CA LEU A 506 -23.72 33.55 23.26
C LEU A 506 -24.25 33.93 21.89
N CYS A 507 -23.78 33.19 20.87
CA CYS A 507 -24.21 33.49 19.51
C CYS A 507 -25.70 33.18 19.34
N ASN A 508 -26.39 34.08 18.64
CA ASN A 508 -27.82 33.93 18.41
C ASN A 508 -28.16 33.07 17.21
N CYS A 509 -27.15 32.48 16.55
CA CYS A 509 -27.41 31.64 15.40
C CYS A 509 -28.22 30.41 15.80
N LYS A 510 -29.04 29.93 14.88
CA LYS A 510 -29.91 28.78 15.13
C LYS A 510 -29.07 27.56 15.47
N VAL A 511 -27.96 27.39 14.76
CA VAL A 511 -27.11 26.22 14.95
C VAL A 511 -26.56 26.20 16.37
N CYS A 512 -26.03 27.34 16.84
CA CYS A 512 -25.47 27.40 18.18
C CYS A 512 -26.54 27.20 19.25
N ILE A 513 -27.72 27.79 19.04
CA ILE A 513 -28.81 27.64 20.01
C ILE A 513 -29.21 26.17 20.12
N GLU A 514 -29.33 25.48 18.99
CA GLU A 514 -29.66 24.06 19.04
C GLU A 514 -28.53 23.25 19.68
N MET A 515 -27.28 23.57 19.33
CA MET A 515 -26.16 22.79 19.83
C MET A 515 -26.00 22.94 21.35
N ARG A 516 -26.38 24.09 21.89
CA ARG A 516 -26.35 24.25 23.34
C ARG A 516 -27.31 23.28 24.03
N ARG A 517 -28.42 22.94 23.38
CA ARG A 517 -29.35 21.97 23.94
C ARG A 517 -28.92 20.52 23.67
N ILE A 518 -27.96 20.31 22.78
CA ILE A 518 -27.61 18.97 22.33
C ILE A 518 -26.39 18.48 23.11
N THR A 519 -26.49 17.25 23.60
CA THR A 519 -25.40 16.56 24.28
C THR A 519 -25.17 15.24 23.57
N LEU A 520 -23.90 14.87 23.38
CA LEU A 520 -23.57 13.62 22.71
C LEU A 520 -22.62 12.82 23.60
N LYS A 521 -22.63 11.51 23.40
CA LYS A 521 -21.80 10.60 24.18
C LYS A 521 -20.61 10.14 23.35
N ASP A 522 -19.42 10.23 23.93
CA ASP A 522 -18.23 9.67 23.32
C ASP A 522 -18.42 8.18 23.10
N SER A 523 -18.54 7.77 21.85
CA SER A 523 -18.86 6.38 21.51
C SER A 523 -17.58 5.61 21.23
N VAL A 524 -17.45 4.45 21.88
CA VAL A 524 -16.32 3.56 21.67
C VAL A 524 -16.87 2.18 21.34
N SER A 525 -16.21 1.47 20.44
CA SER A 525 -16.69 0.19 19.97
C SER A 525 -16.25 -0.93 20.90
N ASP A 526 -16.94 -2.07 20.79
CA ASP A 526 -16.55 -3.29 21.47
C ASP A 526 -15.46 -4.04 20.71
N PHE A 527 -14.79 -3.37 19.78
CA PHE A 527 -13.82 -3.97 18.88
C PHE A 527 -12.46 -3.33 19.15
N SER A 528 -11.47 -4.16 19.47
CA SER A 528 -10.14 -3.69 19.82
C SER A 528 -9.06 -4.21 18.89
N GLU A 529 -9.43 -4.84 17.78
CA GLU A 529 -8.44 -5.37 16.86
C GLU A 529 -7.66 -4.23 16.20
N PRO A 530 -6.43 -4.50 15.76
CA PRO A 530 -5.58 -3.41 15.27
C PRO A 530 -6.15 -2.80 14.02
N PRO A 531 -5.91 -1.51 13.80
CA PRO A 531 -6.39 -0.87 12.57
C PRO A 531 -5.65 -1.37 11.35
N GLU A 532 -6.34 -1.39 10.22
CA GLU A 532 -5.71 -1.71 8.96
C GLU A 532 -4.90 -0.51 8.48
N ILE A 533 -3.88 -0.78 7.68
CA ILE A 533 -2.99 0.27 7.18
C ILE A 533 -3.30 0.49 5.71
N ARG A 534 -3.70 1.72 5.39
CA ARG A 534 -3.88 2.16 4.01
C ARG A 534 -2.61 2.88 3.58
N TYR A 535 -1.99 2.40 2.52
CA TYR A 535 -0.74 2.98 2.03
C TYR A 535 -1.10 3.93 0.88
N ARG A 536 -0.85 5.21 1.09
CA ARG A 536 -1.14 6.24 0.10
C ARG A 536 0.15 6.78 -0.48
N ILE A 537 0.13 7.01 -1.80
CA ILE A 537 1.23 7.63 -2.51
C ILE A 537 0.64 8.77 -3.35
N ALA A 538 1.53 9.66 -3.78
CA ALA A 538 1.18 10.70 -4.76
C ALA A 538 1.98 10.45 -6.03
N LYS A 539 1.29 10.39 -7.15
CA LYS A 539 1.95 10.18 -8.43
C LYS A 539 2.49 11.49 -8.96
N ASN A 540 3.72 11.45 -9.46
CA ASN A 540 4.31 12.63 -10.08
C ASN A 540 3.70 12.80 -11.46
N PRO A 541 2.94 13.88 -11.71
CA PRO A 541 2.21 13.96 -12.98
C PRO A 541 3.11 13.96 -14.21
N GLY A 542 4.30 14.55 -14.12
CA GLY A 542 5.17 14.62 -15.27
C GLY A 542 5.63 13.26 -15.75
N THR A 543 6.07 12.42 -14.83
CA THR A 543 6.60 11.10 -15.17
C THR A 543 5.64 9.96 -14.84
N ALA A 544 4.48 10.26 -14.25
CA ALA A 544 3.48 9.26 -13.91
C ALA A 544 4.03 8.19 -12.98
N THR A 545 5.07 8.52 -12.22
CA THR A 545 5.63 7.67 -11.19
C THR A 545 5.38 8.30 -9.82
N VAL A 546 5.90 7.65 -8.79
CA VAL A 546 5.71 8.13 -7.42
C VAL A 546 6.44 9.44 -7.22
N GLU A 547 5.74 10.43 -6.70
CA GLU A 547 6.37 11.69 -6.31
C GLU A 547 7.39 11.43 -5.21
N ASP A 548 8.54 12.08 -5.31
CA ASP A 548 9.61 11.86 -4.36
C ASP A 548 9.17 12.27 -2.95
N GLY A 549 9.21 11.34 -2.02
CA GLY A 549 8.82 11.59 -0.64
C GLY A 549 7.34 11.39 -0.35
N SER A 550 6.53 11.03 -1.35
CA SER A 550 5.09 10.94 -1.19
C SER A 550 4.70 9.48 -0.97
N LEU A 551 4.79 9.03 0.27
CA LEU A 551 4.32 7.70 0.66
C LEU A 551 4.08 7.71 2.16
N PHE A 552 2.89 7.28 2.56
CA PHE A 552 2.53 7.34 3.97
C PHE A 552 1.48 6.29 4.26
N ASP A 553 1.27 6.03 5.55
CA ASP A 553 0.35 5.00 6.01
C ASP A 553 -0.69 5.61 6.93
N ILE A 554 -1.93 5.12 6.81
CA ILE A 554 -3.06 5.62 7.57
C ILE A 554 -3.67 4.45 8.32
N GLU A 555 -3.85 4.61 9.63
CA GLU A 555 -4.59 3.63 10.42
C GLU A 555 -6.08 3.87 10.22
N VAL A 556 -6.78 2.87 9.68
CA VAL A 556 -8.21 2.97 9.44
C VAL A 556 -8.91 1.81 10.13
N GLY A 557 -10.04 2.10 10.76
CA GLY A 557 -10.87 1.07 11.33
C GLY A 557 -11.69 0.37 10.28
N PRO A 558 -12.10 -0.86 10.55
CA PRO A 558 -12.86 -1.62 9.56
C PRO A 558 -14.22 -1.01 9.30
N GLU A 559 -14.69 -1.13 8.07
CA GLU A 559 -16.04 -0.69 7.75
C GLU A 559 -17.04 -1.70 8.30
N GLY A 560 -18.25 -1.19 8.58
CA GLY A 560 -19.24 -1.99 9.26
C GLY A 560 -19.13 -2.01 10.77
N LEU A 561 -18.13 -1.33 11.33
CA LEU A 561 -17.97 -1.27 12.77
C LEU A 561 -19.05 -0.38 13.38
N THR A 562 -19.59 -0.83 14.52
CA THR A 562 -20.71 -0.15 15.16
C THR A 562 -20.26 0.53 16.44
N PHE A 563 -20.69 1.77 16.63
CA PHE A 563 -20.42 2.55 17.82
C PHE A 563 -21.72 2.99 18.47
N PRO A 564 -21.82 2.97 19.80
CA PRO A 564 -23.08 3.36 20.44
C PRO A 564 -23.34 4.85 20.38
N PHE A 565 -24.25 5.27 19.51
CA PHE A 565 -24.58 6.67 19.32
C PHE A 565 -25.65 7.10 20.33
N VAL A 566 -25.40 8.20 21.02
CA VAL A 566 -26.33 8.77 22.00
C VAL A 566 -26.44 10.26 21.73
N LEU A 567 -27.67 10.77 21.71
CA LEU A 567 -27.91 12.19 21.47
C LEU A 567 -29.07 12.65 22.35
N ARG A 568 -28.78 13.53 23.30
CA ARG A 568 -29.80 14.12 24.17
C ARG A 568 -30.09 15.54 23.71
N TYR A 569 -31.38 15.90 23.71
CA TYR A 569 -31.81 17.24 23.33
C TYR A 569 -32.76 17.76 24.41
N ARG A 570 -32.30 18.72 25.20
CA ARG A 570 -33.12 19.34 26.24
C ARG A 570 -33.70 20.63 25.67
N GLY A 571 -34.96 20.58 25.25
CA GLY A 571 -35.53 21.74 24.59
C GLY A 571 -37.03 21.75 24.64
N HIS A 572 -37.60 22.87 24.21
CA HIS A 572 -39.05 23.04 24.20
C HIS A 572 -39.71 22.09 23.24
N LYS A 573 -39.21 22.04 22.00
CA LYS A 573 -39.72 21.12 20.98
C LYS A 573 -38.54 20.61 20.16
N PHE A 574 -38.66 19.40 19.66
CA PHE A 574 -37.58 18.82 18.87
C PHE A 574 -37.50 19.57 17.53
N PRO A 575 -36.35 20.18 17.21
CA PRO A 575 -36.29 21.00 15.99
C PRO A 575 -36.43 20.16 14.74
N GLU A 576 -37.02 20.77 13.72
CA GLU A 576 -37.17 20.10 12.43
C GLU A 576 -35.82 19.80 11.81
N GLN A 577 -34.83 20.69 12.03
CA GLN A 577 -33.53 20.51 11.40
C GLN A 577 -32.75 19.36 12.04
N LEU A 578 -32.89 19.17 13.36
CA LEU A 578 -32.22 18.04 14.00
C LEU A 578 -32.83 16.73 13.54
N SER A 579 -34.16 16.68 13.38
CA SER A 579 -34.78 15.50 12.80
C SER A 579 -34.28 15.26 11.38
N SER A 580 -34.11 16.34 10.60
CA SER A 580 -33.57 16.21 9.26
C SER A 580 -32.16 15.63 9.29
N VAL A 581 -31.33 16.10 10.23
CA VAL A 581 -29.95 15.59 10.32
C VAL A 581 -29.94 14.12 10.72
N ILE A 582 -30.79 13.74 11.68
CA ILE A 582 -30.85 12.35 12.11
C ILE A 582 -31.30 11.47 10.95
N ARG A 583 -32.28 11.92 10.18
CA ARG A 583 -32.70 11.16 9.00
C ARG A 583 -31.61 11.11 7.94
N TYR A 584 -30.83 12.18 7.82
CA TYR A 584 -29.70 12.21 6.90
C TYR A 584 -28.66 11.15 7.27
N TRP A 585 -28.38 11.01 8.57
CA TRP A 585 -27.40 10.04 9.02
C TRP A 585 -27.92 8.60 8.94
N GLU A 586 -29.23 8.43 8.80
CA GLU A 586 -29.82 7.10 8.72
C GLU A 586 -29.53 6.45 7.37
N GLU A 587 -29.70 5.13 7.32
CA GLU A 587 -29.74 4.40 6.05
C GLU A 587 -31.08 3.74 5.80
N ASN A 588 -31.79 3.32 6.85
CA ASN A 588 -33.11 2.71 6.73
C ASN A 588 -33.11 1.56 5.73
N ASP A 589 -33.91 1.70 4.67
CA ASP A 589 -34.01 0.68 3.64
C ASP A 589 -33.55 1.15 2.27
N GLY A 590 -33.91 2.35 1.85
CA GLY A 590 -33.60 2.82 0.51
C GLY A 590 -32.55 3.90 0.41
N LYS A 591 -32.11 4.44 1.55
CA LYS A 591 -31.13 5.51 1.58
C LYS A 591 -29.81 5.01 2.15
N ASN A 592 -28.80 5.88 2.13
CA ASN A 592 -27.48 5.57 2.64
C ASN A 592 -27.16 6.51 3.81
N GLY A 593 -26.49 5.96 4.82
CA GLY A 593 -26.05 6.76 5.94
C GLY A 593 -25.05 7.82 5.53
N MET A 594 -25.26 9.06 5.97
CA MET A 594 -24.46 10.20 5.53
C MET A 594 -23.83 10.93 6.71
N ALA A 595 -23.40 10.18 7.71
CA ALA A 595 -22.68 10.76 8.85
C ALA A 595 -21.19 10.74 8.52
N TRP A 596 -20.71 11.83 7.94
CA TRP A 596 -19.30 11.94 7.53
C TRP A 596 -18.45 12.29 8.76
N LEU A 597 -18.37 11.33 9.67
CA LEU A 597 -17.58 11.48 10.88
C LEU A 597 -16.10 11.35 10.57
N GLY A 598 -15.28 12.02 11.37
CA GLY A 598 -13.84 11.89 11.24
C GLY A 598 -13.28 12.65 10.05
N GLY A 599 -12.07 12.24 9.65
CA GLY A 599 -11.34 12.91 8.61
C GLY A 599 -11.13 12.03 7.39
N LEU A 600 -10.35 12.57 6.44
CA LEU A 600 -10.07 11.93 5.16
C LEU A 600 -11.36 11.58 4.43
N ASP A 601 -12.38 12.43 4.59
CA ASP A 601 -13.68 12.18 3.98
C ASP A 601 -13.56 12.12 2.46
N SER A 602 -12.71 12.98 1.88
CA SER A 602 -12.55 13.01 0.43
C SER A 602 -12.19 11.65 -0.13
N THR A 603 -11.44 10.85 0.62
CA THR A 603 -11.16 9.46 0.26
C THR A 603 -12.16 8.48 0.85
N GLY A 604 -13.40 8.94 1.08
CA GLY A 604 -14.46 8.08 1.54
C GLY A 604 -14.21 7.42 2.87
N LYS A 605 -13.74 8.19 3.84
CA LYS A 605 -13.41 7.67 5.17
C LYS A 605 -14.47 8.11 6.17
N GLY A 606 -14.97 7.15 6.95
CA GLY A 606 -15.92 7.46 7.99
C GLY A 606 -17.27 7.95 7.54
N ARG A 607 -17.85 7.31 6.52
CA ARG A 607 -19.26 7.55 6.17
C ARG A 607 -20.09 6.62 7.05
N PHE A 608 -20.69 7.19 8.11
CA PHE A 608 -21.41 6.40 9.09
C PHE A 608 -22.90 6.44 8.83
N ALA A 609 -23.57 5.36 9.22
CA ALA A 609 -25.01 5.23 9.10
C ALA A 609 -25.61 5.02 10.48
N LEU A 610 -26.67 5.75 10.79
CA LEU A 610 -27.35 5.61 12.06
C LEU A 610 -28.42 4.52 11.94
N LYS A 611 -28.24 3.44 12.70
CA LYS A 611 -29.12 2.28 12.60
C LYS A 611 -29.61 1.88 13.99
N ASP A 612 -30.63 1.02 14.00
CA ASP A 612 -31.23 0.52 15.25
C ASP A 612 -31.69 1.68 16.13
N ILE A 613 -32.22 2.72 15.51
CA ILE A 613 -32.49 3.97 16.21
C ILE A 613 -33.73 3.81 17.09
N LYS A 614 -33.67 4.44 18.26
CA LYS A 614 -34.81 4.49 19.19
C LYS A 614 -34.76 5.84 19.88
N ILE A 615 -35.83 6.62 19.75
CA ILE A 615 -35.91 7.94 20.34
C ILE A 615 -36.99 7.91 21.42
N PHE A 616 -36.62 8.31 22.63
CA PHE A 616 -37.51 8.35 23.78
C PHE A 616 -37.59 9.77 24.30
N GLU A 617 -38.49 9.98 25.26
CA GLU A 617 -38.88 11.32 25.68
C GLU A 617 -39.06 11.36 27.19
N TRP A 618 -38.43 12.34 27.82
CA TRP A 618 -38.68 12.69 29.22
C TRP A 618 -39.54 13.95 29.25
N ASP A 619 -40.67 13.87 29.94
CA ASP A 619 -41.51 15.04 30.22
C ASP A 619 -40.94 15.72 31.45
N LEU A 620 -39.98 16.62 31.22
CA LEU A 620 -39.24 17.23 32.31
C LEU A 620 -40.04 18.26 33.10
N ASN A 621 -41.23 18.63 32.61
CA ASN A 621 -42.05 19.59 33.34
C ASN A 621 -42.98 18.93 34.35
N GLN A 622 -43.40 17.69 34.09
CA GLN A 622 -44.28 16.99 35.00
C GLN A 622 -43.68 15.71 35.58
N LYS A 623 -42.68 15.13 34.94
CA LYS A 623 -42.03 13.91 35.41
C LYS A 623 -40.56 14.15 35.68
N ILE A 624 -40.24 15.30 36.27
CA ILE A 624 -38.84 15.66 36.49
C ILE A 624 -38.22 14.83 37.61
N ASN A 625 -39.03 14.43 38.61
CA ASN A 625 -38.49 13.66 39.73
C ASN A 625 -37.96 12.32 39.27
N GLU A 626 -38.65 11.66 38.34
CA GLU A 626 -38.16 10.40 37.80
C GLU A 626 -36.84 10.60 37.06
N TYR A 627 -36.73 11.69 36.31
CA TYR A 627 -35.47 12.01 35.63
C TYR A 627 -34.36 12.22 36.65
N ILE A 628 -34.64 12.93 37.75
CA ILE A 628 -33.63 13.16 38.77
C ILE A 628 -33.19 11.85 39.40
N LYS A 629 -34.16 10.97 39.69
CA LYS A 629 -33.83 9.69 40.31
C LYS A 629 -32.99 8.82 39.38
N GLU A 630 -33.33 8.79 38.09
CA GLU A 630 -32.64 7.92 37.15
C GLU A 630 -31.43 8.59 36.52
N ARG A 631 -31.16 9.85 36.87
CA ARG A 631 -30.00 10.60 36.36
C ARG A 631 -30.04 10.72 34.84
N GLY A 632 -31.24 10.73 34.27
CA GLY A 632 -31.39 10.77 32.83
C GLY A 632 -30.81 9.55 32.16
N MET A 633 -30.55 8.51 32.96
CA MET A 633 -29.83 7.31 32.54
C MET A 633 -28.53 7.67 31.81
N ARG A 634 -27.77 8.59 32.39
CA ARG A 634 -26.45 8.90 31.87
C ARG A 634 -25.51 7.76 32.19
N GLY A 635 -24.92 7.17 31.15
CA GLY A 635 -24.11 5.99 31.29
C GLY A 635 -24.87 4.67 31.16
N LYS A 636 -26.20 4.72 31.06
CA LYS A 636 -27.02 3.54 30.87
C LYS A 636 -27.70 3.53 29.51
N GLU A 637 -27.17 4.27 28.55
CA GLU A 637 -27.85 4.44 27.27
C GLU A 637 -27.79 3.17 26.42
N LYS A 638 -26.69 2.42 26.50
CA LYS A 638 -26.61 1.15 25.79
C LYS A 638 -27.65 0.17 26.31
N GLU A 639 -27.85 0.15 27.63
CA GLU A 639 -28.91 -0.68 28.20
C GLU A 639 -30.28 -0.24 27.71
N LEU A 640 -30.49 1.08 27.57
CA LEU A 640 -31.76 1.56 27.03
C LEU A 640 -31.96 1.13 25.59
N LEU A 641 -30.89 1.16 24.78
CA LEU A 641 -30.99 0.69 23.41
C LEU A 641 -31.30 -0.80 23.38
N GLU A 642 -30.71 -1.58 24.29
CA GLU A 642 -30.98 -3.00 24.33
C GLU A 642 -32.35 -3.31 24.90
N MET A 643 -32.81 -2.53 25.88
CA MET A 643 -34.09 -2.82 26.52
C MET A 643 -35.25 -2.49 25.59
N GLY A 644 -36.39 -3.12 25.85
CA GLY A 644 -37.59 -2.92 25.06
C GLY A 644 -38.45 -1.80 25.60
N GLU A 645 -39.63 -1.66 24.99
CA GLU A 645 -40.56 -0.61 25.39
C GLU A 645 -41.11 -0.83 26.79
N SER A 646 -41.19 -2.08 27.24
CA SER A 646 -41.78 -2.37 28.55
C SER A 646 -40.82 -2.03 29.68
N SER A 647 -39.52 -2.22 29.46
CA SER A 647 -38.52 -2.01 30.51
C SER A 647 -38.11 -0.57 30.67
N LEU A 648 -38.66 0.35 29.88
CA LEU A 648 -38.28 1.75 29.98
C LEU A 648 -38.71 2.29 31.34
N PRO A 649 -37.90 3.15 31.95
CA PRO A 649 -38.28 3.72 33.25
C PRO A 649 -39.47 4.66 33.14
N ASP A 650 -40.16 4.82 34.27
CA ASP A 650 -41.28 5.76 34.32
C ASP A 650 -40.81 7.17 34.02
N GLY A 651 -41.59 7.89 33.21
CA GLY A 651 -41.22 9.20 32.74
C GLY A 651 -40.50 9.21 31.41
N LEU A 652 -40.02 8.06 30.94
CA LEU A 652 -39.38 7.91 29.65
C LEU A 652 -40.31 7.14 28.73
N ILE A 653 -41.02 7.87 27.87
CA ILE A 653 -41.97 7.25 26.97
C ILE A 653 -41.40 7.23 25.55
N PRO A 654 -41.64 6.19 24.76
CA PRO A 654 -41.16 6.19 23.38
C PRO A 654 -41.69 7.39 22.61
N TYR A 655 -40.81 8.01 21.83
CA TYR A 655 -41.19 9.17 21.03
C TYR A 655 -41.65 8.67 19.67
N LYS A 656 -42.95 8.51 19.52
CA LYS A 656 -43.55 8.00 18.28
C LYS A 656 -43.89 9.11 17.31
N PHE A 657 -43.58 10.36 17.65
CA PHE A 657 -43.85 11.50 16.78
C PHE A 657 -42.68 11.83 15.86
N PHE A 658 -41.65 10.99 15.82
CA PHE A 658 -40.51 11.21 14.95
C PHE A 658 -40.96 11.30 13.49
N GLU A 659 -40.80 12.48 12.90
CA GLU A 659 -41.29 12.72 11.54
C GLU A 659 -40.52 11.88 10.54
N GLU A 660 -41.23 11.36 9.55
CA GLU A 660 -40.60 10.52 8.54
C GLU A 660 -39.68 11.34 7.64
N ARG A 661 -38.84 10.63 6.89
CA ARG A 661 -37.77 11.27 6.14
C ARG A 661 -38.30 12.30 5.14
N GLU A 662 -39.42 11.99 4.50
CA GLU A 662 -39.98 12.90 3.50
C GLU A 662 -40.66 14.11 4.13
N CYS A 663 -40.97 14.06 5.42
CA CYS A 663 -41.64 15.18 6.07
C CYS A 663 -40.70 16.34 6.36
N LEU A 664 -39.41 16.07 6.57
CA LEU A 664 -38.46 17.11 6.96
C LEU A 664 -38.16 18.02 5.77
N PHE A 665 -38.63 19.26 5.83
CA PHE A 665 -38.27 20.25 4.82
C PHE A 665 -36.76 20.49 4.73
N PRO A 666 -36.03 20.70 5.83
CA PRO A 666 -34.58 20.91 5.69
C PRO A 666 -33.84 19.72 5.13
N TYR A 667 -34.36 18.51 5.34
CA TYR A 667 -33.71 17.33 4.78
C TYR A 667 -33.76 17.32 3.26
N LYS A 668 -34.95 17.52 2.69
CA LYS A 668 -35.06 17.50 1.24
C LYS A 668 -34.47 18.75 0.60
N GLU A 669 -34.52 19.89 1.29
CA GLU A 669 -34.04 21.12 0.67
C GLU A 669 -32.56 21.37 0.90
N ASN A 670 -31.97 20.77 1.93
CA ASN A 670 -30.57 21.01 2.25
C ASN A 670 -29.75 19.74 2.40
N LEU A 671 -30.32 18.67 2.93
CA LEU A 671 -29.53 17.48 3.23
C LEU A 671 -29.58 16.42 2.14
N LYS A 672 -30.78 16.12 1.62
CA LYS A 672 -30.90 15.17 0.52
C LYS A 672 -30.04 15.52 -0.69
N PRO A 673 -30.03 16.75 -1.20
CA PRO A 673 -29.15 17.06 -2.34
C PRO A 673 -27.74 17.44 -1.97
N GLN A 674 -27.37 17.39 -0.69
CA GLN A 674 -26.06 17.84 -0.26
C GLN A 674 -24.95 16.99 -0.87
N TRP A 675 -25.14 15.67 -0.89
CA TRP A 675 -24.18 14.75 -1.51
C TRP A 675 -24.95 13.82 -2.44
N SER A 676 -24.72 13.94 -3.73
CA SER A 676 -25.37 13.11 -4.72
C SER A 676 -24.49 11.90 -5.02
N GLU A 677 -25.06 10.70 -4.86
CA GLU A 677 -24.30 9.46 -5.02
C GLU A 677 -24.30 9.06 -6.50
N VAL A 678 -23.13 9.10 -7.12
CA VAL A 678 -22.94 8.54 -8.45
C VAL A 678 -22.22 7.21 -8.25
N GLN A 679 -22.96 6.12 -8.40
CA GLN A 679 -22.45 4.78 -8.23
C GLN A 679 -22.35 4.10 -9.58
N TYR A 680 -21.25 3.38 -9.81
CA TYR A 680 -21.04 2.70 -11.07
C TYR A 680 -20.27 1.41 -10.81
N THR A 681 -20.08 0.64 -11.86
CA THR A 681 -19.34 -0.61 -11.81
C THR A 681 -18.32 -0.62 -12.93
N ILE A 682 -17.06 -0.88 -12.59
CA ILE A 682 -15.97 -0.98 -13.54
C ILE A 682 -15.79 -2.45 -13.89
N GLU A 683 -15.92 -2.78 -15.18
CA GLU A 683 -15.63 -4.13 -15.67
C GLU A 683 -14.19 -4.14 -16.17
N VAL A 684 -13.33 -4.82 -15.42
CA VAL A 684 -11.92 -4.94 -15.77
C VAL A 684 -11.74 -6.26 -16.51
N GLY A 685 -11.42 -6.18 -17.80
CA GLY A 685 -11.23 -7.33 -18.64
C GLY A 685 -9.84 -7.94 -18.59
N SER A 686 -9.00 -7.48 -17.67
CA SER A 686 -7.64 -7.96 -17.50
C SER A 686 -7.39 -8.17 -16.02
N PRO A 687 -6.38 -8.97 -15.66
CA PRO A 687 -6.05 -9.13 -14.23
C PRO A 687 -5.72 -7.79 -13.59
N LEU A 688 -6.18 -7.61 -12.36
CA LEU A 688 -6.07 -6.34 -11.66
C LEU A 688 -5.20 -6.50 -10.42
N LEU A 689 -4.16 -5.69 -10.32
CA LEU A 689 -3.23 -5.76 -9.20
C LEU A 689 -3.03 -4.36 -8.61
N THR A 690 -3.77 -4.06 -7.55
CA THR A 690 -3.48 -2.92 -6.69
C THR A 690 -2.57 -3.46 -5.61
N ALA A 691 -1.26 -3.37 -5.85
CA ALA A 691 -0.29 -4.14 -5.09
C ALA A 691 -0.36 -3.83 -3.60
N ASP A 692 -0.26 -4.88 -2.79
CA ASP A 692 -0.15 -4.78 -1.33
C ASP A 692 1.05 -5.64 -0.94
N THR A 693 2.24 -5.06 -1.01
CA THR A 693 3.46 -5.83 -0.80
C THR A 693 3.69 -6.13 0.67
N ILE A 694 3.35 -5.20 1.56
CA ILE A 694 3.59 -5.39 2.99
C ILE A 694 2.78 -6.58 3.50
N SER A 695 1.52 -6.69 3.07
CA SER A 695 0.72 -7.86 3.44
C SER A 695 1.26 -9.12 2.80
N ALA A 696 1.74 -9.03 1.56
CA ALA A 696 2.31 -10.19 0.88
C ALA A 696 3.54 -10.72 1.62
N LEU A 697 4.28 -9.83 2.29
CA LEU A 697 5.44 -10.29 3.06
C LEU A 697 5.03 -11.10 4.28
N THR A 698 3.84 -10.86 4.82
CA THR A 698 3.38 -11.52 6.03
C THR A 698 2.34 -12.61 5.75
N GLU A 699 2.11 -12.95 4.49
CA GLU A 699 1.07 -13.91 4.17
C GLU A 699 1.65 -15.12 3.43
N PRO A 700 1.08 -16.29 3.62
CA PRO A 700 1.61 -17.49 2.97
C PRO A 700 1.49 -17.42 1.46
N GLY A 701 2.45 -18.06 0.78
CA GLY A 701 2.49 -18.11 -0.68
C GLY A 701 3.77 -17.54 -1.26
N ASN A 702 4.39 -16.60 -0.55
CA ASN A 702 5.63 -15.95 -1.00
C ASN A 702 5.44 -15.31 -2.37
N ARG A 703 4.53 -14.34 -2.41
CA ARG A 703 4.26 -13.57 -3.61
C ARG A 703 4.85 -12.17 -3.44
N ASP A 704 5.51 -11.68 -4.49
CA ASP A 704 6.18 -10.39 -4.39
C ASP A 704 5.17 -9.25 -4.30
N ALA A 705 4.02 -9.38 -4.95
CA ALA A 705 2.96 -8.38 -4.85
C ALA A 705 1.61 -9.08 -4.97
N ILE A 706 0.73 -8.81 -4.02
CA ILE A 706 -0.61 -9.38 -4.04
C ILE A 706 -1.62 -8.23 -4.14
N ALA A 707 -2.84 -8.59 -4.55
CA ALA A 707 -3.90 -7.60 -4.66
C ALA A 707 -4.32 -7.09 -3.29
N TYR A 708 -4.69 -5.81 -3.24
CA TYR A 708 -5.10 -5.21 -1.98
C TYR A 708 -6.45 -5.78 -1.54
N LYS A 709 -6.54 -6.15 -0.27
CA LYS A 709 -7.79 -6.61 0.32
C LYS A 709 -7.99 -5.92 1.66
N LYS A 710 -9.24 -5.66 2.00
CA LYS A 710 -9.58 -4.90 3.19
C LYS A 710 -10.29 -5.79 4.20
N ARG A 711 -10.16 -5.43 5.47
CA ARG A 711 -10.90 -6.08 6.54
C ARG A 711 -12.22 -5.37 6.75
N VAL A 712 -13.32 -6.13 6.69
CA VAL A 712 -14.66 -5.59 6.86
C VAL A 712 -15.26 -6.20 8.12
N TYR A 713 -15.84 -5.37 8.96
CA TYR A 713 -16.44 -5.82 10.21
C TYR A 713 -17.88 -6.25 9.96
N ASN A 714 -18.20 -7.48 10.35
CA ASN A 714 -19.56 -8.01 10.23
C ASN A 714 -20.26 -7.83 11.56
N ASP A 715 -21.25 -6.94 11.60
CA ASP A 715 -21.97 -6.67 12.84
C ASP A 715 -22.70 -7.92 13.34
N GLY A 716 -23.35 -8.64 12.42
CA GLY A 716 -24.09 -9.82 12.82
C GLY A 716 -23.22 -10.87 13.48
N ASN A 717 -22.06 -11.14 12.91
CA ASN A 717 -21.10 -12.05 13.51
C ASN A 717 -20.27 -11.40 14.61
N ASN A 718 -20.31 -10.07 14.72
CA ASN A 718 -19.55 -9.32 15.72
C ASN A 718 -18.06 -9.57 15.61
N ALA A 719 -17.57 -9.77 14.38
CA ALA A 719 -16.15 -10.02 14.16
C ALA A 719 -15.82 -9.67 12.72
N ILE A 720 -14.51 -9.55 12.45
CA ILE A 720 -14.05 -9.32 11.09
C ILE A 720 -14.44 -10.51 10.23
N GLU A 721 -14.93 -10.22 9.02
CA GLU A 721 -15.30 -11.29 8.11
C GLU A 721 -14.09 -12.16 7.80
N PRO A 722 -14.21 -13.50 7.75
CA PRO A 722 -13.03 -14.32 7.56
C PRO A 722 -12.35 -14.05 6.22
N GLU A 723 -13.12 -13.94 5.14
CA GLU A 723 -12.45 -13.69 3.83
C GLU A 723 -12.50 -12.20 3.53
N PRO A 724 -11.34 -11.53 3.39
CA PRO A 724 -11.28 -10.10 3.12
C PRO A 724 -11.87 -9.72 1.76
N ARG A 725 -12.39 -8.50 1.71
CA ARG A 725 -13.00 -7.96 0.48
C ARG A 725 -11.93 -7.29 -0.34
N PHE A 726 -11.67 -7.80 -1.53
CA PHE A 726 -10.77 -7.15 -2.46
C PHE A 726 -11.40 -5.86 -2.97
N ALA A 727 -10.58 -4.83 -3.12
CA ALA A 727 -11.09 -3.54 -3.56
C ALA A 727 -9.96 -2.70 -4.12
N VAL A 728 -10.29 -1.87 -5.10
CA VAL A 728 -9.42 -0.78 -5.52
C VAL A 728 -9.67 0.38 -4.56
N LYS A 729 -8.60 0.86 -3.93
CA LYS A 729 -8.73 1.77 -2.80
C LYS A 729 -9.44 3.06 -3.21
N SER A 730 -10.24 3.60 -2.28
CA SER A 730 -10.85 4.90 -2.50
C SER A 730 -9.78 5.96 -2.75
N GLU A 731 -8.61 5.80 -2.16
CA GLU A 731 -7.49 6.68 -2.47
C GLU A 731 -7.03 6.50 -3.91
N THR A 732 -6.88 5.24 -4.35
CA THR A 732 -6.51 4.98 -5.73
C THR A 732 -7.59 5.43 -6.70
N HIS A 733 -8.85 5.16 -6.36
CA HIS A 733 -9.97 5.60 -7.19
C HIS A 733 -9.99 7.12 -7.33
N ARG A 734 -9.86 7.82 -6.20
CA ARG A 734 -9.86 9.27 -6.21
C ARG A 734 -8.69 9.82 -6.99
N GLY A 735 -7.51 9.22 -6.84
CA GLY A 735 -6.35 9.69 -7.58
C GLY A 735 -6.48 9.46 -9.07
N ILE A 736 -7.07 8.33 -9.46
CA ILE A 736 -7.31 8.08 -10.88
C ILE A 736 -8.24 9.13 -11.45
N PHE A 737 -9.33 9.42 -10.74
CA PHE A 737 -10.26 10.45 -11.20
C PHE A 737 -9.60 11.82 -11.26
N ARG A 738 -8.81 12.15 -10.23
CA ARG A 738 -8.14 13.45 -10.20
C ARG A 738 -7.15 13.59 -11.33
N THR A 739 -6.38 12.54 -11.61
CA THR A 739 -5.44 12.57 -12.72
C THR A 739 -6.17 12.68 -14.05
N ALA A 740 -7.29 11.98 -14.20
CA ALA A 740 -8.09 12.09 -15.42
C ALA A 740 -8.56 13.53 -15.63
N VAL A 741 -9.11 14.14 -14.59
CA VAL A 741 -9.63 15.50 -14.72
C VAL A 741 -8.49 16.47 -15.01
N GLY A 742 -7.37 16.33 -14.31
CA GLY A 742 -6.25 17.23 -14.52
C GLY A 742 -5.66 17.12 -15.91
N ARG A 743 -5.52 15.89 -16.41
CA ARG A 743 -5.00 15.70 -17.76
C ARG A 743 -5.97 16.23 -18.81
N ARG A 744 -7.27 16.04 -18.60
CA ARG A 744 -8.24 16.55 -19.56
C ARG A 744 -8.31 18.07 -19.53
N THR A 745 -8.00 18.68 -18.39
CA THR A 745 -8.06 20.13 -18.27
C THR A 745 -6.70 20.81 -18.32
N GLY A 746 -5.61 20.06 -18.17
CA GLY A 746 -4.28 20.64 -18.11
C GLY A 746 -3.89 21.16 -16.74
N ASP A 747 -4.76 21.04 -15.73
CA ASP A 747 -4.43 21.52 -14.40
C ASP A 747 -3.40 20.63 -13.70
N LEU A 748 -3.34 19.35 -14.08
CA LEU A 748 -2.34 18.46 -13.51
C LEU A 748 -0.93 18.93 -13.82
N GLY A 749 -0.74 19.63 -14.94
CA GLY A 749 0.57 20.12 -15.32
C GLY A 749 1.04 21.35 -14.59
N LYS A 750 0.18 21.97 -13.79
CA LYS A 750 0.59 23.14 -13.01
C LYS A 750 1.63 22.74 -11.97
N GLU A 751 2.69 23.55 -11.86
CA GLU A 751 3.82 23.20 -11.00
C GLU A 751 3.40 23.14 -9.53
N ASP A 752 2.61 24.11 -9.08
CA ASP A 752 2.11 24.12 -7.71
C ASP A 752 0.68 24.63 -7.71
N HIS A 753 -0.09 24.19 -6.72
CA HIS A 753 -1.50 24.53 -6.58
C HIS A 753 -1.74 25.35 -5.31
N GLU A 754 -0.81 26.25 -5.00
CA GLU A 754 -0.94 27.12 -3.84
C GLU A 754 -1.79 28.34 -4.21
N ASP A 755 -2.84 28.58 -3.43
CA ASP A 755 -3.79 29.66 -3.70
C ASP A 755 -4.35 29.55 -5.11
N CYS A 756 -4.67 28.32 -5.52
CA CYS A 756 -5.13 28.03 -6.86
C CYS A 756 -6.65 27.88 -6.90
N THR A 757 -7.20 28.03 -8.11
CA THR A 757 -8.65 27.96 -8.29
C THR A 757 -9.02 27.15 -9.54
N CYS A 758 -8.09 26.37 -10.08
CA CYS A 758 -8.35 25.59 -11.28
C CYS A 758 -9.48 24.59 -11.05
N ASP A 759 -9.97 24.02 -12.16
CA ASP A 759 -11.08 23.08 -12.08
C ASP A 759 -10.71 21.85 -11.25
N MET A 760 -9.50 21.32 -11.44
CA MET A 760 -9.07 20.17 -10.65
C MET A 760 -9.02 20.50 -9.17
N CYS A 761 -8.50 21.68 -8.82
CA CYS A 761 -8.41 22.07 -7.42
C CYS A 761 -9.79 22.32 -6.83
N ILE A 762 -10.69 22.93 -7.60
CA ILE A 762 -12.04 23.17 -7.11
C ILE A 762 -12.75 21.84 -6.85
N ILE A 763 -12.66 20.92 -7.80
CA ILE A 763 -13.37 19.64 -7.67
C ILE A 763 -12.77 18.80 -6.55
N PHE A 764 -11.44 18.69 -6.52
CA PHE A 764 -10.77 17.72 -5.67
C PHE A 764 -10.11 18.32 -4.45
N GLY A 765 -10.21 19.64 -4.25
CA GLY A 765 -9.72 20.22 -3.02
C GLY A 765 -8.29 20.71 -3.08
N ASN A 766 -8.06 21.90 -2.53
CA ASN A 766 -6.74 22.49 -2.43
C ASN A 766 -6.16 22.22 -1.04
N GLU A 767 -5.06 22.90 -0.72
CA GLU A 767 -4.56 22.89 0.64
C GLU A 767 -5.44 23.69 1.58
N HIS A 768 -6.32 24.55 1.06
CA HIS A 768 -7.22 25.32 1.91
C HIS A 768 -8.67 24.84 1.80
N GLU A 769 -9.22 24.69 0.60
CA GLU A 769 -10.58 24.22 0.49
C GLU A 769 -10.63 22.70 0.65
N SER A 770 -11.82 22.13 0.50
CA SER A 770 -12.04 20.70 0.61
C SER A 770 -12.60 20.17 -0.71
N SER A 771 -12.43 18.87 -0.91
CA SER A 771 -12.95 18.23 -2.11
C SER A 771 -14.46 18.37 -2.20
N LYS A 772 -14.95 18.75 -3.37
CA LYS A 772 -16.37 18.70 -3.66
C LYS A 772 -16.81 17.32 -4.09
N ILE A 773 -15.91 16.35 -4.12
CA ILE A 773 -16.19 15.00 -4.57
C ILE A 773 -15.51 14.03 -3.61
N ARG A 774 -16.25 13.01 -3.18
CA ARG A 774 -15.81 12.09 -2.14
C ARG A 774 -15.86 10.67 -2.70
N PHE A 775 -14.70 10.06 -2.91
CA PHE A 775 -14.62 8.75 -3.54
C PHE A 775 -14.54 7.64 -2.50
N GLU A 776 -15.25 6.56 -2.75
CA GLU A 776 -15.22 5.38 -1.90
C GLU A 776 -14.57 4.22 -2.64
N ASP A 777 -14.34 3.14 -1.90
CA ASP A 777 -13.60 2.01 -2.42
C ASP A 777 -14.35 1.34 -3.56
N LEU A 778 -13.58 0.81 -4.51
CA LEU A 778 -14.12 0.03 -5.62
C LEU A 778 -14.17 -1.44 -5.20
N GLU A 779 -15.24 -1.77 -4.49
CA GLU A 779 -15.37 -3.12 -3.93
C GLU A 779 -15.56 -4.14 -5.05
N LEU A 780 -14.77 -5.21 -5.01
CA LEU A 780 -14.91 -6.27 -6.00
C LEU A 780 -16.14 -7.09 -5.67
N ILE A 781 -17.12 -7.11 -6.58
CA ILE A 781 -18.39 -7.78 -6.35
C ILE A 781 -18.53 -9.07 -7.14
N ASN A 782 -17.59 -9.39 -8.03
CA ASN A 782 -17.63 -10.61 -8.82
C ASN A 782 -16.79 -11.72 -8.22
N GLY A 783 -16.23 -11.52 -7.02
CA GLY A 783 -15.26 -12.47 -6.49
C GLY A 783 -15.81 -13.87 -6.30
N ASN A 784 -17.10 -13.99 -5.99
CA ASN A 784 -17.69 -15.31 -5.80
C ASN A 784 -17.68 -16.12 -7.09
N GLU A 785 -17.82 -15.46 -8.24
CA GLU A 785 -17.90 -16.18 -9.50
C GLU A 785 -16.61 -16.90 -9.83
N PHE A 786 -15.47 -16.29 -9.54
CA PHE A 786 -14.18 -16.86 -9.93
C PHE A 786 -13.84 -18.06 -9.06
N GLU A 787 -13.56 -19.20 -9.69
CA GLU A 787 -13.14 -20.38 -8.95
C GLU A 787 -11.78 -20.17 -8.31
N LYS A 788 -10.88 -19.45 -8.99
CA LYS A 788 -9.59 -19.05 -8.44
C LYS A 788 -9.51 -17.53 -8.62
N LEU A 789 -9.88 -16.80 -7.56
CA LEU A 789 -10.03 -15.35 -7.68
C LEU A 789 -8.71 -14.68 -8.01
N GLU A 790 -7.63 -15.09 -7.36
CA GLU A 790 -6.32 -14.47 -7.55
C GLU A 790 -5.46 -15.35 -8.44
N LYS A 791 -4.96 -14.76 -9.52
CA LYS A 791 -4.09 -15.44 -10.47
C LYS A 791 -2.64 -15.18 -10.13
N HIS A 792 -1.81 -16.21 -10.23
CA HIS A 792 -0.37 -16.07 -10.01
C HIS A 792 0.30 -15.93 -11.38
N ILE A 793 0.87 -14.75 -11.64
CA ILE A 793 1.50 -14.47 -12.92
C ILE A 793 2.98 -14.22 -12.65
N ASP A 794 3.82 -15.15 -13.11
CA ASP A 794 5.27 -14.95 -12.99
C ASP A 794 5.74 -13.97 -14.05
N HIS A 795 6.69 -13.13 -13.68
CA HIS A 795 7.32 -12.19 -14.59
C HIS A 795 8.82 -12.29 -14.46
N VAL A 796 9.53 -11.97 -15.54
CA VAL A 796 10.98 -12.01 -15.55
C VAL A 796 11.47 -10.91 -16.48
N ALA A 797 12.72 -10.50 -16.29
CA ALA A 797 13.39 -9.55 -17.17
C ALA A 797 14.49 -10.28 -17.92
N ILE A 798 14.48 -10.16 -19.24
CA ILE A 798 15.42 -10.88 -20.10
C ILE A 798 16.58 -9.96 -20.43
N ASP A 799 17.79 -10.43 -20.17
CA ASP A 799 18.98 -9.67 -20.54
C ASP A 799 18.99 -9.41 -22.04
N ARG A 800 19.35 -8.19 -22.42
CA ARG A 800 19.34 -7.83 -23.82
C ARG A 800 20.47 -8.53 -24.57
N PHE A 801 21.65 -8.63 -23.95
CA PHE A 801 22.78 -9.27 -24.61
C PHE A 801 22.56 -10.78 -24.73
N THR A 802 22.14 -11.43 -23.65
CA THR A 802 21.86 -12.85 -23.63
C THR A 802 20.40 -13.08 -23.34
N GLY A 803 19.73 -13.85 -24.19
CA GLY A 803 18.29 -14.07 -24.08
C GLY A 803 17.81 -14.68 -22.78
N GLY A 804 18.74 -14.96 -21.86
CA GLY A 804 18.37 -15.48 -20.56
C GLY A 804 17.90 -14.40 -19.61
N ALA A 805 17.40 -14.85 -18.47
CA ALA A 805 16.86 -13.94 -17.47
C ALA A 805 17.97 -13.11 -16.83
N LEU A 806 17.58 -11.94 -16.31
CA LEU A 806 18.50 -11.12 -15.56
C LEU A 806 18.86 -11.81 -14.24
N ASP A 807 19.98 -11.39 -13.65
CA ASP A 807 20.53 -12.09 -12.50
C ASP A 807 19.56 -12.07 -11.32
N LYS A 808 18.93 -10.93 -11.05
CA LYS A 808 18.05 -10.81 -9.89
C LYS A 808 16.63 -10.41 -10.25
N ALA A 809 16.32 -10.20 -11.52
CA ALA A 809 15.01 -9.67 -11.93
C ALA A 809 14.08 -10.81 -12.34
N LYS A 810 13.60 -11.53 -11.34
CA LYS A 810 12.56 -12.53 -11.52
C LYS A 810 11.58 -12.39 -10.37
N PHE A 811 10.29 -12.28 -10.69
CA PHE A 811 9.30 -12.02 -9.65
C PHE A 811 7.98 -12.64 -10.06
N ASP A 812 6.94 -12.37 -9.27
CA ASP A 812 5.61 -12.87 -9.56
C ASP A 812 4.61 -11.95 -8.89
N THR A 813 3.47 -11.77 -9.55
CA THR A 813 2.39 -10.96 -9.04
C THR A 813 1.17 -11.84 -8.79
N TYR A 814 0.28 -11.35 -7.94
CA TYR A 814 -0.94 -12.07 -7.57
C TYR A 814 -2.14 -11.15 -7.76
N PRO A 815 -2.46 -10.79 -9.00
CA PRO A 815 -3.62 -9.94 -9.25
C PRO A 815 -4.92 -10.74 -9.14
N LEU A 816 -6.04 -10.03 -9.25
CA LEU A 816 -7.33 -10.69 -9.33
C LEU A 816 -7.56 -11.16 -10.75
N ALA A 817 -8.01 -12.40 -10.91
CA ALA A 817 -8.02 -13.05 -12.21
C ALA A 817 -9.09 -12.47 -13.14
N GLY A 818 -8.88 -11.25 -13.63
CA GLY A 818 -9.80 -10.68 -14.59
C GLY A 818 -9.55 -11.22 -15.99
N SER A 819 -10.62 -11.19 -16.80
CA SER A 819 -10.55 -11.71 -18.16
C SER A 819 -11.66 -11.06 -18.97
N PRO A 820 -11.52 -10.97 -20.30
CA PRO A 820 -12.61 -10.37 -21.09
C PRO A 820 -13.91 -11.13 -21.00
N LYS A 821 -13.87 -12.46 -20.85
CA LYS A 821 -15.09 -13.24 -20.75
C LYS A 821 -15.64 -13.25 -19.33
N LYS A 822 -14.79 -13.10 -18.33
CA LYS A 822 -15.21 -13.01 -16.93
C LYS A 822 -14.55 -11.79 -16.30
N PRO A 823 -15.01 -10.59 -16.65
CA PRO A 823 -14.37 -9.39 -16.11
C PRO A 823 -14.59 -9.23 -14.63
N LEU A 824 -13.62 -8.59 -13.97
CA LEU A 824 -13.79 -8.23 -12.57
C LEU A 824 -14.72 -7.05 -12.46
N LYS A 825 -15.79 -7.21 -11.69
CA LYS A 825 -16.78 -6.16 -11.51
C LYS A 825 -16.48 -5.44 -10.20
N LEU A 826 -15.99 -4.20 -10.30
CA LEU A 826 -15.65 -3.37 -9.14
C LEU A 826 -16.73 -2.31 -9.02
N LYS A 827 -17.63 -2.50 -8.06
CA LYS A 827 -18.67 -1.51 -7.79
C LYS A 827 -18.10 -0.43 -6.90
N GLY A 828 -18.16 0.81 -7.35
CA GLY A 828 -17.66 1.92 -6.58
C GLY A 828 -18.50 3.15 -6.81
N ARG A 829 -18.56 4.01 -5.81
CA ARG A 829 -19.38 5.21 -5.87
C ARG A 829 -18.59 6.42 -5.40
N PHE A 830 -18.97 7.58 -5.91
CA PHE A 830 -18.44 8.84 -5.42
C PHE A 830 -19.59 9.83 -5.22
N TRP A 831 -19.43 10.69 -4.22
CA TRP A 831 -20.44 11.65 -3.82
C TRP A 831 -20.07 13.01 -4.35
N ILE A 832 -21.01 13.67 -5.01
CA ILE A 832 -20.82 14.98 -5.60
C ILE A 832 -21.46 16.03 -4.69
N LYS A 833 -20.70 17.07 -4.40
CA LYS A 833 -21.20 18.15 -3.54
C LYS A 833 -22.36 18.88 -4.21
N LYS A 834 -23.28 19.37 -3.40
CA LYS A 834 -24.40 20.15 -3.91
C LYS A 834 -23.90 21.43 -4.55
N GLY A 835 -24.60 21.88 -5.59
CA GLY A 835 -24.19 23.07 -6.30
C GLY A 835 -22.97 22.88 -7.18
N PHE A 836 -22.69 21.64 -7.56
CA PHE A 836 -21.57 21.37 -8.46
C PHE A 836 -21.81 22.04 -9.81
N SER A 837 -20.79 22.72 -10.31
CA SER A 837 -20.93 23.44 -11.57
C SER A 837 -21.17 22.46 -12.73
N GLY A 838 -21.90 22.94 -13.74
CA GLY A 838 -22.11 22.14 -14.93
C GLY A 838 -20.81 21.82 -15.63
N ASP A 839 -19.86 22.77 -15.62
CA ASP A 839 -18.53 22.51 -16.16
C ASP A 839 -17.86 21.38 -15.38
N HIS A 840 -17.92 21.45 -14.04
CA HIS A 840 -17.28 20.42 -13.22
C HIS A 840 -18.01 19.09 -13.32
N LYS A 841 -19.35 19.12 -13.41
CA LYS A 841 -20.08 17.88 -13.59
C LYS A 841 -19.74 17.23 -14.93
N LEU A 842 -19.62 18.03 -15.98
CA LEU A 842 -19.20 17.51 -17.29
C LEU A 842 -17.79 16.97 -17.22
N LEU A 843 -16.91 17.62 -16.46
CA LEU A 843 -15.56 17.11 -16.28
C LEU A 843 -15.57 15.77 -15.59
N ILE A 844 -16.40 15.61 -14.56
CA ILE A 844 -16.49 14.34 -13.85
C ILE A 844 -17.02 13.25 -14.78
N THR A 845 -18.04 13.56 -15.56
CA THR A 845 -18.58 12.58 -16.50
C THR A 845 -17.55 12.20 -17.57
N THR A 846 -16.78 13.19 -18.05
CA THR A 846 -15.74 12.91 -19.04
C THR A 846 -14.64 12.04 -18.43
N ALA A 847 -14.25 12.29 -17.18
CA ALA A 847 -13.29 11.43 -16.52
C ALA A 847 -13.82 10.01 -16.37
N LEU A 848 -15.10 9.88 -15.99
CA LEU A 848 -15.71 8.57 -15.90
C LEU A 848 -15.72 7.85 -17.23
N SER A 849 -15.97 8.59 -18.33
CA SER A 849 -15.90 8.01 -19.65
C SER A 849 -14.48 7.59 -20.01
N ASP A 850 -13.49 8.39 -19.60
CA ASP A 850 -12.09 8.04 -19.85
C ASP A 850 -11.73 6.75 -19.15
N ILE A 851 -12.20 6.56 -17.91
CA ILE A 851 -12.04 5.27 -17.25
C ILE A 851 -12.77 4.19 -18.05
N ARG A 852 -13.99 4.49 -18.52
CA ARG A 852 -14.74 3.54 -19.33
C ARG A 852 -14.00 3.20 -20.61
N ASP A 853 -13.41 4.21 -21.26
CA ASP A 853 -12.68 4.00 -22.50
C ASP A 853 -11.31 3.35 -22.28
N GLY A 854 -10.98 2.96 -21.05
CA GLY A 854 -9.73 2.26 -20.79
C GLY A 854 -8.50 3.13 -20.72
N LEU A 855 -8.66 4.45 -20.66
CA LEU A 855 -7.49 5.33 -20.64
C LEU A 855 -6.66 5.14 -19.38
N TYR A 856 -7.32 4.93 -18.24
CA TYR A 856 -6.63 4.83 -16.95
C TYR A 856 -6.83 3.45 -16.35
N PRO A 857 -5.87 2.54 -16.48
CA PRO A 857 -5.98 1.25 -15.81
C PRO A 857 -5.89 1.39 -14.30
N LEU A 858 -6.57 0.48 -13.60
CA LEU A 858 -6.57 0.47 -12.15
C LEU A 858 -5.41 -0.38 -11.62
N GLY A 859 -4.83 0.05 -10.51
CA GLY A 859 -3.75 -0.69 -9.91
C GLY A 859 -2.43 -0.52 -10.63
N SER A 860 -1.51 -1.43 -10.35
CA SER A 860 -0.17 -1.38 -10.90
C SER A 860 -0.06 -2.21 -12.17
N LYS A 861 1.10 -2.10 -12.82
CA LYS A 861 1.42 -2.84 -14.04
C LYS A 861 0.38 -2.59 -15.15
N GLY A 862 -0.15 -1.38 -15.21
CA GLY A 862 -1.07 -1.05 -16.28
C GLY A 862 -0.42 -1.09 -17.65
N GLY A 863 0.84 -0.69 -17.72
CA GLY A 863 1.59 -0.77 -18.96
C GLY A 863 1.91 -2.19 -19.39
N VAL A 864 1.86 -3.13 -18.45
CA VAL A 864 2.05 -4.55 -18.76
C VAL A 864 0.73 -5.24 -19.07
N GLY A 865 -0.39 -4.58 -18.83
CA GLY A 865 -1.70 -5.13 -19.14
C GLY A 865 -2.59 -5.32 -17.93
N TYR A 866 -2.14 -4.98 -16.72
CA TYR A 866 -2.93 -5.21 -15.52
C TYR A 866 -3.96 -4.11 -15.32
N GLY A 867 -5.14 -4.51 -14.86
CA GLY A 867 -6.15 -3.55 -14.48
C GLY A 867 -6.76 -2.77 -15.61
N TRP A 868 -6.71 -3.29 -16.84
CA TRP A 868 -7.28 -2.59 -17.97
C TRP A 868 -8.81 -2.62 -17.89
N VAL A 869 -9.42 -1.45 -17.91
CA VAL A 869 -10.87 -1.33 -17.74
C VAL A 869 -11.54 -1.67 -19.08
N ALA A 870 -12.29 -2.77 -19.09
CA ALA A 870 -13.01 -3.16 -20.31
C ALA A 870 -14.25 -2.31 -20.51
N GLY A 871 -14.93 -1.93 -19.43
CA GLY A 871 -16.13 -1.13 -19.57
C GLY A 871 -16.55 -0.53 -18.24
N ILE A 872 -17.63 0.24 -18.30
CA ILE A 872 -18.19 0.88 -17.11
C ILE A 872 -19.71 0.91 -17.25
N SER A 873 -20.41 0.49 -16.21
CA SER A 873 -21.87 0.50 -16.15
C SER A 873 -22.31 1.50 -15.09
N ILE A 874 -23.00 2.55 -15.52
CA ILE A 874 -23.49 3.58 -14.61
C ILE A 874 -24.84 3.14 -14.05
N ASP A 875 -25.02 3.34 -12.75
CA ASP A 875 -26.27 2.95 -12.10
C ASP A 875 -27.44 3.78 -12.63
N ASP A 876 -28.62 3.16 -12.65
CA ASP A 876 -29.81 3.83 -13.19
C ASP A 876 -30.17 5.06 -12.37
N ASN A 877 -30.07 4.96 -11.05
CA ASN A 877 -30.46 6.04 -10.15
C ASN A 877 -29.34 7.04 -9.90
N VAL A 878 -28.37 7.13 -10.80
CA VAL A 878 -27.27 8.07 -10.65
C VAL A 878 -27.76 9.51 -10.82
N ILE A 905 -5.10 -3.34 -42.79
CA ILE A 905 -3.81 -2.69 -42.60
C ILE A 905 -2.70 -3.73 -42.60
N ASN A 906 -1.81 -3.66 -43.59
CA ASN A 906 -0.71 -4.60 -43.72
C ASN A 906 0.54 -3.87 -44.17
N ASN A 907 1.69 -4.39 -43.78
CA ASN A 907 2.98 -3.92 -44.25
C ASN A 907 3.42 -4.81 -45.39
N ASP A 908 3.58 -4.21 -46.58
CA ASP A 908 3.87 -4.96 -47.80
C ASP A 908 5.36 -5.13 -48.04
N TYR A 909 6.20 -4.74 -47.09
CA TYR A 909 7.63 -4.97 -47.20
C TYR A 909 7.91 -6.47 -47.31
N VAL A 910 8.71 -6.85 -48.29
CA VAL A 910 9.26 -8.19 -48.41
C VAL A 910 10.77 -8.08 -48.24
N HIS A 911 11.29 -8.64 -47.16
CA HIS A 911 12.72 -8.57 -46.94
C HIS A 911 13.46 -9.53 -47.86
N PRO A 912 14.63 -9.15 -48.35
CA PRO A 912 15.40 -10.07 -49.20
C PRO A 912 15.81 -11.35 -48.50
N GLY A 913 15.83 -11.36 -47.17
CA GLY A 913 16.29 -12.52 -46.44
C GLY A 913 17.80 -12.63 -46.46
N HIS A 914 18.28 -13.85 -46.22
CA HIS A 914 19.70 -14.15 -46.26
C HIS A 914 19.98 -15.11 -47.41
N GLN A 915 21.13 -14.92 -48.05
CA GLN A 915 21.45 -15.72 -49.24
C GLN A 915 21.83 -17.16 -48.88
N SER A 916 22.38 -17.38 -47.69
CA SER A 916 22.82 -18.73 -47.32
C SER A 916 21.68 -19.73 -47.25
N PRO A 917 20.55 -19.46 -46.58
CA PRO A 917 19.46 -20.46 -46.59
C PRO A 917 18.77 -20.58 -47.93
N LYS A 918 18.67 -19.48 -48.69
CA LYS A 918 18.03 -19.54 -50.00
C LYS A 918 18.84 -20.38 -50.98
N GLN A 919 20.17 -20.22 -50.96
CA GLN A 919 21.02 -21.05 -51.80
C GLN A 919 20.94 -22.52 -51.39
N ASP A 920 20.89 -22.78 -50.10
CA ASP A 920 20.83 -24.15 -49.57
C ASP A 920 19.38 -24.63 -49.59
N HIS A 921 18.89 -24.89 -50.81
CA HIS A 921 17.52 -25.37 -50.97
C HIS A 921 17.33 -26.77 -50.43
N LYS A 922 18.40 -27.56 -50.30
CA LYS A 922 18.34 -28.88 -49.71
C LYS A 922 18.54 -28.84 -48.19
N ASN A 923 18.77 -27.67 -47.62
CA ASN A 923 18.88 -27.49 -46.18
C ASN A 923 20.00 -28.34 -45.57
N LYS A 924 21.13 -28.41 -46.28
CA LYS A 924 22.30 -29.11 -45.73
C LYS A 924 23.00 -28.29 -44.67
N ASN A 925 22.92 -26.96 -44.75
CA ASN A 925 23.59 -26.10 -43.79
C ASN A 925 22.93 -26.19 -42.42
N ILE A 926 23.70 -25.88 -41.39
CA ILE A 926 23.20 -25.81 -40.01
C ILE A 926 23.55 -24.44 -39.46
N TYR A 927 22.58 -23.77 -38.86
CA TYR A 927 22.73 -22.40 -38.40
C TYR A 927 22.55 -22.36 -36.88
N TYR A 928 23.23 -21.40 -36.25
CA TYR A 928 23.13 -21.25 -34.82
C TYR A 928 21.72 -20.79 -34.43
N PRO A 929 21.15 -21.33 -33.36
CA PRO A 929 19.79 -20.93 -32.97
C PRO A 929 19.66 -19.44 -32.67
N HIS A 930 20.72 -18.80 -32.20
CA HIS A 930 20.68 -17.38 -31.90
C HIS A 930 21.88 -16.69 -32.51
N TYR A 931 21.68 -15.44 -32.92
CA TYR A 931 22.76 -14.61 -33.44
C TYR A 931 22.68 -13.26 -32.76
N PHE A 932 23.82 -12.59 -32.70
CA PHE A 932 23.94 -11.33 -31.96
C PHE A 932 23.93 -10.17 -32.94
N LEU A 933 22.99 -9.27 -32.74
CA LEU A 933 22.88 -8.04 -33.52
C LEU A 933 23.62 -6.93 -32.79
N ASP A 934 24.65 -6.39 -33.42
CA ASP A 934 25.35 -5.21 -32.91
C ASP A 934 24.87 -4.02 -33.75
N SER A 935 23.84 -3.35 -33.26
CA SER A 935 23.39 -2.13 -33.93
C SER A 935 24.47 -1.06 -33.88
N GLY A 936 25.34 -1.10 -32.88
CA GLY A 936 26.39 -0.12 -32.72
C GLY A 936 26.32 0.56 -31.37
N SER A 937 27.42 1.19 -30.96
CA SER A 937 27.44 1.88 -29.67
C SER A 937 26.69 3.19 -29.69
N LYS A 938 26.46 3.77 -30.86
CA LYS A 938 25.82 5.08 -30.94
C LYS A 938 24.35 4.98 -30.56
N VAL A 939 23.98 5.66 -29.49
CA VAL A 939 22.62 5.67 -28.98
C VAL A 939 22.15 7.12 -28.89
N TYR A 940 20.98 7.39 -29.46
CA TYR A 940 20.41 8.73 -29.43
C TYR A 940 19.51 8.85 -28.20
N ARG A 941 19.79 9.85 -27.36
CA ARG A 941 19.00 10.10 -26.16
C ARG A 941 18.36 11.47 -26.25
N GLU A 942 17.06 11.53 -26.00
CA GLU A 942 16.32 12.78 -26.00
C GLU A 942 16.15 13.25 -24.56
N LYS A 943 16.61 14.47 -24.27
CA LYS A 943 16.55 15.00 -22.92
C LYS A 943 15.25 15.73 -22.63
N ASP A 944 14.46 16.06 -23.65
CA ASP A 944 13.14 16.65 -23.46
C ASP A 944 12.15 15.50 -23.33
N ILE A 945 11.88 15.10 -22.10
CA ILE A 945 11.06 13.93 -21.84
C ILE A 945 9.59 14.29 -21.99
N ILE A 946 8.87 13.53 -22.81
CA ILE A 946 7.44 13.76 -22.98
C ILE A 946 6.71 13.39 -21.70
N THR A 947 5.95 14.35 -21.17
CA THR A 947 5.32 14.20 -19.87
C THR A 947 3.96 13.53 -19.98
N HIS A 948 3.51 12.95 -18.87
CA HIS A 948 2.19 12.36 -18.75
C HIS A 948 1.17 13.30 -18.11
N GLU A 949 1.57 14.54 -17.81
CA GLU A 949 0.68 15.45 -17.09
C GLU A 949 -0.49 15.92 -17.93
N GLU A 950 -0.45 15.72 -19.25
CA GLU A 950 -1.56 16.09 -20.11
C GLU A 950 -1.45 15.31 -21.41
N PHE A 951 -2.56 15.27 -22.15
CA PHE A 951 -2.59 14.70 -23.48
C PHE A 951 -2.23 15.80 -24.47
N THR A 952 -0.97 15.82 -24.91
CA THR A 952 -0.51 16.87 -25.81
C THR A 952 -1.25 16.78 -27.13
N GLU A 953 -1.68 17.94 -27.64
CA GLU A 953 -2.57 17.97 -28.80
C GLU A 953 -1.86 17.46 -30.05
N GLU A 954 -0.63 17.91 -30.29
CA GLU A 954 0.08 17.47 -31.49
C GLU A 954 0.51 16.01 -31.40
N LEU A 955 0.79 15.53 -30.19
CA LEU A 955 1.20 14.15 -30.01
C LEU A 955 0.01 13.21 -30.12
N LEU A 956 0.29 11.98 -30.54
CA LEU A 956 -0.75 10.99 -30.79
C LEU A 956 -1.06 10.21 -29.51
N SER A 957 -2.33 9.88 -29.33
CA SER A 957 -2.79 9.08 -28.21
C SER A 957 -3.97 8.25 -28.66
N GLY A 958 -3.83 6.93 -28.56
CA GLY A 958 -4.90 6.04 -28.96
C GLY A 958 -4.65 4.58 -28.64
N LYS A 959 -5.21 3.70 -29.47
CA LYS A 959 -5.17 2.26 -29.24
C LYS A 959 -4.98 1.55 -30.58
N ILE A 960 -4.09 0.57 -30.58
CA ILE A 960 -3.84 -0.27 -31.75
C ILE A 960 -4.39 -1.66 -31.45
N ASN A 961 -5.30 -2.14 -32.29
CA ASN A 961 -5.77 -3.51 -32.23
C ASN A 961 -4.97 -4.32 -33.24
N CYS A 962 -4.24 -5.32 -32.74
CA CYS A 962 -3.34 -6.12 -33.56
C CYS A 962 -3.67 -7.60 -33.41
N LYS A 963 -3.45 -8.35 -34.49
CA LYS A 963 -3.70 -9.79 -34.57
C LYS A 963 -2.37 -10.53 -34.62
N LEU A 964 -1.91 -10.99 -33.46
CA LEU A 964 -0.75 -11.87 -33.43
C LEU A 964 -1.16 -13.24 -33.94
N GLU A 965 -0.34 -13.81 -34.82
CA GLU A 965 -0.59 -15.14 -35.37
C GLU A 965 0.68 -15.96 -35.27
N THR A 966 0.58 -17.15 -34.70
CA THR A 966 1.74 -18.00 -34.48
C THR A 966 2.05 -18.77 -35.76
N LEU A 967 3.26 -18.56 -36.30
CA LEU A 967 3.72 -19.35 -37.43
C LEU A 967 4.32 -20.69 -37.02
N THR A 968 4.77 -20.79 -35.78
CA THR A 968 5.27 -22.02 -35.18
C THR A 968 4.58 -22.21 -33.85
N PRO A 969 4.58 -23.42 -33.31
CA PRO A 969 3.95 -23.66 -32.01
C PRO A 969 4.43 -22.68 -30.95
N LEU A 970 3.47 -22.09 -30.23
CA LEU A 970 3.74 -21.07 -29.23
C LEU A 970 3.65 -21.67 -27.84
N ILE A 971 4.61 -21.33 -27.00
CA ILE A 971 4.70 -21.86 -25.63
C ILE A 971 4.75 -20.67 -24.68
N ILE A 972 3.59 -20.27 -24.16
CA ILE A 972 3.52 -19.30 -23.08
C ILE A 972 3.11 -20.06 -21.83
N PRO A 973 4.05 -20.61 -21.06
CA PRO A 973 3.68 -21.51 -19.96
C PRO A 973 3.01 -20.77 -18.83
N ASP A 974 1.93 -21.35 -18.32
CA ASP A 974 1.27 -20.85 -17.10
C ASP A 974 2.06 -21.38 -15.92
N THR A 975 3.14 -20.68 -15.60
CA THR A 975 4.06 -21.12 -14.56
C THR A 975 3.55 -20.87 -13.15
N SER A 976 2.27 -20.51 -12.99
CA SER A 976 1.68 -20.43 -11.67
C SER A 976 1.71 -21.79 -10.99
N ASP A 977 1.35 -22.83 -11.73
CA ASP A 977 1.39 -24.21 -11.24
C ASP A 977 2.39 -24.98 -12.09
N GLU A 978 3.53 -25.34 -11.50
CA GLU A 978 4.51 -26.17 -12.20
C GLU A 978 4.02 -27.60 -12.39
N ASN A 979 2.81 -27.91 -11.93
CA ASN A 979 2.17 -29.21 -12.13
C ASN A 979 0.84 -29.04 -12.86
N GLY A 980 0.82 -28.16 -13.86
CA GLY A 980 -0.40 -27.91 -14.61
C GLY A 980 -0.88 -29.12 -15.38
N LEU A 981 0.04 -29.93 -15.88
CA LEU A 981 -0.30 -31.13 -16.62
C LEU A 981 -0.50 -32.35 -15.72
N LYS A 982 -0.26 -32.20 -14.41
CA LYS A 982 -0.49 -33.26 -13.44
C LYS A 982 0.34 -34.51 -13.75
N LEU A 983 1.58 -34.32 -14.19
CA LEU A 983 2.51 -35.43 -14.37
C LEU A 983 3.72 -35.31 -13.43
N GLN A 984 3.61 -34.51 -12.37
CA GLN A 984 4.68 -34.46 -11.38
C GLN A 984 4.74 -35.75 -10.57
N GLY A 985 3.59 -36.37 -10.31
CA GLY A 985 3.59 -37.63 -9.60
C GLY A 985 4.27 -38.75 -10.37
N ASN A 986 3.98 -38.84 -11.67
CA ASN A 986 4.62 -39.86 -12.50
C ASN A 986 6.11 -39.59 -12.65
N LYS A 987 6.49 -38.33 -12.85
CA LYS A 987 7.88 -37.91 -13.00
C LYS A 987 8.19 -36.87 -11.94
N PRO A 988 8.70 -37.27 -10.77
CA PRO A 988 9.00 -36.29 -9.72
C PRO A 988 10.03 -35.27 -10.17
N GLY A 989 9.82 -34.03 -9.77
CA GLY A 989 10.72 -32.95 -10.13
C GLY A 989 10.57 -32.42 -11.53
N HIS A 990 9.61 -32.93 -12.30
CA HIS A 990 9.42 -32.51 -13.68
C HIS A 990 8.42 -31.36 -13.73
N LYS A 991 8.87 -30.22 -14.24
CA LYS A 991 8.01 -29.04 -14.35
C LYS A 991 7.16 -29.16 -15.61
N ASN A 992 5.84 -29.13 -15.44
CA ASN A 992 4.91 -29.21 -16.55
C ASN A 992 3.83 -28.14 -16.37
N TYR A 993 3.70 -27.27 -17.36
CA TYR A 993 2.80 -26.14 -17.30
C TYR A 993 1.74 -26.23 -18.39
N LYS A 994 0.56 -25.69 -18.08
CA LYS A 994 -0.42 -25.41 -19.10
C LYS A 994 -0.06 -24.11 -19.82
N PHE A 995 -0.69 -23.88 -20.96
CA PHE A 995 -0.56 -22.60 -21.63
C PHE A 995 -1.18 -21.51 -20.77
N PHE A 996 -0.61 -20.32 -20.84
CA PHE A 996 -1.06 -19.22 -20.00
C PHE A 996 -2.54 -18.95 -20.20
N ASN A 997 -3.33 -19.19 -19.16
CA ASN A 997 -4.77 -19.00 -19.23
C ASN A 997 -5.27 -18.36 -17.95
N ILE A 998 -6.22 -17.44 -18.10
CA ILE A 998 -6.91 -16.82 -16.97
C ILE A 998 -8.38 -17.19 -17.07
N ASN A 999 -8.88 -17.90 -16.07
CA ASN A 999 -10.26 -18.40 -16.07
C ASN A 999 -10.52 -19.32 -17.27
N GLY A 1000 -9.51 -20.10 -17.65
CA GLY A 1000 -9.68 -21.15 -18.63
C GLY A 1000 -9.49 -20.75 -20.08
N GLU A 1001 -9.33 -19.46 -20.37
CA GLU A 1001 -9.14 -19.00 -21.74
C GLU A 1001 -7.67 -18.65 -21.95
N LEU A 1002 -7.10 -19.16 -23.04
CA LEU A 1002 -5.68 -18.98 -23.30
C LEU A 1002 -5.36 -17.51 -23.54
N MET A 1003 -4.15 -17.12 -23.14
CA MET A 1003 -3.74 -15.73 -23.21
C MET A 1003 -2.24 -15.64 -23.45
N ILE A 1004 -1.82 -14.48 -23.95
CA ILE A 1004 -0.44 -14.05 -23.93
C ILE A 1004 -0.37 -12.85 -22.99
N PRO A 1005 0.29 -12.94 -21.84
CA PRO A 1005 0.37 -11.79 -20.94
C PRO A 1005 1.00 -10.60 -21.63
N GLY A 1006 0.45 -9.42 -21.35
CA GLY A 1006 0.94 -8.22 -22.01
C GLY A 1006 2.38 -7.90 -21.67
N SER A 1007 2.91 -8.45 -20.57
CA SER A 1007 4.32 -8.28 -20.26
C SER A 1007 5.20 -9.01 -21.28
N GLU A 1008 4.77 -10.19 -21.73
CA GLU A 1008 5.53 -10.93 -22.74
C GLU A 1008 5.57 -10.16 -24.06
N LEU A 1009 4.39 -9.70 -24.52
CA LEU A 1009 4.33 -8.93 -25.75
C LEU A 1009 5.12 -7.63 -25.62
N ARG A 1010 5.00 -6.96 -24.48
CA ARG A 1010 5.71 -5.72 -24.28
C ARG A 1010 7.21 -5.93 -24.28
N GLY A 1011 7.68 -7.01 -23.65
CA GLY A 1011 9.10 -7.30 -23.65
C GLY A 1011 9.63 -7.63 -25.03
N MET A 1012 8.91 -8.46 -25.78
CA MET A 1012 9.38 -8.81 -27.12
C MET A 1012 9.35 -7.61 -28.06
N LEU A 1013 8.29 -6.79 -27.98
CA LEU A 1013 8.23 -5.58 -28.79
C LEU A 1013 9.26 -4.56 -28.35
N ARG A 1014 9.57 -4.49 -27.05
CA ARG A 1014 10.60 -3.59 -26.57
C ARG A 1014 11.96 -4.01 -27.07
N THR A 1015 12.25 -5.32 -27.06
CA THR A 1015 13.51 -5.79 -27.60
C THR A 1015 13.61 -5.47 -29.09
N HIS A 1016 12.54 -5.71 -29.85
CA HIS A 1016 12.57 -5.42 -31.27
C HIS A 1016 12.71 -3.92 -31.53
N PHE A 1017 12.03 -3.09 -30.74
CA PHE A 1017 12.10 -1.64 -30.92
C PHE A 1017 13.47 -1.10 -30.57
N GLU A 1018 14.08 -1.62 -29.50
CA GLU A 1018 15.43 -1.20 -29.13
C GLU A 1018 16.45 -1.65 -30.16
N ALA A 1019 16.23 -2.81 -30.78
CA ALA A 1019 17.07 -3.19 -31.91
C ALA A 1019 16.84 -2.28 -33.10
N LEU A 1020 15.59 -1.86 -33.31
CA LEU A 1020 15.25 -0.98 -34.42
C LEU A 1020 15.84 0.41 -34.23
N THR A 1021 15.77 0.94 -33.01
CA THR A 1021 16.11 2.32 -32.72
C THR A 1021 17.50 2.47 -32.10
N LYS A 1022 18.32 1.42 -32.11
CA LYS A 1022 19.66 1.45 -31.54
C LYS A 1022 19.63 1.89 -30.08
N SER A 1023 18.62 1.43 -29.35
CA SER A 1023 18.45 1.85 -27.96
C SER A 1023 19.43 1.11 -27.06
N CYS A 1024 19.48 1.55 -25.81
CA CYS A 1024 20.37 0.95 -24.83
C CYS A 1024 19.91 -0.45 -24.46
N PHE A 1025 20.83 -1.24 -23.91
CA PHE A 1025 20.48 -2.54 -23.39
C PHE A 1025 19.74 -2.35 -22.07
N ALA A 1026 18.41 -2.20 -22.15
CA ALA A 1026 17.63 -1.79 -20.98
C ALA A 1026 17.82 -2.77 -19.82
N ILE A 1027 17.92 -4.06 -20.12
CA ILE A 1027 18.15 -5.08 -19.11
C ILE A 1027 19.49 -5.72 -19.41
N PHE A 1028 20.42 -5.60 -18.48
CA PHE A 1028 21.78 -6.06 -18.72
C PHE A 1028 22.38 -6.56 -17.41
N GLY A 1029 23.07 -7.70 -17.49
CA GLY A 1029 23.76 -8.24 -16.34
C GLY A 1029 25.08 -7.54 -16.11
N GLU A 1030 25.01 -6.27 -15.68
CA GLU A 1030 26.23 -5.48 -15.51
C GLU A 1030 27.13 -6.08 -14.43
N ASP A 1031 26.53 -6.57 -13.34
CA ASP A 1031 27.32 -7.13 -12.25
C ASP A 1031 27.97 -8.45 -12.61
N SER A 1032 27.49 -9.12 -13.65
CA SER A 1032 28.02 -10.43 -14.01
C SER A 1032 29.45 -10.32 -14.53
N THR A 1033 30.32 -11.18 -14.01
CA THR A 1033 31.71 -11.25 -14.44
C THR A 1033 31.88 -12.39 -15.44
N LEU A 1034 33.02 -12.37 -16.13
CA LEU A 1034 33.32 -13.36 -17.16
C LEU A 1034 34.51 -14.20 -16.73
N SER A 1035 34.38 -15.51 -16.84
CA SER A 1035 35.44 -16.44 -16.50
C SER A 1035 35.47 -17.56 -17.52
N TRP A 1036 36.69 -17.94 -17.93
CA TRP A 1036 36.89 -18.98 -18.92
C TRP A 1036 37.88 -20.01 -18.39
N ARG A 1037 37.57 -21.28 -18.55
CA ARG A 1037 38.52 -22.32 -18.19
C ARG A 1037 39.75 -22.21 -19.08
N MET A 1038 40.93 -22.25 -18.47
CA MET A 1038 42.18 -22.32 -19.23
C MET A 1038 42.60 -23.77 -19.33
N ASN A 1039 43.02 -24.18 -20.51
CA ASN A 1039 43.50 -25.53 -20.69
C ASN A 1039 44.93 -25.64 -20.15
N ALA A 1040 45.51 -26.83 -20.27
CA ALA A 1040 46.89 -27.03 -19.81
C ALA A 1040 47.91 -26.32 -20.69
N ASP A 1041 47.51 -25.82 -21.85
CA ASP A 1041 48.42 -25.13 -22.75
C ASP A 1041 48.99 -23.88 -22.10
N GLU A 1042 48.14 -22.88 -21.85
CA GLU A 1042 48.53 -21.64 -21.19
C GLU A 1042 49.76 -21.01 -21.84
N LYS A 1043 49.70 -20.89 -23.17
CA LYS A 1043 50.82 -20.32 -23.91
C LYS A 1043 51.01 -18.86 -23.53
N ASP A 1044 52.17 -18.56 -22.94
CA ASP A 1044 52.44 -17.19 -22.47
C ASP A 1044 52.62 -16.23 -23.64
N TYR A 1045 53.26 -16.70 -24.71
CA TYR A 1045 53.59 -15.87 -25.87
C TYR A 1045 54.42 -14.65 -25.47
N VAL A 1182 59.21 -46.31 -16.25
CA VAL A 1182 57.87 -45.96 -15.80
C VAL A 1182 57.55 -46.70 -14.51
N ARG A 1183 57.86 -48.00 -14.48
CA ARG A 1183 57.63 -48.80 -13.29
C ARG A 1183 58.45 -48.27 -12.10
N ASP A 1184 59.72 -47.95 -12.35
CA ASP A 1184 60.56 -47.43 -11.27
C ASP A 1184 60.09 -46.06 -10.82
N LYS A 1185 59.68 -45.21 -11.76
CA LYS A 1185 59.16 -43.89 -11.38
C LYS A 1185 57.86 -44.02 -10.60
N ASN A 1186 56.99 -44.94 -11.02
CA ASN A 1186 55.75 -45.17 -10.27
C ASN A 1186 56.05 -45.67 -8.86
N ARG A 1187 57.02 -46.56 -8.72
CA ARG A 1187 57.39 -47.06 -7.40
C ARG A 1187 58.00 -45.96 -6.54
N VAL A 1188 58.80 -45.08 -7.15
CA VAL A 1188 59.34 -43.94 -6.41
C VAL A 1188 58.22 -43.02 -5.94
N PHE A 1189 57.24 -42.77 -6.80
CA PHE A 1189 56.09 -41.96 -6.40
C PHE A 1189 55.33 -42.61 -5.25
N LEU A 1190 55.13 -43.93 -5.34
CA LEU A 1190 54.43 -44.64 -4.27
C LEU A 1190 55.21 -44.57 -2.96
N ASN A 1191 56.53 -44.74 -3.02
CA ASN A 1191 57.34 -44.67 -1.81
C ASN A 1191 57.30 -43.26 -1.20
N ALA A 1192 57.35 -42.24 -2.05
CA ALA A 1192 57.26 -40.86 -1.55
C ALA A 1192 55.91 -40.61 -0.88
N ALA A 1193 54.82 -41.09 -1.50
CA ALA A 1193 53.50 -40.92 -0.92
C ALA A 1193 53.40 -41.65 0.43
N ASN A 1194 53.92 -42.88 0.48
CA ASN A 1194 53.88 -43.65 1.73
C ASN A 1194 54.69 -42.97 2.83
N ASN A 1195 55.87 -42.46 2.49
CA ASN A 1195 56.71 -41.79 3.49
C ASN A 1195 56.04 -40.51 3.98
N ASN A 1196 55.45 -39.73 3.06
CA ASN A 1196 54.75 -38.52 3.47
C ASN A 1196 53.56 -38.85 4.37
N ARG A 1197 52.82 -39.90 4.02
CA ARG A 1197 51.68 -40.29 4.86
C ARG A 1197 52.13 -40.78 6.22
N GLN A 1198 53.25 -41.52 6.28
CA GLN A 1198 53.79 -41.92 7.57
C GLN A 1198 54.18 -40.73 8.42
N TYR A 1199 54.83 -39.73 7.80
CA TYR A 1199 55.18 -38.52 8.52
C TYR A 1199 53.94 -37.80 9.03
N LEU A 1200 52.92 -37.68 8.19
CA LEU A 1200 51.68 -37.02 8.61
C LEU A 1200 51.01 -37.77 9.74
N ASN A 1201 50.99 -39.10 9.67
CA ASN A 1201 50.41 -39.90 10.74
C ASN A 1201 51.18 -39.75 12.05
N ASN A 1202 52.51 -39.70 11.97
CA ASN A 1202 53.31 -39.55 13.18
C ASN A 1202 53.07 -38.18 13.82
N ILE A 1203 52.96 -37.13 13.01
CA ILE A 1203 52.65 -35.81 13.55
C ILE A 1203 51.24 -35.79 14.12
N LYS A 1204 50.29 -36.46 13.46
CA LYS A 1204 48.93 -36.56 13.98
C LYS A 1204 48.91 -37.25 15.34
N LYS A 1205 49.71 -38.30 15.49
CA LYS A 1205 49.86 -38.93 16.80
C LYS A 1205 50.46 -37.95 17.80
N SER A 1206 51.48 -37.20 17.39
CA SER A 1206 52.10 -36.22 18.29
C SER A 1206 51.10 -35.13 18.67
N ASN A 1207 50.39 -34.59 17.69
CA ASN A 1207 49.38 -33.56 17.95
C ASN A 1207 48.48 -33.50 16.73
N HIS A 1208 47.19 -33.80 16.92
CA HIS A 1208 46.25 -33.84 15.81
C HIS A 1208 46.09 -32.47 15.15
N ASP A 1209 46.02 -31.41 15.96
CA ASP A 1209 45.90 -30.07 15.40
C ASP A 1209 47.12 -29.68 14.58
N LEU A 1210 48.31 -30.14 14.99
CA LEU A 1210 49.50 -29.84 14.19
C LEU A 1210 49.41 -30.48 12.81
N TYR A 1211 48.93 -31.72 12.74
CA TYR A 1211 48.70 -32.36 11.45
C TYR A 1211 47.65 -31.62 10.64
N LEU A 1212 46.58 -31.15 11.30
CA LEU A 1212 45.54 -30.39 10.60
C LEU A 1212 46.13 -29.13 9.98
N GLN A 1213 46.93 -28.40 10.75
CA GLN A 1213 47.58 -27.20 10.23
C GLN A 1213 48.52 -27.53 9.08
N TYR A 1214 49.29 -28.62 9.23
CA TYR A 1214 50.21 -29.02 8.17
C TYR A 1214 49.47 -29.28 6.87
N LEU A 1215 48.34 -29.98 6.94
CA LEU A 1215 47.56 -30.22 5.74
C LEU A 1215 46.98 -28.93 5.16
N LYS A 1216 46.51 -28.02 6.02
CA LYS A 1216 46.08 -26.72 5.50
C LYS A 1216 47.26 -25.82 5.08
N GLY A 1217 48.49 -26.17 5.46
CA GLY A 1217 49.61 -25.32 5.11
C GLY A 1217 49.85 -24.16 6.06
N GLU A 1218 49.17 -24.14 7.20
CA GLU A 1218 49.37 -23.08 8.19
C GLU A 1218 50.77 -23.11 8.76
N LYS A 1219 51.36 -24.29 8.91
CA LYS A 1219 52.70 -24.46 9.45
C LYS A 1219 53.55 -25.23 8.44
N LYS A 1220 54.82 -24.83 8.34
CA LYS A 1220 55.71 -25.42 7.35
C LYS A 1220 56.05 -26.87 7.69
N ILE A 1221 56.26 -27.66 6.65
CA ILE A 1221 56.61 -29.07 6.78
C ILE A 1221 57.97 -29.29 6.13
N ARG A 1222 58.86 -29.96 6.85
CA ARG A 1222 60.20 -30.22 6.32
C ARG A 1222 60.14 -31.27 5.22
N PHE A 1223 61.07 -31.15 4.28
CA PHE A 1223 61.15 -32.07 3.15
C PHE A 1223 62.53 -32.01 2.50
N GLY A 1329 57.87 -10.35 -2.91
CA GLY A 1329 56.46 -10.28 -2.57
C GLY A 1329 55.64 -9.50 -3.58
N TYR A 1330 55.02 -10.22 -4.51
CA TYR A 1330 54.22 -9.58 -5.54
C TYR A 1330 52.92 -9.07 -4.94
N PRO A 1331 52.62 -7.78 -5.02
CA PRO A 1331 51.38 -7.27 -4.43
C PRO A 1331 50.14 -7.80 -5.13
N VAL A 1332 49.07 -7.94 -4.37
CA VAL A 1332 47.79 -8.44 -4.86
C VAL A 1332 46.83 -7.28 -4.95
N ASP A 1333 46.37 -6.96 -6.16
CA ASP A 1333 45.40 -5.91 -6.34
C ASP A 1333 44.03 -6.34 -5.82
N ASP A 1334 43.19 -5.35 -5.54
CA ASP A 1334 41.85 -5.63 -5.02
C ASP A 1334 41.02 -6.42 -6.03
N GLN A 1335 41.12 -6.06 -7.32
CA GLN A 1335 40.38 -6.77 -8.35
C GLN A 1335 40.84 -8.22 -8.48
N ILE A 1336 42.15 -8.45 -8.41
CA ILE A 1336 42.68 -9.81 -8.52
C ILE A 1336 42.22 -10.67 -7.35
N LYS A 1337 42.30 -10.12 -6.14
CA LYS A 1337 41.78 -10.84 -4.97
C LYS A 1337 40.28 -11.07 -5.11
N LYS A 1338 39.55 -10.08 -5.62
CA LYS A 1338 38.14 -10.26 -5.89
C LYS A 1338 37.91 -11.35 -6.92
N ASN A 1339 38.77 -11.43 -7.94
CA ASN A 1339 38.65 -12.50 -8.92
C ASN A 1339 38.85 -13.87 -8.28
N TYR A 1340 39.82 -13.98 -7.37
CA TYR A 1340 40.02 -15.23 -6.64
C TYR A 1340 38.79 -15.57 -5.81
N GLU A 1341 38.20 -14.56 -5.15
CA GLU A 1341 37.00 -14.79 -4.35
C GLU A 1341 35.84 -15.28 -5.21
N ASP A 1342 35.64 -14.69 -6.39
CA ASP A 1342 34.58 -15.16 -7.28
C ASP A 1342 34.87 -16.56 -7.80
N ILE A 1343 36.14 -16.88 -8.08
CA ILE A 1343 36.48 -18.23 -8.51
C ILE A 1343 36.14 -19.24 -7.41
N LEU A 1344 36.46 -18.91 -6.16
CA LEU A 1344 36.08 -19.78 -5.05
C LEU A 1344 34.56 -19.89 -4.92
N ASP A 1345 33.86 -18.76 -5.06
CA ASP A 1345 32.40 -18.77 -4.87
C ASP A 1345 31.69 -19.45 -6.03
N SER A 1346 32.21 -19.33 -7.26
CA SER A 1346 31.58 -19.91 -8.43
C SER A 1346 32.11 -21.30 -8.75
N TYR A 1347 32.92 -21.89 -7.87
CA TYR A 1347 33.48 -23.21 -8.11
C TYR A 1347 32.37 -24.25 -8.07
N ASP A 1348 32.19 -24.97 -9.18
CA ASP A 1348 31.12 -25.96 -9.30
C ASP A 1348 31.72 -27.34 -9.04
N GLY A 1349 31.41 -27.90 -7.87
CA GLY A 1349 31.86 -29.22 -7.50
C GLY A 1349 30.88 -30.30 -7.89
N ILE A 1350 31.11 -31.49 -7.33
CA ILE A 1350 30.22 -32.62 -7.59
C ILE A 1350 28.87 -32.37 -6.91
N LYS A 1351 27.81 -32.92 -7.51
CA LYS A 1351 26.47 -32.69 -7.00
C LYS A 1351 26.28 -33.36 -5.63
N ASP A 1352 26.66 -34.64 -5.52
CA ASP A 1352 26.48 -35.36 -4.27
C ASP A 1352 27.39 -34.78 -3.19
N GLN A 1353 26.78 -34.30 -2.10
CA GLN A 1353 27.54 -33.62 -1.06
C GLN A 1353 28.43 -34.58 -0.29
N GLU A 1354 28.05 -35.85 -0.21
CA GLU A 1354 28.85 -36.82 0.53
C GLU A 1354 30.20 -37.03 -0.13
N VAL A 1355 30.25 -37.03 -1.46
CA VAL A 1355 31.52 -37.17 -2.17
C VAL A 1355 32.12 -35.80 -2.43
N ALA A 1356 31.29 -34.76 -2.47
CA ALA A 1356 31.79 -33.41 -2.76
C ALA A 1356 32.76 -32.94 -1.69
N GLU A 1357 32.37 -33.01 -0.43
CA GLU A 1357 33.19 -32.47 0.66
C GLU A 1357 34.55 -33.13 0.69
N ARG A 1358 34.61 -34.44 0.44
CA ARG A 1358 35.89 -35.14 0.40
C ARG A 1358 36.69 -34.77 -0.84
N PHE A 1359 36.02 -34.69 -2.00
CA PHE A 1359 36.70 -34.55 -3.28
C PHE A 1359 36.70 -33.13 -3.83
N ASP A 1360 36.09 -32.18 -3.14
CA ASP A 1360 36.10 -30.79 -3.63
C ASP A 1360 37.50 -30.22 -3.55
N THR A 1361 37.76 -29.21 -4.38
CA THR A 1361 39.00 -28.46 -4.27
C THR A 1361 39.07 -27.82 -2.89
N PHE A 1362 40.17 -28.06 -2.18
CA PHE A 1362 40.29 -27.68 -0.79
C PHE A 1362 40.95 -26.30 -0.68
N THR A 1363 40.18 -25.32 -0.23
CA THR A 1363 40.71 -24.01 0.10
C THR A 1363 40.18 -23.63 1.48
N ARG A 1364 40.91 -22.72 2.15
CA ARG A 1364 40.49 -22.32 3.49
C ARG A 1364 39.17 -21.56 3.46
N GLY A 1365 38.75 -21.12 2.28
CA GLY A 1365 37.38 -20.71 2.05
C GLY A 1365 37.22 -19.20 2.03
N SER A 1366 36.01 -18.79 1.66
CA SER A 1366 35.55 -17.40 1.62
C SER A 1366 36.57 -16.56 0.85
N LYS A 1367 37.16 -15.53 1.46
CA LYS A 1367 38.00 -14.57 0.77
C LYS A 1367 39.47 -14.92 0.93
N LEU A 1368 40.29 -14.33 0.06
CA LEU A 1368 41.73 -14.47 0.19
C LEU A 1368 42.21 -13.77 1.46
N LYS A 1369 42.95 -14.50 2.29
CA LYS A 1369 43.44 -13.98 3.54
C LYS A 1369 44.92 -14.33 3.70
N VAL A 1370 45.51 -13.87 4.81
CA VAL A 1370 46.93 -14.06 5.03
C VAL A 1370 47.22 -15.53 5.30
N GLY A 1371 48.21 -16.07 4.59
CA GLY A 1371 48.65 -17.43 4.79
C GLY A 1371 48.11 -18.44 3.81
N ASP A 1372 47.40 -18.01 2.77
CA ASP A 1372 46.80 -18.93 1.80
C ASP A 1372 47.85 -19.32 0.76
N LEU A 1373 48.20 -20.59 0.72
CA LEU A 1373 49.06 -21.09 -0.35
C LEU A 1373 48.30 -21.04 -1.68
N VAL A 1374 48.83 -20.29 -2.63
CA VAL A 1374 48.09 -19.98 -3.84
C VAL A 1374 49.02 -19.93 -5.05
N TYR A 1375 48.46 -19.85 -6.25
CA TYR A 1375 49.21 -19.70 -7.49
C TYR A 1375 48.96 -18.31 -8.06
N PHE A 1376 50.00 -17.72 -8.64
CA PHE A 1376 49.87 -16.41 -9.27
C PHE A 1376 50.65 -16.39 -10.57
N HIS A 1377 50.25 -15.48 -11.46
CA HIS A 1377 50.89 -15.32 -12.75
C HIS A 1377 51.07 -13.82 -13.02
N ILE A 1378 52.27 -13.45 -13.46
CA ILE A 1378 52.59 -12.04 -13.69
C ILE A 1378 51.77 -11.48 -14.84
N ILE A 1384 50.98 -9.01 -10.82
CA ILE A 1384 50.40 -10.28 -11.24
C ILE A 1384 49.09 -10.09 -12.01
N ASP A 1385 48.59 -11.18 -12.60
CA ASP A 1385 47.38 -11.15 -13.42
C ASP A 1385 46.27 -12.02 -12.85
N SER A 1386 46.56 -13.25 -12.46
CA SER A 1386 45.54 -14.18 -11.99
C SER A 1386 45.95 -14.77 -10.66
N LEU A 1387 45.04 -14.74 -9.69
CA LEU A 1387 45.22 -15.39 -8.39
C LEU A 1387 44.27 -16.58 -8.36
N ILE A 1388 44.82 -17.78 -8.54
CA ILE A 1388 43.99 -18.97 -8.72
C ILE A 1388 44.19 -19.92 -7.54
N PRO A 1389 43.13 -20.49 -6.98
CA PRO A 1389 43.29 -21.41 -5.84
C PRO A 1389 44.12 -22.64 -6.16
N VAL A 1390 43.96 -23.19 -7.36
CA VAL A 1390 44.69 -24.37 -7.79
C VAL A 1390 45.24 -24.12 -9.19
N ARG A 1391 46.22 -24.93 -9.57
CA ARG A 1391 46.72 -24.88 -10.94
C ARG A 1391 45.64 -25.31 -11.91
N ILE A 1392 45.64 -24.68 -13.09
CA ILE A 1392 44.61 -24.82 -14.10
C ILE A 1392 43.24 -24.51 -13.50
N SER A 1393 43.12 -23.35 -12.89
CA SER A 1393 41.82 -22.81 -12.49
C SER A 1393 41.25 -22.02 -13.67
N ARG A 1394 40.23 -21.21 -13.45
CA ARG A 1394 39.59 -20.45 -14.50
C ARG A 1394 40.13 -19.01 -14.51
N LYS A 1395 40.47 -18.52 -15.70
CA LYS A 1395 40.82 -17.12 -15.87
C LYS A 1395 39.58 -16.27 -15.64
N CYS A 1396 39.77 -15.10 -15.02
CA CYS A 1396 38.70 -14.14 -14.80
C CYS A 1396 38.97 -12.90 -15.64
N ALA A 1397 37.89 -12.34 -16.19
CA ALA A 1397 38.02 -11.17 -17.05
C ALA A 1397 38.41 -9.95 -16.23
N SER A 1398 39.15 -9.04 -16.87
CA SER A 1398 39.53 -7.79 -16.23
C SER A 1398 38.31 -6.92 -15.95
N LYS A 1399 37.35 -6.90 -16.87
CA LYS A 1399 36.13 -6.11 -16.74
C LYS A 1399 34.93 -7.04 -16.67
N THR A 1400 33.91 -6.61 -15.94
CA THR A 1400 32.67 -7.34 -15.87
C THR A 1400 31.89 -7.20 -17.18
N LEU A 1401 30.71 -7.79 -17.22
CA LEU A 1401 29.86 -7.66 -18.40
C LEU A 1401 29.46 -6.20 -18.63
N GLY A 1402 29.16 -5.48 -17.55
CA GLY A 1402 28.88 -4.06 -17.68
C GLY A 1402 30.06 -3.28 -18.20
N GLY A 1403 31.26 -3.63 -17.75
CA GLY A 1403 32.46 -3.01 -18.29
C GLY A 1403 32.70 -3.35 -19.75
N LYS A 1404 32.38 -4.59 -20.14
CA LYS A 1404 32.52 -4.99 -21.54
C LYS A 1404 31.58 -4.18 -22.43
N LEU A 1405 30.35 -3.98 -21.99
CA LEU A 1405 29.39 -3.19 -22.75
C LEU A 1405 29.83 -1.75 -22.85
N ASP A 1406 29.62 -1.15 -24.01
CA ASP A 1406 29.99 0.24 -24.23
C ASP A 1406 29.16 1.16 -23.36
N LYS A 1407 29.73 2.32 -23.02
CA LYS A 1407 29.10 3.20 -22.05
C LYS A 1407 27.76 3.73 -22.54
N ALA A 1408 27.64 3.95 -23.85
CA ALA A 1408 26.37 4.46 -24.39
C ALA A 1408 25.29 3.40 -24.39
N LEU A 1409 25.66 2.12 -24.43
CA LEU A 1409 24.69 1.04 -24.45
C LEU A 1409 24.19 0.65 -23.06
N HIS A 1410 24.70 1.26 -22.01
CA HIS A 1410 24.26 0.94 -20.66
C HIS A 1410 22.81 1.41 -20.46
N PRO A 1411 22.04 0.70 -19.64
CA PRO A 1411 20.67 1.12 -19.36
C PRO A 1411 20.62 2.54 -18.79
N CYS A 1412 19.62 3.29 -19.21
CA CYS A 1412 19.48 4.67 -18.76
C CYS A 1412 19.11 4.70 -17.28
N THR A 1413 19.83 5.51 -16.51
CA THR A 1413 19.56 5.71 -15.10
C THR A 1413 19.12 7.16 -14.89
N GLY A 1414 17.96 7.33 -14.27
CA GLY A 1414 17.44 8.66 -14.06
C GLY A 1414 16.94 9.28 -15.36
N LEU A 1415 16.68 10.58 -15.29
CA LEU A 1415 16.18 11.34 -16.43
C LEU A 1415 17.08 12.50 -16.82
N SER A 1416 18.10 12.84 -16.02
CA SER A 1416 18.97 13.97 -16.34
C SER A 1416 19.78 13.71 -17.61
N ASP A 1417 20.31 12.48 -17.75
CA ASP A 1417 21.12 12.14 -18.91
C ASP A 1417 20.30 11.83 -20.15
N GLY A 1418 18.98 11.78 -20.04
CA GLY A 1418 18.11 11.49 -21.16
C GLY A 1418 17.73 10.02 -21.21
N LEU A 1419 16.90 9.70 -22.20
CA LEU A 1419 16.40 8.34 -22.40
C LEU A 1419 16.56 7.95 -23.86
N CYS A 1420 16.97 6.71 -24.08
CA CYS A 1420 17.04 6.15 -25.42
C CYS A 1420 15.63 5.99 -25.98
N PRO A 1421 15.49 5.86 -27.31
CA PRO A 1421 14.14 5.73 -27.87
C PRO A 1421 13.35 4.57 -27.29
N GLY A 1422 14.00 3.42 -27.09
CA GLY A 1422 13.33 2.31 -26.44
C GLY A 1422 12.95 2.64 -25.00
N CYS A 1423 13.87 3.25 -24.25
CA CYS A 1423 13.59 3.61 -22.87
C CYS A 1423 12.69 4.83 -22.76
N HIS A 1424 12.65 5.69 -23.79
CA HIS A 1424 11.70 6.80 -23.77
C HIS A 1424 10.29 6.34 -24.08
N LEU A 1425 10.16 5.38 -25.01
CA LEU A 1425 8.84 4.85 -25.36
C LEU A 1425 8.32 3.93 -24.27
N PHE A 1426 9.06 2.88 -23.97
CA PHE A 1426 8.59 1.87 -23.01
C PHE A 1426 8.85 2.25 -21.57
N GLY A 1427 9.57 3.33 -21.31
CA GLY A 1427 9.69 3.87 -19.97
C GLY A 1427 10.78 3.19 -19.15
N THR A 1428 11.19 3.88 -18.09
CA THR A 1428 12.18 3.36 -17.14
C THR A 1428 11.63 3.41 -15.73
N THR A 1429 12.48 3.13 -14.74
CA THR A 1429 12.03 3.18 -13.35
C THR A 1429 11.68 4.61 -12.94
N ASP A 1430 12.33 5.60 -13.54
CA ASP A 1430 12.08 7.00 -13.22
C ASP A 1430 11.01 7.63 -14.10
N TYR A 1431 10.48 6.89 -15.08
CA TYR A 1431 9.58 7.45 -16.07
C TYR A 1431 8.64 6.37 -16.57
N LYS A 1432 7.35 6.54 -16.33
CA LYS A 1432 6.35 5.60 -16.83
C LYS A 1432 6.36 5.57 -18.35
N GLY A 1433 6.22 4.37 -18.90
CA GLY A 1433 6.19 4.24 -20.35
C GLY A 1433 4.88 4.75 -20.93
N ARG A 1434 4.94 5.17 -22.18
CA ARG A 1434 3.77 5.70 -22.88
C ARG A 1434 3.06 4.65 -23.72
N VAL A 1435 3.48 3.39 -23.65
CA VAL A 1435 2.83 2.29 -24.37
C VAL A 1435 2.45 1.23 -23.34
N LYS A 1436 1.17 0.85 -23.33
CA LYS A 1436 0.66 -0.19 -22.45
C LYS A 1436 0.21 -1.35 -23.32
N PHE A 1437 0.76 -2.53 -23.05
CA PHE A 1437 0.43 -3.73 -23.82
C PHE A 1437 -0.55 -4.57 -23.02
N GLY A 1438 -1.73 -4.78 -23.57
CA GLY A 1438 -2.74 -5.58 -22.90
C GLY A 1438 -2.53 -7.06 -23.12
N PHE A 1439 -3.37 -7.85 -22.46
CA PHE A 1439 -3.31 -9.30 -22.58
C PHE A 1439 -3.91 -9.72 -23.91
N ALA A 1440 -3.15 -10.49 -24.68
CA ALA A 1440 -3.61 -10.97 -25.98
C ALA A 1440 -4.54 -12.16 -25.77
N LYS A 1441 -5.79 -12.02 -26.19
CA LYS A 1441 -6.79 -13.06 -26.03
C LYS A 1441 -6.89 -13.89 -27.30
N TYR A 1442 -6.92 -15.20 -27.14
CA TYR A 1442 -7.04 -16.12 -28.26
C TYR A 1442 -8.46 -16.11 -28.81
N GLU A 1443 -8.59 -16.14 -30.14
CA GLU A 1443 -9.90 -16.30 -30.76
C GLU A 1443 -10.04 -17.58 -31.56
N ASN A 1444 -9.16 -17.84 -32.53
CA ASN A 1444 -9.39 -18.91 -33.49
C ASN A 1444 -8.08 -19.56 -33.89
N GLY A 1445 -8.20 -20.57 -34.75
CA GLY A 1445 -7.06 -21.33 -35.21
C GLY A 1445 -7.05 -22.73 -34.65
N PRO A 1446 -6.19 -23.60 -35.18
CA PRO A 1446 -6.02 -24.93 -34.58
C PRO A 1446 -5.53 -24.77 -33.14
N GLU A 1447 -6.35 -25.19 -32.18
CA GLU A 1447 -6.17 -24.73 -30.81
C GLU A 1447 -4.84 -25.18 -30.23
N TRP A 1448 -4.41 -26.40 -30.51
CA TRP A 1448 -3.22 -26.95 -29.89
C TRP A 1448 -2.35 -27.67 -30.92
N LEU A 1449 -1.07 -27.78 -30.59
CA LEU A 1449 -0.19 -28.70 -31.30
C LEU A 1449 -0.42 -30.10 -30.76
N ILE A 1450 -0.77 -31.03 -31.63
CA ILE A 1450 -1.27 -32.34 -31.24
C ILE A 1450 -0.24 -33.40 -31.65
N THR A 1451 0.04 -34.33 -30.74
CA THR A 1451 1.12 -35.29 -30.92
C THR A 1451 0.79 -36.59 -30.17
N ARG A 1452 1.04 -37.72 -30.82
CA ARG A 1452 0.66 -39.02 -30.24
C ARG A 1452 1.39 -39.29 -28.93
N GLY A 1453 2.70 -39.06 -28.91
CA GLY A 1453 3.54 -39.66 -27.87
C GLY A 1453 3.25 -39.16 -26.47
N ASN A 1454 3.08 -37.86 -26.31
CA ASN A 1454 3.00 -37.27 -24.97
C ASN A 1454 1.73 -37.72 -24.25
N ASN A 1455 1.82 -37.81 -22.92
CA ASN A 1455 0.67 -38.19 -22.12
C ASN A 1455 -0.50 -37.23 -22.32
N PRO A 1456 -0.32 -35.89 -22.28
CA PRO A 1456 -1.35 -35.02 -22.84
C PRO A 1456 -1.09 -34.83 -24.33
N GLU A 1457 -2.08 -35.18 -25.16
CA GLU A 1457 -1.86 -35.18 -26.60
C GLU A 1457 -1.54 -33.79 -27.13
N ARG A 1458 -2.04 -32.75 -26.44
CA ARG A 1458 -1.76 -31.36 -26.83
C ARG A 1458 -0.45 -30.85 -26.27
N SER A 1459 0.24 -31.63 -25.44
CA SER A 1459 1.45 -31.16 -24.78
C SER A 1459 2.69 -31.49 -25.60
N LEU A 1460 3.85 -31.09 -25.08
CA LEU A 1460 5.12 -31.37 -25.71
C LEU A 1460 6.23 -31.17 -24.69
N THR A 1461 7.22 -32.04 -24.73
CA THR A 1461 8.39 -31.96 -23.86
C THR A 1461 9.56 -31.38 -24.64
N LEU A 1462 10.15 -30.30 -24.12
CA LEU A 1462 11.21 -29.60 -24.81
C LEU A 1462 12.58 -30.15 -24.41
N GLY A 1463 13.59 -29.72 -25.16
CA GLY A 1463 14.96 -30.07 -24.84
C GLY A 1463 15.44 -29.30 -23.62
N VAL A 1464 16.70 -29.56 -23.27
CA VAL A 1464 17.29 -28.93 -22.09
C VAL A 1464 17.54 -27.46 -22.41
N LEU A 1465 16.69 -26.59 -21.88
CA LEU A 1465 16.89 -25.14 -21.98
C LEU A 1465 17.80 -24.72 -20.85
N GLU A 1466 19.04 -24.40 -21.17
CA GLU A 1466 20.05 -24.05 -20.18
C GLU A 1466 20.42 -22.58 -20.30
N SER A 1467 21.12 -22.09 -19.28
CA SER A 1467 21.41 -20.67 -19.19
C SER A 1467 22.33 -20.26 -20.35
N PRO A 1468 22.10 -19.10 -20.96
CA PRO A 1468 23.01 -18.62 -21.99
C PRO A 1468 24.42 -18.42 -21.44
N ARG A 1469 25.40 -18.74 -22.26
CA ARG A 1469 26.80 -18.64 -21.86
C ARG A 1469 27.45 -17.44 -22.53
N PRO A 1470 27.67 -16.34 -21.82
CA PRO A 1470 28.40 -15.21 -22.41
C PRO A 1470 29.84 -15.55 -22.77
N ALA A 1471 30.39 -16.63 -22.21
CA ALA A 1471 31.76 -17.01 -22.54
C ALA A 1471 31.90 -17.43 -24.00
N PHE A 1472 30.84 -17.99 -24.59
CA PHE A 1472 30.90 -18.32 -26.01
C PHE A 1472 30.84 -17.07 -26.87
N SER A 1473 29.93 -16.14 -26.53
CA SER A 1473 29.85 -14.89 -27.26
C SER A 1473 31.06 -14.01 -27.01
N ILE A 1474 31.68 -14.12 -25.83
CA ILE A 1474 32.85 -13.34 -25.48
C ILE A 1474 33.96 -14.32 -25.08
N PRO A 1475 34.66 -14.90 -26.05
CA PRO A 1475 35.65 -15.94 -25.71
C PRO A 1475 36.78 -15.47 -24.82
N ASP A 1476 37.19 -14.21 -24.94
CA ASP A 1476 38.29 -13.68 -24.13
C ASP A 1476 38.00 -12.22 -23.79
N ASP A 1477 38.81 -11.67 -22.88
CA ASP A 1477 38.62 -10.30 -22.44
C ASP A 1477 38.84 -9.30 -23.58
N GLU A 1478 39.57 -9.68 -24.62
CA GLU A 1478 39.71 -8.81 -25.78
C GLU A 1478 38.37 -8.64 -26.50
N SER A 1479 37.57 -9.70 -26.54
CA SER A 1479 36.27 -9.63 -27.23
C SER A 1479 35.31 -8.74 -26.47
N GLU A 1480 34.52 -7.97 -27.22
CA GLU A 1480 33.52 -7.10 -26.65
C GLU A 1480 32.15 -7.76 -26.72
N ILE A 1481 31.13 -7.08 -26.23
CA ILE A 1481 29.77 -7.61 -26.21
C ILE A 1481 29.26 -7.69 -27.64
N PRO A 1482 28.92 -8.88 -28.13
CA PRO A 1482 28.45 -8.99 -29.53
C PRO A 1482 27.18 -8.22 -29.81
N GLY A 1483 26.26 -8.11 -28.86
CA GLY A 1483 25.05 -7.35 -29.04
C GLY A 1483 23.84 -8.12 -28.56
N ARG A 1484 22.67 -7.71 -29.04
CA ARG A 1484 21.41 -8.33 -28.62
C ARG A 1484 21.27 -9.72 -29.22
N LYS A 1485 20.86 -10.68 -28.38
CA LYS A 1485 20.64 -12.04 -28.83
C LYS A 1485 19.25 -12.14 -29.46
N PHE A 1486 19.20 -12.54 -30.72
CA PHE A 1486 17.95 -12.76 -31.43
C PHE A 1486 17.92 -14.18 -31.97
N TYR A 1487 16.80 -14.86 -31.79
CA TYR A 1487 16.69 -16.25 -32.18
C TYR A 1487 16.09 -16.37 -33.57
N LEU A 1488 16.62 -17.30 -34.35
CA LEU A 1488 16.20 -17.49 -35.73
C LEU A 1488 14.79 -18.06 -35.79
N HIS A 1489 14.12 -17.81 -36.91
CA HIS A 1489 12.82 -18.39 -37.19
C HIS A 1489 13.03 -19.68 -37.98
N HIS A 1490 12.74 -20.82 -37.35
CA HIS A 1490 12.94 -22.11 -37.99
C HIS A 1490 11.91 -23.08 -37.46
N ASN A 1491 11.73 -24.17 -38.21
CA ASN A 1491 10.91 -25.28 -37.74
C ASN A 1491 11.76 -26.34 -37.02
N GLY A 1492 12.55 -25.88 -36.05
CA GLY A 1492 13.29 -26.80 -35.21
C GLY A 1492 12.42 -27.50 -34.20
N TRP A 1493 11.23 -26.97 -33.93
CA TRP A 1493 10.26 -27.64 -33.08
C TRP A 1493 9.82 -28.97 -33.66
N ARG A 1494 9.95 -29.15 -34.99
CA ARG A 1494 9.58 -30.43 -35.59
C ARG A 1494 10.51 -31.54 -35.10
N ILE A 1495 11.80 -31.23 -34.92
CA ILE A 1495 12.72 -32.23 -34.39
C ILE A 1495 12.36 -32.60 -32.96
N ILE A 1496 11.98 -31.60 -32.15
CA ILE A 1496 11.58 -31.87 -30.78
C ILE A 1496 10.30 -32.71 -30.74
N ARG A 1497 9.35 -32.39 -31.62
CA ARG A 1497 8.09 -33.11 -31.65
C ARG A 1497 8.26 -34.54 -32.13
N GLN A 1498 9.14 -34.75 -33.12
CA GLN A 1498 9.37 -36.08 -33.65
C GLN A 1498 10.32 -36.92 -32.79
N LYS A 1499 11.02 -36.30 -31.84
CA LYS A 1499 11.94 -36.99 -30.95
C LYS A 1499 11.45 -36.95 -29.50
N GLN A 1500 10.13 -36.87 -29.31
CA GLN A 1500 9.59 -36.67 -27.97
C GLN A 1500 9.94 -37.83 -27.04
N LEU A 1501 9.86 -39.06 -27.54
CA LEU A 1501 10.22 -40.21 -26.73
C LEU A 1501 11.69 -40.15 -26.32
N GLU A 1502 12.57 -39.77 -27.25
CA GLU A 1502 13.99 -39.66 -26.93
C GLU A 1502 14.24 -38.58 -25.88
N ILE A 1503 13.61 -37.41 -26.04
CA ILE A 1503 13.78 -36.34 -25.06
C ILE A 1503 13.28 -36.78 -23.69
N ARG A 1504 12.20 -37.56 -23.66
CA ARG A 1504 11.66 -38.01 -22.38
C ARG A 1504 12.53 -39.10 -21.75
N GLU A 1505 13.18 -39.94 -22.56
CA GLU A 1505 13.90 -41.07 -21.98
C GLU A 1505 15.35 -40.70 -21.61
N THR A 1506 16.08 -40.06 -22.52
CA THR A 1506 17.49 -39.77 -22.23
C THR A 1506 17.64 -38.62 -21.24
N VAL A 1507 16.87 -37.56 -21.41
CA VAL A 1507 17.01 -36.37 -20.57
C VAL A 1507 16.40 -36.65 -19.19
N GLN A 1508 17.10 -36.23 -18.15
CA GLN A 1508 16.59 -36.36 -16.80
C GLN A 1508 15.33 -35.52 -16.64
N PRO A 1509 14.32 -36.02 -15.93
CA PRO A 1509 13.03 -35.28 -15.85
C PRO A 1509 13.17 -33.88 -15.26
N GLU A 1510 14.08 -33.67 -14.31
CA GLU A 1510 14.20 -32.35 -13.69
C GLU A 1510 14.81 -31.34 -14.65
N ARG A 1511 15.59 -31.79 -15.62
CA ARG A 1511 16.30 -30.86 -16.50
C ARG A 1511 15.35 -30.22 -17.51
N ASN A 1512 14.45 -31.00 -18.09
CA ASN A 1512 13.55 -30.51 -19.13
C ASN A 1512 12.15 -30.31 -18.57
N VAL A 1513 11.32 -29.60 -19.34
CA VAL A 1513 9.97 -29.25 -18.94
C VAL A 1513 8.98 -29.72 -20.00
N THR A 1514 7.75 -29.93 -19.56
CA THR A 1514 6.64 -30.27 -20.44
C THR A 1514 5.63 -29.13 -20.42
N THR A 1515 5.13 -28.76 -21.60
CA THR A 1515 4.25 -27.61 -21.70
C THR A 1515 3.09 -27.91 -22.64
N GLU A 1516 1.95 -27.30 -22.33
CA GLU A 1516 0.88 -27.18 -23.32
C GLU A 1516 1.33 -26.21 -24.41
N VAL A 1517 1.19 -26.63 -25.67
CA VAL A 1517 1.79 -25.93 -26.79
C VAL A 1517 0.71 -25.56 -27.80
N MET A 1518 0.71 -24.30 -28.22
CA MET A 1518 -0.14 -23.86 -29.31
C MET A 1518 0.28 -24.50 -30.62
N ASP A 1519 -0.48 -24.25 -31.67
CA ASP A 1519 -0.18 -24.72 -33.01
C ASP A 1519 0.10 -23.53 -33.93
N LYS A 1520 0.56 -23.83 -35.14
CA LYS A 1520 0.69 -22.79 -36.14
C LYS A 1520 -0.68 -22.32 -36.61
N GLY A 1521 -0.83 -21.01 -36.77
CA GLY A 1521 -2.08 -20.43 -37.17
C GLY A 1521 -2.98 -19.98 -36.05
N ASN A 1522 -2.62 -20.27 -34.80
CA ASN A 1522 -3.39 -19.75 -33.68
C ASN A 1522 -3.35 -18.23 -33.68
N VAL A 1523 -4.51 -17.62 -33.48
CA VAL A 1523 -4.67 -16.17 -33.60
C VAL A 1523 -5.04 -15.62 -32.23
N PHE A 1524 -4.17 -14.76 -31.70
CA PHE A 1524 -4.46 -13.94 -30.54
C PHE A 1524 -4.63 -12.50 -31.01
N SER A 1525 -5.33 -11.72 -30.21
CA SER A 1525 -5.49 -10.29 -30.49
C SER A 1525 -5.15 -9.50 -29.25
N PHE A 1526 -4.43 -8.39 -29.43
CA PHE A 1526 -4.06 -7.56 -28.29
C PHE A 1526 -4.18 -6.09 -28.66
N ASP A 1527 -4.16 -5.26 -27.62
CA ASP A 1527 -4.30 -3.83 -27.74
C ASP A 1527 -3.06 -3.15 -27.19
N VAL A 1528 -2.47 -2.27 -27.99
CA VAL A 1528 -1.38 -1.41 -27.56
C VAL A 1528 -1.97 -0.02 -27.36
N ARG A 1529 -2.13 0.39 -26.11
CA ARG A 1529 -2.68 1.70 -25.78
C ARG A 1529 -1.51 2.65 -25.59
N PHE A 1530 -1.38 3.62 -26.48
CA PHE A 1530 -0.28 4.56 -26.44
C PHE A 1530 -0.80 5.96 -26.15
N GLU A 1531 0.02 6.77 -25.48
CA GLU A 1531 -0.34 8.14 -25.18
C GLU A 1531 0.85 9.04 -25.43
N ASN A 1532 0.58 10.23 -25.98
CA ASN A 1532 1.60 11.24 -26.23
C ASN A 1532 2.75 10.67 -27.07
N LEU A 1533 2.39 9.91 -28.11
CA LEU A 1533 3.39 9.31 -29.00
C LEU A 1533 3.60 10.21 -30.20
N ARG A 1534 4.86 10.49 -30.52
CA ARG A 1534 5.15 11.27 -31.70
C ARG A 1534 4.82 10.48 -32.96
N GLU A 1535 4.66 11.19 -34.07
CA GLU A 1535 4.30 10.54 -35.32
C GLU A 1535 5.36 9.53 -35.74
N TRP A 1536 6.64 9.90 -35.65
CA TRP A 1536 7.70 8.95 -35.96
C TRP A 1536 7.74 7.82 -34.95
N GLU A 1537 7.48 8.12 -33.67
CA GLU A 1537 7.43 7.06 -32.67
C GLU A 1537 6.31 6.07 -32.96
N LEU A 1538 5.12 6.58 -33.30
CA LEU A 1538 4.01 5.69 -33.65
C LEU A 1538 4.34 4.89 -34.90
N GLY A 1539 4.98 5.50 -35.89
CA GLY A 1539 5.35 4.78 -37.08
C GLY A 1539 6.35 3.67 -36.81
N LEU A 1540 7.34 3.95 -35.96
CA LEU A 1540 8.32 2.93 -35.60
C LEU A 1540 7.68 1.82 -34.78
N LEU A 1541 6.73 2.17 -33.91
CA LEU A 1541 6.02 1.13 -33.16
C LEU A 1541 5.18 0.26 -34.08
N LEU A 1542 4.52 0.87 -35.07
CA LEU A 1542 3.72 0.09 -36.01
C LEU A 1542 4.60 -0.79 -36.89
N GLN A 1543 5.79 -0.31 -37.25
CA GLN A 1543 6.74 -1.14 -37.97
C GLN A 1543 7.26 -2.26 -37.09
N SER A 1544 7.42 -2.00 -35.79
CA SER A 1544 7.82 -3.05 -34.86
C SER A 1544 6.74 -4.14 -34.76
N LEU A 1545 5.47 -3.73 -34.72
CA LEU A 1545 4.39 -4.70 -34.66
C LEU A 1545 4.36 -5.58 -35.91
N ASP A 1546 4.35 -4.95 -37.09
CA ASP A 1546 4.30 -5.66 -38.37
C ASP A 1546 5.50 -5.21 -39.19
N PRO A 1547 6.64 -5.90 -39.07
CA PRO A 1547 7.85 -5.46 -39.78
C PRO A 1547 7.73 -5.60 -41.29
N GLY A 1548 7.31 -6.76 -41.77
CA GLY A 1548 7.22 -6.99 -43.19
C GLY A 1548 6.41 -8.22 -43.50
N LYS A 1549 6.48 -8.64 -44.77
CA LYS A 1549 5.70 -9.80 -45.20
C LYS A 1549 6.30 -11.09 -44.67
N ASN A 1550 7.63 -11.21 -44.69
CA ASN A 1550 8.32 -12.42 -44.27
C ASN A 1550 9.11 -12.24 -42.98
N ILE A 1551 8.84 -11.17 -42.22
CA ILE A 1551 9.52 -10.92 -40.96
C ILE A 1551 8.52 -11.11 -39.84
N ALA A 1552 8.88 -11.94 -38.85
CA ALA A 1552 8.02 -12.17 -37.70
C ALA A 1552 8.80 -12.01 -36.40
N HIS A 1553 8.20 -12.39 -35.29
CA HIS A 1553 8.81 -12.25 -33.98
C HIS A 1553 8.95 -13.61 -33.31
N LYS A 1554 9.63 -13.61 -32.16
CA LYS A 1554 9.80 -14.80 -31.35
C LYS A 1554 9.23 -14.53 -29.96
N LEU A 1555 8.36 -15.43 -29.49
CA LEU A 1555 7.64 -15.21 -28.24
C LEU A 1555 7.59 -16.51 -27.44
N GLY A 1556 7.59 -16.35 -26.12
CA GLY A 1556 7.42 -17.48 -25.24
C GLY A 1556 8.65 -18.35 -25.10
N LYS A 1557 8.40 -19.54 -24.55
CA LYS A 1557 9.48 -20.48 -24.26
C LYS A 1557 9.95 -21.18 -25.52
N GLY A 1558 11.14 -21.77 -25.44
CA GLY A 1558 11.69 -22.55 -26.53
C GLY A 1558 11.97 -21.77 -27.79
N LYS A 1559 12.35 -20.50 -27.67
CA LYS A 1559 12.72 -19.73 -28.85
C LYS A 1559 13.89 -20.34 -29.61
N PRO A 1560 14.98 -20.78 -28.98
CA PRO A 1560 16.07 -21.41 -29.75
C PRO A 1560 15.69 -22.74 -30.37
N TYR A 1561 14.53 -23.30 -30.04
CA TYR A 1561 14.05 -24.54 -30.64
C TYR A 1561 13.04 -24.30 -31.76
N GLY A 1562 12.90 -23.05 -32.21
CA GLY A 1562 11.98 -22.73 -33.27
C GLY A 1562 10.58 -22.37 -32.83
N PHE A 1563 10.30 -22.44 -31.52
CA PHE A 1563 8.97 -22.10 -31.05
C PHE A 1563 8.77 -20.59 -31.04
N GLY A 1564 7.50 -20.19 -31.06
CA GLY A 1564 7.15 -18.81 -30.82
C GLY A 1564 7.23 -17.88 -32.01
N SER A 1565 7.38 -18.38 -33.23
CA SER A 1565 7.36 -17.52 -34.41
C SER A 1565 5.97 -16.95 -34.54
N VAL A 1566 5.81 -15.68 -34.19
CA VAL A 1566 4.50 -15.03 -34.14
C VAL A 1566 4.49 -13.88 -35.13
N LYS A 1567 3.44 -13.81 -35.93
CA LYS A 1567 3.24 -12.74 -36.90
C LYS A 1567 2.16 -11.81 -36.38
N ILE A 1568 2.51 -10.55 -36.19
CA ILE A 1568 1.58 -9.55 -35.69
C ILE A 1568 1.10 -8.70 -36.85
N LYS A 1569 -0.22 -8.56 -36.97
CA LYS A 1569 -0.84 -7.76 -38.02
C LYS A 1569 -1.80 -6.78 -37.36
N ILE A 1570 -1.69 -5.51 -37.73
CA ILE A 1570 -2.50 -4.46 -37.11
C ILE A 1570 -3.89 -4.49 -37.75
N ASP A 1571 -4.90 -4.83 -36.96
CA ASP A 1571 -6.28 -4.66 -37.42
C ASP A 1571 -6.61 -3.19 -37.57
N SER A 1572 -6.33 -2.38 -36.54
CA SER A 1572 -6.82 -1.02 -36.57
C SER A 1572 -5.95 -0.13 -35.68
N LEU A 1573 -5.96 1.15 -36.00
CA LEU A 1573 -5.29 2.18 -35.22
C LEU A 1573 -6.29 3.32 -34.98
N HIS A 1574 -6.76 3.45 -33.75
CA HIS A 1574 -7.66 4.54 -33.37
C HIS A 1574 -6.87 5.56 -32.58
N THR A 1575 -7.10 6.84 -32.88
CA THR A 1575 -6.42 7.93 -32.20
C THR A 1575 -7.46 8.97 -31.80
N PHE A 1576 -7.44 9.36 -30.53
CA PHE A 1576 -8.38 10.35 -30.01
C PHE A 1576 -7.64 11.63 -29.68
N LYS A 1577 -8.40 12.72 -29.59
CA LYS A 1577 -7.84 14.03 -29.30
C LYS A 1577 -8.57 14.68 -28.12
N ILE A 1585 -12.10 10.01 -30.85
CA ILE A 1585 -11.61 8.72 -31.33
C ILE A 1585 -11.96 8.54 -32.80
N LYS A 1586 -10.93 8.46 -33.65
CA LYS A 1586 -11.11 8.34 -35.09
C LYS A 1586 -10.18 7.26 -35.61
N ARG A 1587 -10.73 6.34 -36.40
CA ARG A 1587 -9.92 5.29 -36.99
C ARG A 1587 -8.95 5.88 -38.01
N VAL A 1588 -7.69 5.48 -37.92
CA VAL A 1588 -6.67 6.05 -38.79
C VAL A 1588 -6.64 5.26 -40.10
N PRO A 1589 -6.76 5.93 -41.25
CA PRO A 1589 -6.74 5.22 -42.53
C PRO A 1589 -5.37 4.64 -42.82
N GLN A 1590 -5.35 3.66 -43.73
CA GLN A 1590 -4.12 2.96 -44.07
C GLN A 1590 -3.06 3.93 -44.61
N SER A 1591 -3.50 4.95 -45.35
CA SER A 1591 -2.55 5.94 -45.87
C SER A 1591 -1.84 6.67 -44.74
N ASP A 1592 -2.59 7.07 -43.70
CA ASP A 1592 -1.98 7.77 -42.58
C ASP A 1592 -1.07 6.85 -41.78
N ILE A 1593 -1.44 5.57 -41.66
CA ILE A 1593 -0.58 4.61 -40.98
C ILE A 1593 0.73 4.45 -41.75
N ARG A 1594 0.65 4.33 -43.07
CA ARG A 1594 1.85 4.21 -43.88
C ARG A 1594 2.71 5.46 -43.79
N GLU A 1595 2.08 6.63 -43.77
CA GLU A 1595 2.84 7.87 -43.60
C GLU A 1595 3.52 7.92 -42.24
N TYR A 1596 2.87 7.38 -41.21
CA TYR A 1596 3.51 7.26 -39.91
C TYR A 1596 4.76 6.39 -39.99
N ILE A 1597 4.63 5.21 -40.59
CA ILE A 1597 5.77 4.31 -40.71
C ILE A 1597 6.81 4.88 -41.68
N ASN A 1598 6.36 5.55 -42.74
CA ASN A 1598 7.29 6.17 -43.68
C ASN A 1598 8.13 7.24 -42.99
N LYS A 1599 7.51 8.05 -42.14
CA LYS A 1599 8.25 9.07 -41.40
C LYS A 1599 8.95 8.50 -40.16
N GLY A 1600 8.53 7.32 -39.69
CA GLY A 1600 9.35 6.60 -38.73
C GLY A 1600 10.65 6.11 -39.34
N TYR A 1601 10.58 5.67 -40.61
CA TYR A 1601 11.79 5.35 -41.35
C TYR A 1601 12.69 6.56 -41.52
N GLN A 1602 12.10 7.75 -41.69
CA GLN A 1602 12.88 8.96 -41.81
C GLN A 1602 13.70 9.21 -40.55
N LYS A 1603 13.13 8.94 -39.38
CA LYS A 1603 13.86 9.11 -38.13
C LYS A 1603 15.05 8.15 -38.06
N LEU A 1604 14.86 6.91 -38.51
CA LEU A 1604 15.96 5.95 -38.51
C LEU A 1604 17.06 6.37 -39.46
N ILE A 1605 16.68 6.86 -40.64
CA ILE A 1605 17.68 7.34 -41.60
C ILE A 1605 18.43 8.54 -41.03
N GLU A 1606 17.71 9.44 -40.37
CA GLU A 1606 18.34 10.59 -39.74
C GLU A 1606 19.33 10.16 -38.66
N TRP A 1607 18.95 9.18 -37.84
CA TRP A 1607 19.84 8.70 -36.80
C TRP A 1607 21.08 8.04 -37.39
N SER A 1608 20.90 7.21 -38.41
CA SER A 1608 22.03 6.54 -39.04
C SER A 1608 22.98 7.53 -39.69
N GLY A 1609 22.44 8.54 -40.35
CA GLY A 1609 23.25 9.55 -41.01
C GLY A 1609 23.64 9.18 -42.44
N LEU A 1619 6.71 4.09 -49.83
CA LEU A 1619 7.12 2.84 -49.20
C LEU A 1619 8.64 2.72 -49.12
N PRO A 1620 9.15 2.59 -47.90
CA PRO A 1620 10.61 2.57 -47.71
C PRO A 1620 11.20 1.17 -47.66
N GLN A 1621 12.38 0.99 -48.26
CA GLN A 1621 13.15 -0.22 -48.04
C GLN A 1621 13.94 -0.10 -46.73
N TRP A 1622 13.68 -1.02 -45.81
CA TRP A 1622 14.26 -0.95 -44.48
C TRP A 1622 15.61 -1.63 -44.39
N HIS A 1623 15.99 -2.41 -45.40
CA HIS A 1623 17.27 -3.11 -45.39
C HIS A 1623 18.42 -2.23 -45.87
N VAL A 1624 18.13 -1.05 -46.40
CA VAL A 1624 19.20 -0.11 -46.76
C VAL A 1624 19.93 0.35 -45.49
N ILE A 1625 19.24 0.32 -44.36
CA ILE A 1625 19.88 0.56 -43.06
C ILE A 1625 20.59 -0.73 -42.65
N PRO A 1626 21.90 -0.70 -42.41
CA PRO A 1626 22.62 -1.96 -42.16
C PRO A 1626 22.13 -2.72 -40.94
N HIS A 1627 21.99 -2.03 -39.80
CA HIS A 1627 21.56 -2.71 -38.58
C HIS A 1627 20.11 -3.15 -38.67
N ILE A 1628 19.26 -2.39 -39.35
CA ILE A 1628 17.89 -2.84 -39.58
C ILE A 1628 17.88 -4.04 -40.51
N ASP A 1629 18.76 -4.07 -41.52
CA ASP A 1629 18.86 -5.22 -42.39
C ASP A 1629 19.24 -6.47 -41.61
N LYS A 1630 20.25 -6.34 -40.74
CA LYS A 1630 20.67 -7.47 -39.93
C LYS A 1630 19.56 -7.92 -38.98
N LEU A 1631 18.86 -6.96 -38.37
CA LEU A 1631 17.77 -7.31 -37.48
C LEU A 1631 16.64 -8.03 -38.21
N TYR A 1632 16.35 -7.60 -39.44
CA TYR A 1632 15.23 -8.20 -40.17
C TYR A 1632 15.58 -9.57 -40.72
N LYS A 1633 16.83 -9.78 -41.17
CA LYS A 1633 17.20 -11.14 -41.54
C LYS A 1633 17.30 -12.03 -40.31
N LEU A 1634 17.63 -11.45 -39.15
CA LEU A 1634 17.53 -12.19 -37.90
C LEU A 1634 16.09 -12.64 -37.64
N LEU A 1635 15.12 -11.83 -38.06
CA LEU A 1635 13.71 -12.14 -37.88
C LEU A 1635 13.03 -12.55 -39.18
N TRP A 1636 13.80 -12.74 -40.25
CA TRP A 1636 13.22 -13.21 -41.50
C TRP A 1636 12.81 -14.66 -41.37
N VAL A 1637 11.62 -14.98 -41.87
CA VAL A 1637 11.03 -16.31 -41.74
C VAL A 1637 11.17 -17.01 -43.09
N PRO A 1638 12.10 -17.97 -43.23
CA PRO A 1638 12.28 -18.63 -44.54
C PRO A 1638 11.06 -19.40 -45.00
N PHE A 1639 10.29 -19.99 -44.08
CA PHE A 1639 9.18 -20.86 -44.43
C PHE A 1639 7.84 -20.13 -44.50
N LEU A 1640 7.81 -18.83 -44.23
CA LEU A 1640 6.54 -18.11 -44.14
C LEU A 1640 5.82 -18.08 -45.48
N ASN A 1641 6.53 -17.75 -46.55
CA ASN A 1641 5.94 -17.65 -47.87
C ASN A 1641 5.95 -19.02 -48.56
N ASP A 1642 5.65 -19.04 -49.86
CA ASP A 1642 5.63 -20.27 -50.62
C ASP A 1642 7.00 -20.90 -50.81
N SER A 1643 8.05 -20.32 -50.23
CA SER A 1643 9.38 -20.88 -50.34
C SER A 1643 9.46 -22.24 -49.64
N LYS A 1644 10.30 -23.11 -50.18
CA LYS A 1644 10.47 -24.45 -49.65
C LYS A 1644 11.61 -24.54 -48.63
N LEU A 1645 12.14 -23.41 -48.20
CA LEU A 1645 13.26 -23.41 -47.26
C LEU A 1645 12.83 -24.01 -45.93
N GLU A 1646 13.62 -24.97 -45.45
CA GLU A 1646 13.45 -25.56 -44.12
C GLU A 1646 14.82 -25.61 -43.45
N PRO A 1647 15.35 -24.45 -43.04
CA PRO A 1647 16.72 -24.41 -42.52
C PRO A 1647 16.89 -25.28 -41.28
N ASP A 1648 18.05 -25.91 -41.17
CA ASP A 1648 18.41 -26.72 -40.02
C ASP A 1648 19.10 -25.81 -39.01
N VAL A 1649 18.37 -25.38 -37.99
CA VAL A 1649 18.88 -24.46 -36.99
C VAL A 1649 18.85 -25.18 -35.65
N ARG A 1650 20.03 -25.46 -35.10
CA ARG A 1650 20.12 -26.21 -33.85
C ARG A 1650 21.45 -25.91 -33.18
N TYR A 1651 21.48 -26.11 -31.86
CA TYR A 1651 22.71 -25.93 -31.11
C TYR A 1651 23.67 -27.10 -31.37
N PRO A 1652 24.96 -26.84 -31.38
CA PRO A 1652 25.93 -27.93 -31.44
C PRO A 1652 25.90 -28.76 -30.17
N VAL A 1653 26.31 -30.01 -30.28
CA VAL A 1653 26.46 -30.85 -29.11
C VAL A 1653 27.81 -30.57 -28.44
N LEU A 1654 27.93 -31.01 -27.20
CA LEU A 1654 29.15 -30.74 -26.44
C LEU A 1654 30.37 -31.41 -27.08
N ASN A 1655 30.23 -32.67 -27.46
CA ASN A 1655 31.32 -33.42 -28.08
C ASN A 1655 30.73 -34.57 -28.88
N GLU A 1656 31.63 -35.38 -29.45
CA GLU A 1656 31.18 -36.48 -30.31
C GLU A 1656 30.40 -37.52 -29.53
N GLU A 1657 30.86 -37.85 -28.31
CA GLU A 1657 30.20 -38.90 -27.54
C GLU A 1657 28.89 -38.44 -26.89
N SER A 1658 28.64 -37.13 -26.86
CA SER A 1658 27.42 -36.64 -26.25
C SER A 1658 26.20 -37.01 -27.11
N LYS A 1659 25.09 -37.23 -26.43
CA LYS A 1659 23.85 -37.62 -27.11
C LYS A 1659 23.35 -36.48 -28.01
N GLY A 1660 22.73 -36.87 -29.12
CA GLY A 1660 22.26 -35.93 -30.11
C GLY A 1660 23.29 -35.50 -31.13
N TYR A 1661 24.48 -36.09 -31.10
CA TYR A 1661 25.52 -35.73 -32.05
C TYR A 1661 25.21 -36.29 -33.43
N ILE A 1662 25.21 -35.42 -34.43
CA ILE A 1662 25.01 -35.88 -35.81
C ILE A 1662 26.27 -36.56 -36.28
N GLU A 1663 26.15 -37.83 -36.69
CA GLU A 1663 27.31 -38.65 -37.00
C GLU A 1663 28.04 -38.11 -38.22
N GLY A 1664 29.37 -38.02 -38.11
CA GLY A 1664 30.20 -37.59 -39.22
C GLY A 1664 30.33 -36.10 -39.42
N SER A 1665 29.62 -35.30 -38.63
CA SER A 1665 29.66 -33.84 -38.77
C SER A 1665 30.61 -33.22 -37.74
N ASP A 1666 31.10 -32.04 -38.07
CA ASP A 1666 31.96 -31.27 -37.18
C ASP A 1666 31.18 -30.38 -36.23
N TYR A 1667 29.85 -30.45 -36.24
CA TYR A 1667 29.01 -29.61 -35.39
C TYR A 1667 29.07 -30.12 -33.95
N THR A 1668 30.21 -29.85 -33.31
CA THR A 1668 30.45 -30.23 -31.93
C THR A 1668 31.16 -29.07 -31.24
N TYR A 1669 30.77 -28.81 -29.99
CA TYR A 1669 31.30 -27.66 -29.28
C TYR A 1669 32.79 -27.80 -28.98
N LYS A 1670 33.31 -29.03 -28.90
CA LYS A 1670 34.75 -29.21 -28.78
C LYS A 1670 35.47 -28.65 -30.01
N LYS A 1671 34.89 -28.87 -31.19
CA LYS A 1671 35.50 -28.37 -32.42
C LYS A 1671 35.35 -26.85 -32.53
N LEU A 1672 34.16 -26.32 -32.24
CA LEU A 1672 33.90 -24.90 -32.46
C LEU A 1672 34.57 -24.04 -31.39
N GLY A 1673 34.64 -24.53 -30.15
CA GLY A 1673 35.32 -23.79 -29.11
C GLY A 1673 36.83 -23.83 -29.22
N ASP A 1674 37.36 -24.80 -29.96
CA ASP A 1674 38.80 -24.86 -30.17
C ASP A 1674 39.25 -23.73 -31.08
N LYS A 1675 40.30 -23.02 -30.68
CA LYS A 1675 40.78 -21.90 -31.49
C LYS A 1675 41.40 -22.36 -32.79
N ASP A 1676 41.97 -23.57 -32.82
CA ASP A 1676 42.59 -24.08 -34.04
C ASP A 1676 41.54 -24.34 -35.11
N ASN A 1677 40.48 -25.07 -34.77
CA ASN A 1677 39.42 -25.34 -35.73
C ASN A 1677 38.65 -24.07 -36.08
N LEU A 1678 38.41 -23.22 -35.09
CA LEU A 1678 37.64 -22.00 -35.29
C LEU A 1678 38.14 -20.93 -34.33
N PRO A 1679 38.90 -19.94 -34.81
CA PRO A 1679 39.44 -18.92 -33.91
C PRO A 1679 38.34 -18.07 -33.30
N TYR A 1680 38.71 -17.38 -32.20
CA TYR A 1680 37.72 -16.64 -31.43
C TYR A 1680 37.07 -15.53 -32.24
N LYS A 1681 37.87 -14.79 -33.02
CA LYS A 1681 37.32 -13.71 -33.83
C LYS A 1681 36.37 -14.25 -34.89
N THR A 1682 36.74 -15.35 -35.54
CA THR A 1682 35.84 -15.95 -36.53
C THR A 1682 34.57 -16.49 -35.88
N ARG A 1683 34.68 -17.05 -34.67
CA ARG A 1683 33.49 -17.51 -33.96
C ARG A 1683 32.56 -16.34 -33.63
N VAL A 1684 33.12 -15.22 -33.19
CA VAL A 1684 32.31 -14.05 -32.87
C VAL A 1684 31.69 -13.47 -34.14
N LYS A 1685 32.43 -13.47 -35.24
CA LYS A 1685 31.87 -12.99 -36.50
C LYS A 1685 30.72 -13.88 -36.97
N GLY A 1686 30.87 -15.20 -36.80
CA GLY A 1686 29.78 -16.09 -37.13
C GLY A 1686 28.57 -15.88 -36.26
N LEU A 1687 28.79 -15.69 -34.95
CA LEU A 1687 27.68 -15.39 -34.05
C LEU A 1687 27.02 -14.05 -34.35
N THR A 1688 27.78 -13.13 -34.95
CA THR A 1688 27.30 -11.78 -35.17
C THR A 1688 26.57 -11.60 -36.49
N THR A 1689 26.98 -12.33 -37.54
CA THR A 1689 26.31 -12.23 -38.83
C THR A 1689 25.14 -13.20 -38.86
N PRO A 1690 23.89 -12.71 -38.94
CA PRO A 1690 22.74 -13.61 -38.88
C PRO A 1690 22.70 -14.60 -40.04
N TRP A 1691 22.17 -15.79 -39.77
CA TRP A 1691 21.99 -16.85 -40.75
C TRP A 1691 23.31 -17.27 -41.40
N SER A 1692 24.39 -17.16 -40.67
CA SER A 1692 25.66 -17.71 -41.14
C SER A 1692 25.67 -19.22 -40.89
N PRO A 1693 25.96 -20.03 -41.90
CA PRO A 1693 26.05 -21.48 -41.67
C PRO A 1693 27.11 -21.80 -40.64
N TRP A 1694 26.83 -22.79 -39.80
CA TRP A 1694 27.72 -23.13 -38.70
C TRP A 1694 28.29 -24.54 -38.77
N ASN A 1695 27.58 -25.51 -39.38
CA ASN A 1695 28.20 -26.81 -39.58
C ASN A 1695 29.32 -26.72 -40.62
N PRO A 1696 29.07 -26.23 -41.85
CA PRO A 1696 30.17 -25.67 -42.63
C PRO A 1696 30.31 -24.19 -42.30
N PHE A 1697 31.42 -23.79 -41.70
CA PHE A 1697 31.54 -22.41 -41.22
C PHE A 1697 31.94 -21.47 -42.34
N GLN A 1698 31.32 -20.30 -42.37
CA GLN A 1698 31.61 -19.28 -43.37
C GLN A 1698 32.76 -18.39 -42.92
#